data_5BUZ
#
_entry.id   5BUZ
#
_cell.length_a   95.039
_cell.length_b   95.950
_cell.length_c   164.060
_cell.angle_alpha   90.000
_cell.angle_beta   99.120
_cell.angle_gamma   90.000
#
_symmetry.space_group_name_H-M   'P 1 21 1'
#
loop_
_entity.id
_entity.type
_entity.pdbx_description
1 polymer 'SM (Sec1/Munc18-like) protein'
2 polymer 'Putative vacuolar protein sorting-associated protein'
3 polymer 'SNAP receptor-like protein'
#
loop_
_entity_poly.entity_id
_entity_poly.type
_entity_poly.pdbx_seq_one_letter_code
_entity_poly.pdbx_strand_id
1 'polypeptide(L)'
;GSMAPRAGFDAEQVRDKARKDLLHLLEGVRGKKNLVIEKDLAGPLGVIVKASTLRDYGVDNFFFLENKNTGTSQRNIVFI
ARGESVRNAHAIAAQIKRIQRESQTSHDFHIFWVPRRTLFSDKVLEEAGVLGDANISELPLYFFPLERDVLSLELNDSFR
DLYLAKDPTPVFLLSRALMGIQKKHGLFPRIIGKGENAKRVADLLSRMRQELLAGEEAGESDRAGLSPSTTIESVIIIDR
EVDFVTPLLTQLTYEGLIDEYFGIQNNQTDVDAVIVGAPAQSAASTSTAVPTNSSQSRKRKIQLDGSDSLYSQLRDANFA
IVGSLLNTVARRLKSDYESRHNTKTTAELKEFVKKLPGYQAEQQSLKIHSNIAEEIINYTRTEIFNKLLEVQQNLAAGAD
PSSQFDSIEELVARDTPLPQVLRLLCLYSCISGGIKTKELDHFRRLVLQGYGHQHLLTLHNLERLQMFLSKSSPLASMIT
MSGSSGGPDQKTNYTYLRKQLRLIVDEVNEQDPNDIAYVYSGYAPLSIRLVQCVLQKQYLLSITKGSGTVIAAGPVAGGG
AQGWKGFEEIVKHARGPTFDEIQKGEDKAVKARALLSGSSGDKKTVFVVFVGGITFTEIAALRFIAKQEEARRNIVICTT
SIINGNRMMNAAIETATFEKTTVTTAAAQ
;
A,D
2 'polypeptide(L)'
;MGSSFEVIARTAYEEGRTRLATELLNHEPRAGRQVPLLLSMEEDELALDKAIESGDTDLIYFVIHQLRRKLPLASFFRVV
SSRPTASAMVEALARNSDGDGNEDTALLKDLYYQDDRRLDGASVFIREALQQPETRTASDKLDLAANLLQGNQKEHVFEL
GALKEAKMLLRMQETFERDLTDSFVGLSVNQTMFKLIKLGYHGRAKKIQSEFKVPERVAWWIRLQALVAKRDWNEIEEIS
RQRKSPIGWEPFFNQVLQAGNPRLAATFIPKCTNLEPGQTITMYEKCGMRVKAAEEAVRLKDTEAWNRLLEAAGRNTAEG
REIERLGATVFKK
;
B,E
3 'polypeptide(L)' GSLILEREEEIRNIEQGVSDLNVLFQQVAQLVAEQGEVLDTIERNVEAVGDDTRGADRELRAAARYQ C,F
#
# COMPACT_ATOMS: atom_id res chain seq x y z
N ALA A 7 11.21 -74.14 -1.05
CA ALA A 7 10.49 -74.33 0.20
C ALA A 7 10.29 -73.02 0.93
N GLY A 8 10.86 -71.95 0.40
CA GLY A 8 10.81 -70.65 1.04
C GLY A 8 9.53 -69.90 0.77
N PHE A 9 9.54 -68.59 1.02
CA PHE A 9 8.38 -67.75 0.76
C PHE A 9 8.30 -67.35 -0.71
N ASP A 10 7.11 -67.46 -1.27
CA ASP A 10 6.86 -67.05 -2.65
C ASP A 10 5.63 -66.16 -2.69
N ALA A 11 5.78 -64.96 -3.23
CA ALA A 11 4.68 -64.01 -3.32
C ALA A 11 3.50 -64.57 -4.14
N GLU A 12 3.81 -65.54 -5.01
CA GLU A 12 2.81 -66.10 -5.90
C GLU A 12 1.79 -66.95 -5.14
N GLN A 13 2.23 -67.59 -4.06
CA GLN A 13 1.34 -68.43 -3.26
C GLN A 13 0.30 -67.60 -2.51
N VAL A 14 0.59 -66.31 -2.34
CA VAL A 14 -0.35 -65.39 -1.71
C VAL A 14 -1.47 -65.08 -2.70
N ARG A 15 -1.07 -64.74 -3.93
CA ARG A 15 -2.01 -64.47 -5.00
C ARG A 15 -2.93 -65.65 -5.22
N ASP A 16 -2.35 -66.86 -5.25
CA ASP A 16 -3.09 -68.08 -5.53
C ASP A 16 -4.15 -68.35 -4.47
N LYS A 17 -3.74 -68.25 -3.20
CA LYS A 17 -4.66 -68.46 -2.10
C LYS A 17 -5.81 -67.46 -2.13
N ALA A 18 -5.47 -66.21 -2.43
CA ALA A 18 -6.46 -65.14 -2.51
C ALA A 18 -7.52 -65.42 -3.57
N ARG A 19 -7.06 -65.78 -4.77
CA ARG A 19 -7.97 -66.14 -5.87
C ARG A 19 -8.82 -67.38 -5.54
N LYS A 20 -8.17 -68.41 -5.00
CA LYS A 20 -8.85 -69.66 -4.69
C LYS A 20 -9.87 -69.49 -3.56
N ASP A 21 -9.56 -68.65 -2.57
CA ASP A 21 -10.48 -68.40 -1.47
C ASP A 21 -11.71 -67.65 -1.96
N LEU A 22 -11.48 -66.73 -2.88
CA LEU A 22 -12.57 -65.95 -3.46
C LEU A 22 -13.50 -66.83 -4.29
N LEU A 23 -12.92 -67.63 -5.17
CA LEU A 23 -13.68 -68.46 -6.09
C LEU A 23 -14.49 -69.55 -5.38
N HIS A 24 -13.92 -70.12 -4.32
CA HIS A 24 -14.59 -71.15 -3.54
C HIS A 24 -15.88 -70.63 -2.91
N LEU A 25 -15.94 -69.32 -2.69
CA LEU A 25 -17.14 -68.70 -2.14
C LEU A 25 -18.17 -68.40 -3.23
N LEU A 26 -17.69 -68.20 -4.45
CA LEU A 26 -18.58 -68.01 -5.59
C LEU A 26 -19.24 -69.32 -5.98
N GLU A 27 -18.52 -70.42 -5.81
CA GLU A 27 -19.09 -71.76 -5.98
C GLU A 27 -20.22 -71.95 -4.98
N GLY A 28 -19.98 -71.54 -3.74
CA GLY A 28 -20.93 -71.73 -2.66
C GLY A 28 -22.30 -71.18 -2.98
N VAL A 29 -22.35 -70.03 -3.66
CA VAL A 29 -23.61 -69.53 -4.15
C VAL A 29 -23.83 -70.17 -5.52
N ARG A 30 -24.72 -71.15 -5.56
CA ARG A 30 -24.94 -71.95 -6.76
C ARG A 30 -25.83 -71.21 -7.76
N GLY A 31 -25.51 -71.37 -9.04
CA GLY A 31 -26.22 -70.68 -10.09
C GLY A 31 -25.46 -69.42 -10.46
N LYS A 32 -26.03 -68.63 -11.36
CA LYS A 32 -25.43 -67.36 -11.74
C LYS A 32 -25.75 -66.27 -10.72
N LYS A 33 -24.93 -65.22 -10.69
CA LYS A 33 -25.10 -64.15 -9.72
C LYS A 33 -24.66 -62.79 -10.23
N ASN A 34 -25.28 -61.74 -9.68
CA ASN A 34 -24.86 -60.36 -9.96
C ASN A 34 -23.98 -59.84 -8.82
N LEU A 35 -22.90 -59.15 -9.18
CA LEU A 35 -21.87 -58.81 -8.21
C LEU A 35 -21.87 -57.34 -7.79
N VAL A 36 -21.67 -57.10 -6.49
CA VAL A 36 -21.60 -55.73 -5.96
C VAL A 36 -20.31 -55.56 -5.15
N ILE A 37 -19.44 -54.66 -5.59
CA ILE A 37 -18.13 -54.49 -4.97
C ILE A 37 -17.88 -53.09 -4.42
N GLU A 38 -17.30 -53.02 -3.23
CA GLU A 38 -16.78 -51.77 -2.68
C GLU A 38 -15.72 -51.22 -3.62
N LYS A 39 -15.86 -49.96 -4.02
CA LYS A 39 -15.03 -49.39 -5.09
C LYS A 39 -13.54 -49.51 -4.83
N ASP A 40 -13.07 -49.01 -3.68
CA ASP A 40 -11.65 -49.07 -3.37
C ASP A 40 -11.22 -50.47 -2.92
N LEU A 41 -11.96 -51.48 -3.37
CA LEU A 41 -11.60 -52.87 -3.15
C LEU A 41 -11.51 -53.59 -4.50
N ALA A 42 -12.22 -53.06 -5.49
CA ALA A 42 -12.19 -53.58 -6.85
C ALA A 42 -10.78 -53.58 -7.42
N GLY A 43 -10.09 -52.45 -7.24
CA GLY A 43 -8.70 -52.31 -7.65
C GLY A 43 -7.79 -53.42 -7.16
N PRO A 44 -7.60 -53.53 -5.83
CA PRO A 44 -6.79 -54.60 -5.24
C PRO A 44 -7.18 -56.00 -5.70
N LEU A 45 -8.48 -56.25 -5.86
CA LEU A 45 -8.96 -57.55 -6.33
C LEU A 45 -8.44 -57.87 -7.72
N GLY A 46 -8.33 -56.85 -8.56
CA GLY A 46 -7.82 -57.01 -9.91
C GLY A 46 -6.41 -57.53 -9.97
N VAL A 47 -5.74 -57.57 -8.82
CA VAL A 47 -4.36 -58.03 -8.74
C VAL A 47 -4.32 -59.53 -8.50
N ILE A 48 -5.42 -60.08 -7.99
CA ILE A 48 -5.47 -61.52 -7.71
C ILE A 48 -6.36 -62.30 -8.67
N VAL A 49 -7.27 -61.60 -9.36
CA VAL A 49 -8.22 -62.31 -10.21
C VAL A 49 -8.63 -61.52 -11.47
N LYS A 50 -8.85 -62.26 -12.55
CA LYS A 50 -9.37 -61.70 -13.80
C LYS A 50 -10.89 -61.60 -13.71
N ALA A 51 -11.46 -60.59 -14.34
CA ALA A 51 -12.91 -60.49 -14.46
C ALA A 51 -13.41 -61.60 -15.37
N SER A 52 -12.57 -62.01 -16.31
CA SER A 52 -12.80 -63.19 -17.15
C SER A 52 -13.15 -64.40 -16.29
N THR A 53 -12.21 -64.80 -15.43
CA THR A 53 -12.40 -65.88 -14.48
C THR A 53 -13.70 -65.74 -13.69
N LEU A 54 -14.09 -64.50 -13.41
CA LEU A 54 -15.28 -64.23 -12.61
C LEU A 54 -16.55 -64.56 -13.39
N ARG A 55 -16.57 -64.21 -14.67
CA ARG A 55 -17.70 -64.55 -15.54
C ARG A 55 -17.90 -66.05 -15.61
N ASP A 56 -16.80 -66.79 -15.78
CA ASP A 56 -16.83 -68.25 -15.81
C ASP A 56 -17.47 -68.84 -14.55
N TYR A 57 -17.37 -68.11 -13.44
CA TYR A 57 -17.94 -68.57 -12.18
C TYR A 57 -19.35 -68.04 -11.96
N GLY A 58 -19.88 -67.33 -12.97
CA GLY A 58 -21.29 -67.00 -13.01
C GLY A 58 -21.70 -65.57 -12.75
N VAL A 59 -20.88 -64.61 -13.16
CA VAL A 59 -21.21 -63.19 -12.98
C VAL A 59 -21.75 -62.56 -14.26
N ASP A 60 -22.93 -61.96 -14.17
CA ASP A 60 -23.58 -61.34 -15.32
C ASP A 60 -23.18 -59.87 -15.46
N ASN A 61 -23.47 -59.09 -14.42
CA ASN A 61 -23.15 -57.68 -14.44
C ASN A 61 -22.39 -57.26 -13.17
N PHE A 62 -21.51 -56.28 -13.32
CA PHE A 62 -20.71 -55.79 -12.20
C PHE A 62 -21.21 -54.43 -11.74
N PHE A 63 -21.31 -54.25 -10.43
CA PHE A 63 -21.78 -52.98 -9.86
C PHE A 63 -20.92 -52.55 -8.67
N PHE A 64 -20.55 -51.27 -8.65
CA PHE A 64 -19.93 -50.68 -7.47
C PHE A 64 -20.97 -50.45 -6.39
N LEU A 65 -20.63 -50.79 -5.15
CA LEU A 65 -21.54 -50.64 -4.03
C LEU A 65 -21.97 -49.18 -3.85
N GLU A 66 -21.05 -48.28 -4.12
CA GLU A 66 -21.28 -46.85 -3.90
C GLU A 66 -22.02 -46.20 -5.07
N ASN A 67 -22.49 -47.02 -6.00
CA ASN A 67 -23.24 -46.52 -7.15
C ASN A 67 -24.75 -46.58 -6.94
N LYS A 68 -25.18 -47.45 -6.02
CA LYS A 68 -26.60 -47.60 -5.68
C LYS A 68 -27.47 -47.93 -6.90
N ASN A 69 -26.95 -48.77 -7.79
CA ASN A 69 -27.69 -49.23 -8.96
C ASN A 69 -27.52 -50.72 -9.24
N THR A 70 -27.71 -51.54 -8.21
CA THR A 70 -27.64 -52.98 -8.38
C THR A 70 -28.84 -53.46 -9.19
N GLY A 71 -28.57 -54.20 -10.26
CA GLY A 71 -29.63 -54.65 -11.15
C GLY A 71 -30.36 -55.89 -10.63
N THR A 72 -31.67 -55.90 -10.81
CA THR A 72 -32.50 -57.03 -10.39
C THR A 72 -32.48 -58.18 -11.40
N SER A 73 -31.56 -58.09 -12.37
CA SER A 73 -31.41 -59.09 -13.43
C SER A 73 -31.37 -60.50 -12.90
N GLN A 74 -30.23 -60.89 -12.33
CA GLN A 74 -30.07 -62.21 -11.75
C GLN A 74 -30.66 -62.23 -10.34
N ARG A 75 -30.90 -63.43 -9.81
CA ARG A 75 -31.50 -63.57 -8.48
C ARG A 75 -30.47 -63.39 -7.36
N ASN A 76 -29.37 -64.12 -7.44
CA ASN A 76 -28.32 -64.03 -6.43
C ASN A 76 -27.57 -62.69 -6.48
N ILE A 77 -27.57 -61.98 -5.36
CA ILE A 77 -26.81 -60.74 -5.23
C ILE A 77 -25.65 -60.94 -4.26
N VAL A 78 -24.43 -60.80 -4.75
CA VAL A 78 -23.24 -61.04 -3.92
C VAL A 78 -22.51 -59.73 -3.59
N PHE A 79 -22.30 -59.50 -2.30
CA PHE A 79 -21.56 -58.33 -1.83
C PHE A 79 -20.13 -58.69 -1.41
N ILE A 80 -19.16 -57.88 -1.85
CA ILE A 80 -17.80 -57.99 -1.35
C ILE A 80 -17.29 -56.64 -0.88
N ALA A 81 -17.13 -56.49 0.44
CA ALA A 81 -16.64 -55.23 1.01
C ALA A 81 -15.78 -55.51 2.24
N ARG A 82 -14.90 -54.57 2.59
CA ARG A 82 -14.09 -54.72 3.79
C ARG A 82 -14.99 -54.63 5.02
N GLY A 83 -14.83 -55.57 5.94
CA GLY A 83 -15.73 -55.71 7.07
C GLY A 83 -15.44 -54.78 8.23
N GLU A 84 -14.21 -54.28 8.30
CA GLU A 84 -13.82 -53.39 9.39
C GLU A 84 -14.44 -52.01 9.20
N SER A 85 -14.99 -51.78 8.01
CA SER A 85 -15.54 -50.48 7.63
C SER A 85 -16.95 -50.24 8.14
N VAL A 86 -17.09 -49.24 8.99
CA VAL A 86 -18.39 -48.84 9.51
C VAL A 86 -19.33 -48.40 8.39
N ARG A 87 -18.77 -47.67 7.43
CA ARG A 87 -19.54 -47.17 6.28
C ARG A 87 -20.13 -48.29 5.43
N ASN A 88 -19.33 -49.33 5.19
CA ASN A 88 -19.73 -50.43 4.31
C ASN A 88 -20.93 -51.21 4.85
N ALA A 89 -20.97 -51.39 6.17
CA ALA A 89 -22.06 -52.10 6.82
C ALA A 89 -23.40 -51.43 6.55
N HIS A 90 -23.48 -50.13 6.84
CA HIS A 90 -24.67 -49.35 6.57
C HIS A 90 -25.04 -49.34 5.09
N ALA A 91 -24.03 -49.28 4.24
CA ALA A 91 -24.22 -49.18 2.80
C ALA A 91 -24.92 -50.41 2.22
N ILE A 92 -24.49 -51.60 2.64
CA ILE A 92 -25.08 -52.83 2.13
C ILE A 92 -26.52 -52.99 2.63
N ALA A 93 -26.72 -52.78 3.92
CA ALA A 93 -28.04 -52.87 4.54
C ALA A 93 -29.04 -51.96 3.83
N ALA A 94 -28.58 -50.79 3.44
CA ALA A 94 -29.42 -49.83 2.73
C ALA A 94 -29.84 -50.37 1.38
N GLN A 95 -28.93 -51.05 0.71
CA GLN A 95 -29.21 -51.59 -0.63
C GLN A 95 -30.12 -52.81 -0.57
N ILE A 96 -30.06 -53.55 0.54
CA ILE A 96 -30.87 -54.75 0.69
C ILE A 96 -32.34 -54.35 0.90
N LYS A 97 -32.58 -53.11 1.29
CA LYS A 97 -33.95 -52.61 1.44
C LYS A 97 -34.42 -51.93 0.16
N ARG A 98 -33.49 -51.34 -0.58
CA ARG A 98 -33.82 -50.72 -1.86
C ARG A 98 -34.21 -51.80 -2.87
N ILE A 99 -33.78 -53.03 -2.62
CA ILE A 99 -34.01 -54.12 -3.54
C ILE A 99 -35.02 -55.11 -2.95
N GLN A 100 -35.46 -54.86 -1.73
CA GLN A 100 -36.54 -55.66 -1.14
C GLN A 100 -37.87 -54.92 -1.22
N ARG A 101 -37.82 -53.64 -1.58
CA ARG A 101 -39.04 -52.83 -1.68
C ARG A 101 -39.16 -52.15 -3.04
N GLU A 102 -38.45 -52.68 -4.02
CA GLU A 102 -38.53 -52.21 -5.40
C GLU A 102 -38.36 -53.41 -6.30
N SER A 103 -38.37 -54.58 -5.66
CA SER A 103 -38.05 -55.85 -6.32
C SER A 103 -39.14 -56.37 -7.23
N GLN A 104 -38.93 -57.58 -7.69
CA GLN A 104 -39.93 -58.35 -8.43
C GLN A 104 -39.79 -59.80 -7.99
N THR A 105 -38.61 -60.13 -7.49
CA THR A 105 -38.34 -61.43 -6.90
C THR A 105 -37.73 -61.30 -5.50
N SER A 106 -37.48 -62.43 -4.84
CA SER A 106 -37.01 -62.43 -3.47
C SER A 106 -35.50 -62.19 -3.33
N HIS A 107 -34.73 -62.73 -4.27
CA HIS A 107 -33.26 -62.60 -4.31
C HIS A 107 -32.56 -63.29 -3.14
N ASP A 108 -31.46 -63.99 -3.44
CA ASP A 108 -30.60 -64.51 -2.38
C ASP A 108 -29.44 -63.55 -2.16
N PHE A 109 -29.25 -63.14 -0.91
CA PHE A 109 -28.25 -62.12 -0.58
C PHE A 109 -27.02 -62.71 0.10
N HIS A 110 -25.87 -62.60 -0.57
CA HIS A 110 -24.62 -63.10 -0.02
C HIS A 110 -23.65 -61.95 0.26
N ILE A 111 -22.99 -61.99 1.41
CA ILE A 111 -22.02 -60.97 1.77
C ILE A 111 -20.68 -61.60 2.15
N PHE A 112 -19.63 -61.25 1.41
CA PHE A 112 -18.28 -61.72 1.71
C PHE A 112 -17.49 -60.60 2.39
N TRP A 113 -17.36 -60.69 3.71
CA TRP A 113 -16.62 -59.69 4.48
C TRP A 113 -15.11 -59.89 4.37
N VAL A 114 -14.40 -58.81 4.04
CA VAL A 114 -12.95 -58.84 3.92
C VAL A 114 -12.26 -58.11 5.08
N PRO A 115 -11.52 -58.85 5.91
CA PRO A 115 -11.31 -60.30 5.79
C PRO A 115 -12.21 -61.12 6.71
N ARG A 116 -13.03 -60.47 7.52
CA ARG A 116 -13.83 -61.19 8.50
C ARG A 116 -15.17 -60.52 8.81
N ARG A 117 -16.11 -61.33 9.27
CA ARG A 117 -17.38 -60.84 9.77
C ARG A 117 -17.14 -60.23 11.14
N THR A 118 -17.52 -58.97 11.31
CA THR A 118 -17.29 -58.32 12.59
C THR A 118 -18.59 -58.16 13.36
N LEU A 119 -18.45 -58.05 14.68
CA LEU A 119 -19.59 -57.88 15.56
C LEU A 119 -20.38 -56.62 15.21
N PHE A 120 -19.66 -55.53 14.92
CA PHE A 120 -20.27 -54.29 14.49
C PHE A 120 -21.14 -54.51 13.26
N SER A 121 -20.58 -55.20 12.26
CA SER A 121 -21.28 -55.49 11.01
C SER A 121 -22.65 -56.10 11.27
N ASP A 122 -22.69 -57.06 12.19
CA ASP A 122 -23.92 -57.76 12.51
C ASP A 122 -24.93 -56.82 13.14
N LYS A 123 -24.45 -55.94 14.03
CA LYS A 123 -25.33 -55.03 14.75
C LYS A 123 -26.00 -54.04 13.80
N VAL A 124 -25.26 -53.55 12.82
CA VAL A 124 -25.83 -52.68 11.80
C VAL A 124 -26.83 -53.45 10.92
N LEU A 125 -26.45 -54.67 10.54
CA LEU A 125 -27.31 -55.54 9.75
C LEU A 125 -28.54 -55.98 10.55
N GLU A 126 -28.35 -56.20 11.84
CA GLU A 126 -29.44 -56.62 12.71
C GLU A 126 -30.45 -55.49 12.88
N GLU A 127 -29.95 -54.30 13.20
CA GLU A 127 -30.81 -53.12 13.35
C GLU A 127 -31.30 -52.59 12.00
N ALA A 128 -31.50 -53.49 11.06
CA ALA A 128 -32.13 -53.17 9.79
C ALA A 128 -33.00 -54.35 9.35
N GLY A 129 -33.00 -55.40 10.15
CA GLY A 129 -33.85 -56.55 9.90
C GLY A 129 -33.34 -57.48 8.81
N VAL A 130 -32.44 -56.94 7.97
CA VAL A 130 -31.97 -57.66 6.79
C VAL A 130 -30.88 -58.69 7.13
N LEU A 131 -30.56 -58.83 8.41
CA LEU A 131 -29.54 -59.78 8.84
C LEU A 131 -29.97 -61.22 8.55
N GLY A 132 -31.25 -61.50 8.74
CA GLY A 132 -31.78 -62.84 8.53
C GLY A 132 -31.75 -63.24 7.07
N ASP A 133 -31.81 -62.26 6.18
CA ASP A 133 -31.80 -62.53 4.75
C ASP A 133 -30.40 -62.36 4.16
N ALA A 134 -29.38 -62.79 4.90
CA ALA A 134 -28.00 -62.53 4.51
C ALA A 134 -27.10 -63.75 4.68
N ASN A 135 -26.55 -64.21 3.55
CA ASN A 135 -25.56 -65.30 3.56
C ASN A 135 -24.16 -64.76 3.75
N ILE A 136 -23.72 -64.71 5.01
CA ILE A 136 -22.49 -64.03 5.37
C ILE A 136 -21.28 -64.97 5.45
N SER A 137 -20.31 -64.74 4.57
CA SER A 137 -19.07 -65.51 4.57
C SER A 137 -17.85 -64.62 4.75
N GLU A 138 -16.72 -65.21 5.10
CA GLU A 138 -15.49 -64.46 5.33
C GLU A 138 -14.45 -64.71 4.23
N LEU A 139 -13.86 -63.63 3.72
CA LEU A 139 -12.85 -63.69 2.67
C LEU A 139 -11.50 -63.21 3.18
N PRO A 140 -10.67 -64.12 3.72
CA PRO A 140 -9.41 -63.75 4.37
C PRO A 140 -8.36 -63.17 3.42
N LEU A 141 -8.67 -62.04 2.81
CA LEU A 141 -7.70 -61.30 2.00
C LEU A 141 -6.93 -60.34 2.88
N TYR A 142 -5.61 -60.34 2.78
CA TYR A 142 -4.80 -59.42 3.54
C TYR A 142 -3.80 -58.69 2.65
N PHE A 143 -2.62 -59.29 2.48
CA PHE A 143 -1.64 -58.78 1.53
C PHE A 143 -2.09 -58.99 0.09
N PHE A 144 -2.13 -57.91 -0.69
CA PHE A 144 -2.24 -58.03 -2.14
C PHE A 144 -0.84 -57.94 -2.74
N PRO A 145 -0.40 -59.01 -3.41
CA PRO A 145 0.96 -59.05 -3.97
C PRO A 145 1.08 -58.21 -5.25
N LEU A 146 1.59 -56.99 -5.11
CA LEU A 146 1.70 -56.09 -6.25
C LEU A 146 2.89 -56.45 -7.11
N GLU A 147 3.93 -56.99 -6.48
CA GLU A 147 5.11 -57.52 -7.18
C GLU A 147 5.62 -58.73 -6.42
N ARG A 148 6.67 -59.38 -6.94
CA ARG A 148 7.22 -60.54 -6.25
C ARG A 148 7.84 -60.11 -4.91
N ASP A 149 8.20 -58.84 -4.82
CA ASP A 149 8.88 -58.31 -3.63
C ASP A 149 8.09 -57.20 -2.94
N VAL A 150 6.82 -57.04 -3.28
CA VAL A 150 6.00 -55.99 -2.69
C VAL A 150 4.63 -56.53 -2.27
N LEU A 151 4.38 -56.56 -0.96
CA LEU A 151 3.06 -56.93 -0.45
C LEU A 151 2.41 -55.72 0.22
N SER A 152 1.15 -55.45 -0.13
CA SER A 152 0.46 -54.31 0.43
C SER A 152 -0.99 -54.63 0.79
N LEU A 153 -1.41 -54.19 1.97
CA LEU A 153 -2.79 -54.38 2.43
C LEU A 153 -3.77 -53.56 1.62
N GLU A 154 -3.24 -52.57 0.90
CA GLU A 154 -4.03 -51.66 0.07
C GLU A 154 -5.12 -50.96 0.86
N LEU A 155 -4.77 -50.48 2.05
CA LEU A 155 -5.67 -49.68 2.87
C LEU A 155 -5.38 -48.21 2.61
N ASN A 156 -6.15 -47.62 1.70
CA ASN A 156 -5.85 -46.29 1.19
C ASN A 156 -5.92 -45.19 2.24
N ASP A 157 -6.88 -45.32 3.15
CA ASP A 157 -7.08 -44.32 4.20
C ASP A 157 -6.37 -44.70 5.49
N SER A 158 -5.45 -45.65 5.42
CA SER A 158 -4.76 -46.15 6.61
C SER A 158 -3.89 -45.08 7.27
N PHE A 159 -3.42 -44.12 6.48
CA PHE A 159 -2.59 -43.06 7.03
C PHE A 159 -3.42 -42.09 7.84
N ARG A 160 -4.57 -41.69 7.31
CA ARG A 160 -5.50 -40.84 8.05
C ARG A 160 -5.99 -41.56 9.30
N ASP A 161 -6.47 -42.79 9.11
CA ASP A 161 -7.00 -43.60 10.20
C ASP A 161 -6.04 -43.73 11.38
N LEU A 162 -4.78 -44.04 11.08
CA LEU A 162 -3.80 -44.34 12.11
C LEU A 162 -3.29 -43.09 12.84
N TYR A 163 -2.85 -42.10 12.08
CA TYR A 163 -2.12 -40.98 12.67
C TYR A 163 -3.02 -39.79 13.05
N LEU A 164 -4.20 -39.72 12.44
CA LEU A 164 -5.14 -38.66 12.78
C LEU A 164 -6.29 -39.15 13.66
N ALA A 165 -6.87 -40.29 13.31
CA ALA A 165 -8.03 -40.81 14.04
C ALA A 165 -7.63 -41.74 15.18
N LYS A 166 -6.37 -42.15 15.18
CA LYS A 166 -5.82 -43.03 16.22
C LYS A 166 -6.60 -44.34 16.25
N ASP A 167 -6.77 -44.93 15.06
CA ASP A 167 -7.48 -46.19 14.88
C ASP A 167 -6.49 -47.33 14.71
N PRO A 168 -6.51 -48.28 15.64
CA PRO A 168 -5.58 -49.43 15.63
C PRO A 168 -5.91 -50.52 14.61
N THR A 169 -6.93 -50.31 13.78
CA THR A 169 -7.32 -51.31 12.78
C THR A 169 -6.18 -51.70 11.81
N PRO A 170 -5.47 -50.73 11.21
CA PRO A 170 -4.40 -51.14 10.29
C PRO A 170 -3.30 -51.96 10.97
N VAL A 171 -2.95 -51.60 12.20
CA VAL A 171 -1.96 -52.35 12.97
C VAL A 171 -2.44 -53.78 13.22
N PHE A 172 -3.73 -53.92 13.52
CA PHE A 172 -4.34 -55.22 13.77
C PHE A 172 -4.28 -56.11 12.54
N LEU A 173 -4.80 -55.61 11.42
CA LEU A 173 -4.77 -56.34 10.16
C LEU A 173 -3.35 -56.76 9.78
N LEU A 174 -2.43 -55.78 9.75
CA LEU A 174 -1.05 -56.05 9.39
C LEU A 174 -0.42 -57.14 10.28
N SER A 175 -0.79 -57.13 11.55
CA SER A 175 -0.31 -58.15 12.49
C SER A 175 -0.83 -59.53 12.05
N ARG A 176 -2.12 -59.61 11.80
CA ARG A 176 -2.75 -60.84 11.35
C ARG A 176 -2.12 -61.33 10.05
N ALA A 177 -2.00 -60.43 9.09
CA ALA A 177 -1.34 -60.73 7.80
C ALA A 177 0.04 -61.34 8.02
N LEU A 178 0.88 -60.67 8.81
CA LEU A 178 2.21 -61.17 9.12
C LEU A 178 2.15 -62.52 9.82
N MET A 179 1.14 -62.69 10.68
CA MET A 179 0.97 -63.94 11.43
C MET A 179 0.68 -65.08 10.47
N GLY A 180 -0.10 -64.78 9.43
CA GLY A 180 -0.35 -65.74 8.37
C GLY A 180 0.93 -66.27 7.76
N ILE A 181 1.91 -65.38 7.56
CA ILE A 181 3.21 -65.77 7.03
C ILE A 181 3.90 -66.74 7.98
N GLN A 182 3.78 -66.48 9.29
CA GLN A 182 4.39 -67.35 10.30
C GLN A 182 3.74 -68.73 10.32
N LYS A 183 2.43 -68.77 10.18
CA LYS A 183 1.68 -70.03 10.23
C LYS A 183 2.06 -70.98 9.11
N LYS A 184 2.51 -70.42 7.99
CA LYS A 184 2.86 -71.22 6.81
C LYS A 184 4.35 -71.54 6.78
N HIS A 185 5.18 -70.59 7.20
CA HIS A 185 6.61 -70.71 7.02
C HIS A 185 7.42 -70.73 8.32
N GLY A 186 6.73 -70.60 9.45
CA GLY A 186 7.43 -70.64 10.74
C GLY A 186 7.59 -69.28 11.38
N LEU A 187 7.80 -69.28 12.69
CA LEU A 187 8.01 -68.07 13.47
C LEU A 187 9.18 -67.25 12.96
N PHE A 188 9.02 -65.93 12.93
CA PHE A 188 10.15 -65.04 12.64
C PHE A 188 11.20 -65.19 13.74
N PRO A 189 12.41 -65.63 13.35
CA PRO A 189 13.53 -65.75 14.27
C PRO A 189 13.76 -64.47 15.07
N ARG A 190 13.67 -63.34 14.38
CA ARG A 190 13.81 -62.04 15.01
C ARG A 190 12.74 -61.07 14.53
N ILE A 191 12.17 -60.31 15.45
CA ILE A 191 11.27 -59.23 15.09
C ILE A 191 11.94 -57.92 15.46
N ILE A 192 12.63 -57.33 14.49
CA ILE A 192 13.38 -56.09 14.69
C ILE A 192 12.55 -54.90 14.26
N GLY A 193 12.52 -53.84 15.07
CA GLY A 193 11.72 -52.70 14.72
C GLY A 193 12.04 -51.36 15.36
N LYS A 194 11.42 -50.32 14.81
CA LYS A 194 11.63 -48.94 15.27
C LYS A 194 10.34 -48.14 15.11
N GLY A 195 9.87 -47.55 16.21
CA GLY A 195 8.64 -46.78 16.17
C GLY A 195 7.53 -47.38 17.00
N GLU A 196 6.61 -46.53 17.46
CA GLU A 196 5.55 -46.97 18.36
C GLU A 196 4.68 -48.07 17.77
N ASN A 197 4.17 -47.87 16.56
CA ASN A 197 3.28 -48.86 15.95
C ASN A 197 4.02 -50.10 15.46
N ALA A 198 5.34 -50.00 15.32
CA ALA A 198 6.16 -51.16 15.02
C ALA A 198 6.14 -52.09 16.22
N LYS A 199 6.18 -51.50 17.41
CA LYS A 199 6.14 -52.23 18.65
C LYS A 199 4.77 -52.85 18.88
N ARG A 200 3.72 -52.13 18.50
CA ARG A 200 2.36 -52.66 18.60
C ARG A 200 2.17 -53.88 17.70
N VAL A 201 2.70 -53.83 16.49
CA VAL A 201 2.66 -54.97 15.60
C VAL A 201 3.39 -56.16 16.23
N ALA A 202 4.59 -55.89 16.75
CA ALA A 202 5.39 -56.91 17.42
C ALA A 202 4.68 -57.49 18.64
N ASP A 203 4.01 -56.62 19.40
CA ASP A 203 3.33 -57.06 20.61
C ASP A 203 2.12 -57.92 20.25
N LEU A 204 1.44 -57.57 19.17
CA LEU A 204 0.30 -58.35 18.70
C LEU A 204 0.79 -59.70 18.14
N LEU A 205 1.97 -59.70 17.54
CA LEU A 205 2.54 -60.94 17.02
C LEU A 205 2.88 -61.91 18.14
N SER A 206 3.15 -61.35 19.33
CA SER A 206 3.50 -62.17 20.48
C SER A 206 2.24 -62.58 21.23
N ARG A 207 1.25 -61.70 21.23
CA ARG A 207 -0.04 -62.01 21.85
C ARG A 207 -0.79 -63.09 21.08
N MET A 208 -0.71 -63.04 19.75
CA MET A 208 -1.41 -63.99 18.91
C MET A 208 -0.74 -65.36 18.97
N ARG A 209 0.59 -65.34 19.07
CA ARG A 209 1.37 -66.55 19.26
C ARG A 209 0.95 -67.31 20.51
N GLN A 210 0.81 -66.60 21.62
CA GLN A 210 0.42 -67.20 22.90
C GLN A 210 -0.97 -67.81 22.81
N GLU A 211 -1.86 -67.12 22.09
CA GLU A 211 -3.22 -67.61 21.93
C GLU A 211 -3.26 -68.85 21.04
N LEU A 212 -2.27 -69.01 20.18
CA LEU A 212 -2.17 -70.21 19.36
C LEU A 212 -1.64 -71.35 20.21
N LEU A 213 -0.86 -71.01 21.22
CA LEU A 213 -0.28 -72.02 22.11
C LEU A 213 -1.25 -72.33 23.23
N ALA A 214 -2.09 -71.35 23.57
CA ALA A 214 -3.14 -71.57 24.55
C ALA A 214 -4.22 -72.45 23.94
N GLY A 215 -4.39 -72.34 22.62
CA GLY A 215 -5.38 -73.12 21.92
C GLY A 215 -4.95 -74.57 21.77
N GLU A 216 -3.74 -74.77 21.25
CA GLU A 216 -3.24 -76.13 20.98
C GLU A 216 -3.07 -76.92 22.28
N GLU A 217 -2.66 -76.23 23.33
CA GLU A 217 -2.54 -76.84 24.66
C GLU A 217 -3.89 -77.28 25.22
N ALA A 218 -4.91 -76.45 25.00
CA ALA A 218 -6.24 -76.71 25.54
C ALA A 218 -7.13 -77.45 24.55
N GLY A 219 -6.55 -78.43 23.88
CA GLY A 219 -7.29 -79.32 23.00
C GLY A 219 -8.06 -78.70 21.84
N GLU A 220 -7.75 -77.46 21.49
CA GLU A 220 -8.29 -76.86 20.27
C GLU A 220 -7.62 -77.48 19.05
N SER A 221 -6.60 -78.31 19.31
CA SER A 221 -5.94 -79.15 18.32
C SER A 221 -4.97 -78.36 17.46
N ASP A 222 -5.40 -78.07 16.24
CA ASP A 222 -4.54 -77.46 15.22
C ASP A 222 -3.22 -78.20 15.03
N ARG A 223 -3.17 -79.46 15.47
CA ARG A 223 -2.02 -80.33 15.30
C ARG A 223 -0.72 -79.77 15.90
N ALA A 224 -0.32 -78.61 15.41
CA ALA A 224 0.95 -77.99 15.78
C ALA A 224 0.89 -76.53 15.33
N GLY A 225 1.69 -75.64 15.93
CA GLY A 225 2.73 -75.94 16.88
C GLY A 225 4.00 -75.39 16.27
N LEU A 226 4.26 -74.11 16.50
CA LEU A 226 5.16 -73.35 15.65
C LEU A 226 6.60 -73.25 16.16
N SER A 227 7.54 -73.54 15.26
CA SER A 227 8.96 -73.46 15.54
C SER A 227 9.59 -72.37 14.67
N PRO A 228 10.72 -71.81 15.11
CA PRO A 228 11.48 -70.84 14.31
C PRO A 228 11.65 -71.28 12.86
N SER A 229 11.46 -70.35 11.93
CA SER A 229 11.51 -70.66 10.51
C SER A 229 12.91 -71.07 10.05
N THR A 230 12.98 -71.70 8.89
CA THR A 230 14.24 -72.09 8.30
C THR A 230 14.44 -71.39 6.96
N THR A 231 13.43 -70.65 6.54
CA THR A 231 13.46 -69.96 5.25
C THR A 231 13.25 -68.46 5.42
N ILE A 232 13.36 -67.99 6.66
CA ILE A 232 13.20 -66.58 6.99
C ILE A 232 14.30 -66.14 7.96
N GLU A 233 15.03 -65.09 7.60
CA GLU A 233 16.07 -64.58 8.48
C GLU A 233 15.46 -63.76 9.61
N SER A 234 14.62 -62.79 9.25
CA SER A 234 14.00 -61.89 10.22
C SER A 234 12.93 -61.03 9.56
N VAL A 235 12.23 -60.25 10.38
CA VAL A 235 11.34 -59.21 9.88
C VAL A 235 11.71 -57.88 10.53
N ILE A 236 11.89 -56.84 9.71
CA ILE A 236 12.25 -55.52 10.20
C ILE A 236 11.08 -54.55 10.03
N ILE A 237 10.62 -53.98 11.14
CA ILE A 237 9.42 -53.14 11.10
C ILE A 237 9.72 -51.65 11.38
N ILE A 238 9.44 -50.81 10.39
CA ILE A 238 9.65 -49.38 10.52
C ILE A 238 8.32 -48.65 10.60
N ASP A 239 8.15 -47.82 11.64
CA ASP A 239 6.96 -47.00 11.78
C ASP A 239 7.11 -45.73 10.96
N ARG A 240 6.10 -45.43 10.14
CA ARG A 240 6.13 -44.26 9.26
C ARG A 240 6.31 -42.94 10.03
N GLU A 241 5.77 -42.87 11.24
CA GLU A 241 5.82 -41.63 12.03
C GLU A 241 7.21 -41.34 12.56
N VAL A 242 8.16 -42.21 12.23
CA VAL A 242 9.55 -42.03 12.61
C VAL A 242 10.26 -41.12 11.60
N ASP A 243 9.78 -41.16 10.35
CA ASP A 243 10.41 -40.41 9.27
C ASP A 243 9.37 -39.83 8.32
N PHE A 244 8.75 -38.73 8.73
CA PHE A 244 7.76 -38.04 7.92
C PHE A 244 8.39 -37.29 6.75
N VAL A 245 9.67 -37.00 6.85
CA VAL A 245 10.35 -36.18 5.86
C VAL A 245 10.35 -36.82 4.47
N THR A 246 10.75 -38.08 4.41
CA THR A 246 10.93 -38.78 3.14
C THR A 246 9.66 -38.78 2.27
N PRO A 247 8.49 -39.13 2.84
CA PRO A 247 7.31 -39.00 1.97
C PRO A 247 6.94 -37.55 1.63
N LEU A 248 7.36 -36.58 2.44
CA LEU A 248 7.03 -35.18 2.18
C LEU A 248 7.77 -34.62 0.97
N LEU A 249 9.04 -35.01 0.83
CA LEU A 249 9.86 -34.58 -0.31
C LEU A 249 9.25 -35.03 -1.63
N THR A 250 9.40 -34.20 -2.66
CA THR A 250 8.99 -34.57 -4.01
C THR A 250 9.92 -35.67 -4.53
N GLN A 251 9.35 -36.85 -4.79
CA GLN A 251 10.11 -38.01 -5.21
C GLN A 251 10.70 -37.83 -6.61
N LEU A 252 11.93 -38.29 -6.82
CA LEU A 252 12.63 -37.99 -8.06
C LEU A 252 12.99 -39.22 -8.89
N THR A 253 12.44 -40.37 -8.53
CA THR A 253 12.56 -41.54 -9.40
C THR A 253 11.46 -41.47 -10.45
N TYR A 254 11.57 -42.28 -11.49
CA TYR A 254 10.59 -42.27 -12.56
C TYR A 254 9.20 -42.62 -12.03
N GLU A 255 9.12 -43.73 -11.30
CA GLU A 255 7.86 -44.18 -10.72
C GLU A 255 7.37 -43.21 -9.65
N GLY A 256 8.32 -42.69 -8.87
CA GLY A 256 8.01 -41.69 -7.87
C GLY A 256 7.32 -40.47 -8.47
N LEU A 257 7.95 -39.90 -9.49
CA LEU A 257 7.41 -38.72 -10.17
C LEU A 257 6.08 -39.01 -10.86
N ILE A 258 5.91 -40.24 -11.32
CA ILE A 258 4.64 -40.65 -11.91
C ILE A 258 3.53 -40.58 -10.85
N ASP A 259 3.81 -41.13 -9.67
CA ASP A 259 2.88 -41.08 -8.55
C ASP A 259 2.64 -39.63 -8.10
N GLU A 260 3.69 -38.82 -8.19
CA GLU A 260 3.62 -37.42 -7.76
C GLU A 260 2.72 -36.57 -8.66
N TYR A 261 2.61 -36.97 -9.92
CA TYR A 261 1.93 -36.14 -10.92
C TYR A 261 0.70 -36.84 -11.50
N PHE A 262 0.80 -38.14 -11.74
CA PHE A 262 -0.32 -38.89 -12.29
C PHE A 262 -1.10 -39.65 -11.20
N GLY A 263 -0.39 -40.06 -10.15
CA GLY A 263 -1.02 -40.82 -9.08
C GLY A 263 -1.20 -42.28 -9.43
N ILE A 264 -0.47 -43.16 -8.76
CA ILE A 264 -0.56 -44.59 -9.00
C ILE A 264 -1.46 -45.31 -7.99
N GLN A 265 -2.48 -45.98 -8.50
CA GLN A 265 -3.35 -46.83 -7.70
C GLN A 265 -3.44 -48.24 -8.28
N ASN A 266 -3.19 -49.24 -7.45
CA ASN A 266 -3.34 -50.65 -7.83
C ASN A 266 -2.56 -50.98 -9.10
N ASN A 267 -1.29 -50.58 -9.12
CA ASN A 267 -0.43 -50.77 -10.28
C ASN A 267 -0.97 -50.15 -11.57
N GLN A 268 -1.80 -49.12 -11.45
CA GLN A 268 -2.39 -48.47 -12.63
C GLN A 268 -2.38 -46.95 -12.52
N THR A 269 -2.79 -46.28 -13.60
CA THR A 269 -2.85 -44.81 -13.63
C THR A 269 -3.62 -44.33 -14.87
N ASP A 270 -3.90 -43.03 -14.92
CA ASP A 270 -4.63 -42.45 -16.05
C ASP A 270 -3.79 -41.44 -16.85
N VAL A 271 -3.84 -41.55 -18.17
CA VAL A 271 -3.19 -40.60 -19.07
C VAL A 271 -4.13 -40.20 -20.19
N ASP A 272 -3.80 -39.12 -20.90
CA ASP A 272 -4.74 -38.51 -21.85
C ASP A 272 -4.48 -38.90 -23.30
N ALA A 273 -3.21 -39.11 -23.66
CA ALA A 273 -2.88 -39.44 -25.05
C ALA A 273 -1.75 -40.46 -25.10
N VAL A 274 -2.17 -41.72 -25.24
CA VAL A 274 -1.29 -42.88 -25.14
C VAL A 274 -0.16 -42.84 -26.16
N ARG A 298 -12.74 -38.15 -22.57
CA ARG A 298 -11.98 -38.49 -21.36
C ARG A 298 -10.68 -39.24 -21.69
N LYS A 299 -10.11 -39.88 -20.67
CA LYS A 299 -8.75 -40.39 -20.73
C LYS A 299 -8.69 -41.92 -20.56
N ARG A 300 -7.48 -42.47 -20.62
CA ARG A 300 -7.30 -43.92 -20.67
C ARG A 300 -6.43 -44.44 -19.52
N LYS A 301 -6.59 -45.72 -19.19
CA LYS A 301 -5.92 -46.30 -18.02
C LYS A 301 -4.69 -47.15 -18.38
N ILE A 302 -3.54 -46.77 -17.84
CA ILE A 302 -2.29 -47.48 -18.07
C ILE A 302 -1.93 -48.46 -16.95
N GLN A 303 -1.50 -49.67 -17.33
CA GLN A 303 -0.99 -50.65 -16.37
C GLN A 303 0.49 -50.40 -16.09
N LEU A 304 0.86 -50.38 -14.82
CA LEU A 304 2.25 -50.11 -14.43
C LEU A 304 2.79 -51.12 -13.43
N ASP A 305 3.35 -52.22 -13.92
CA ASP A 305 3.95 -53.21 -13.03
C ASP A 305 5.15 -53.92 -13.68
N GLY A 306 5.78 -54.80 -12.90
CA GLY A 306 7.06 -55.41 -13.27
C GLY A 306 7.01 -56.41 -14.41
N SER A 307 5.82 -56.63 -14.97
CA SER A 307 5.67 -57.53 -16.10
C SER A 307 6.32 -56.91 -17.34
N ASP A 308 5.93 -55.70 -17.65
CA ASP A 308 6.52 -54.93 -18.75
C ASP A 308 8.02 -54.75 -18.56
N SER A 309 8.81 -55.45 -19.37
CA SER A 309 10.26 -55.49 -19.24
C SER A 309 10.92 -54.12 -19.28
N LEU A 310 10.32 -53.18 -20.02
CA LEU A 310 10.88 -51.83 -20.12
C LEU A 310 10.69 -51.07 -18.81
N TYR A 311 9.46 -51.09 -18.31
CA TYR A 311 9.12 -50.38 -17.08
C TYR A 311 9.93 -50.87 -15.89
N SER A 312 10.28 -52.17 -15.90
CA SER A 312 11.12 -52.76 -14.88
C SER A 312 12.43 -51.98 -14.67
N GLN A 313 13.10 -51.67 -15.77
CA GLN A 313 14.37 -50.94 -15.72
C GLN A 313 14.17 -49.46 -15.47
N LEU A 314 13.03 -48.92 -15.90
CA LEU A 314 12.76 -47.49 -15.79
C LEU A 314 12.28 -47.06 -14.40
N ARG A 315 11.47 -47.92 -13.77
CA ARG A 315 10.72 -47.51 -12.60
C ARG A 315 11.59 -47.10 -11.41
N ASP A 316 12.67 -47.84 -11.16
CA ASP A 316 13.48 -47.60 -9.98
C ASP A 316 14.62 -46.63 -10.26
N ALA A 317 14.67 -46.10 -11.49
CA ALA A 317 15.77 -45.25 -11.90
C ALA A 317 15.44 -43.78 -11.64
N ASN A 318 16.49 -42.99 -11.39
CA ASN A 318 16.34 -41.54 -11.28
C ASN A 318 15.84 -40.97 -12.59
N PHE A 319 14.96 -39.99 -12.52
CA PHE A 319 14.28 -39.47 -13.72
C PHE A 319 15.24 -38.81 -14.71
N ALA A 320 16.36 -38.28 -14.19
CA ALA A 320 17.38 -37.67 -15.03
C ALA A 320 17.82 -38.61 -16.15
N ILE A 321 18.20 -39.83 -15.79
CA ILE A 321 18.77 -40.77 -16.76
C ILE A 321 17.72 -41.54 -17.55
N VAL A 322 16.46 -41.13 -17.46
CA VAL A 322 15.40 -41.82 -18.19
C VAL A 322 15.57 -41.62 -19.68
N GLY A 323 15.92 -40.40 -20.07
CA GLY A 323 16.27 -40.10 -21.46
C GLY A 323 17.36 -41.03 -21.96
N SER A 324 18.50 -41.00 -21.27
CA SER A 324 19.63 -41.90 -21.55
C SER A 324 19.20 -43.36 -21.66
N LEU A 325 18.23 -43.75 -20.84
CA LEU A 325 17.73 -45.12 -20.86
C LEU A 325 16.68 -45.34 -21.93
N LEU A 326 15.80 -44.35 -22.10
CA LEU A 326 14.71 -44.44 -23.08
C LEU A 326 15.27 -44.59 -24.49
N ASN A 327 16.22 -43.74 -24.84
CA ASN A 327 16.89 -43.80 -26.15
C ASN A 327 17.64 -45.11 -26.36
N THR A 328 18.47 -45.48 -25.38
CA THR A 328 19.26 -46.71 -25.43
C THR A 328 18.41 -47.95 -25.77
N VAL A 329 17.16 -47.95 -25.32
CA VAL A 329 16.27 -49.08 -25.59
C VAL A 329 15.68 -48.93 -26.99
N ALA A 330 15.42 -47.69 -27.39
CA ALA A 330 15.01 -47.41 -28.76
C ALA A 330 16.16 -47.66 -29.71
N ARG A 331 17.37 -47.41 -29.23
CA ARG A 331 18.58 -47.64 -30.02
C ARG A 331 18.86 -49.13 -30.21
N ARG A 332 18.36 -49.96 -29.30
CA ARG A 332 18.61 -51.39 -29.35
C ARG A 332 17.50 -52.14 -30.08
N LEU A 333 16.29 -51.59 -30.02
CA LEU A 333 15.14 -52.25 -30.64
C LEU A 333 15.18 -52.19 -32.17
N LYS A 334 15.54 -51.03 -32.70
CA LYS A 334 15.58 -50.84 -34.15
C LYS A 334 16.64 -51.69 -34.82
N SER A 335 17.77 -51.88 -34.14
CA SER A 335 18.85 -52.70 -34.66
C SER A 335 18.72 -54.12 -34.14
N ASP A 336 17.52 -54.47 -33.72
CA ASP A 336 17.20 -55.83 -33.31
C ASP A 336 16.06 -56.32 -34.19
N TYR A 337 15.36 -55.36 -34.81
CA TYR A 337 14.36 -55.67 -35.82
C TYR A 337 15.03 -55.91 -37.17
N GLU A 338 16.01 -55.08 -37.50
CA GLU A 338 16.75 -55.23 -38.75
C GLU A 338 17.51 -56.55 -38.78
N SER A 339 18.23 -56.84 -37.70
CA SER A 339 19.06 -58.03 -37.57
C SER A 339 18.34 -59.35 -37.85
N ARG A 340 19.12 -60.35 -38.27
CA ARG A 340 18.72 -61.75 -38.32
C ARG A 340 17.82 -62.10 -39.50
N HIS A 341 17.78 -61.24 -40.51
CA HIS A 341 17.28 -61.66 -41.82
C HIS A 341 18.39 -62.41 -42.56
N ASN A 342 19.49 -62.66 -41.86
CA ASN A 342 20.65 -63.37 -42.42
C ASN A 342 20.33 -64.78 -42.90
N THR A 343 20.48 -65.74 -42.01
CA THR A 343 20.24 -67.14 -42.34
C THR A 343 18.81 -67.37 -42.80
N LYS A 344 18.49 -66.98 -44.02
CA LYS A 344 17.14 -67.16 -44.55
C LYS A 344 16.85 -68.63 -44.79
N THR A 345 16.93 -69.41 -43.72
CA THR A 345 16.50 -70.79 -43.67
C THR A 345 15.43 -70.85 -42.60
N THR A 346 14.33 -71.56 -42.89
CA THR A 346 13.11 -71.56 -42.07
C THR A 346 13.29 -71.05 -40.65
N ALA A 347 14.17 -71.72 -39.91
CA ALA A 347 14.44 -71.42 -38.50
C ALA A 347 14.73 -69.95 -38.21
N GLU A 348 15.81 -69.41 -38.77
CA GLU A 348 16.27 -68.07 -38.42
C GLU A 348 15.28 -66.97 -38.79
N LEU A 349 14.24 -67.31 -39.53
CA LEU A 349 13.11 -66.41 -39.74
C LEU A 349 11.97 -66.87 -38.85
N LYS A 350 11.76 -68.18 -38.79
CA LYS A 350 10.83 -68.79 -37.83
C LYS A 350 11.17 -68.31 -36.43
N GLU A 351 12.46 -68.11 -36.17
CA GLU A 351 12.94 -67.60 -34.90
C GLU A 351 12.75 -66.08 -34.81
N PHE A 352 12.79 -65.41 -35.96
CA PHE A 352 12.55 -63.97 -35.99
C PHE A 352 11.08 -63.64 -35.80
N VAL A 353 10.21 -64.39 -36.47
CA VAL A 353 8.77 -64.22 -36.31
C VAL A 353 8.34 -64.68 -34.93
N LYS A 354 9.18 -65.50 -34.32
CA LYS A 354 8.98 -65.94 -32.95
C LYS A 354 9.10 -64.74 -32.01
N LYS A 355 10.21 -64.02 -32.13
CA LYS A 355 10.47 -62.83 -31.32
C LYS A 355 9.70 -61.59 -31.86
N LEU A 356 8.65 -61.82 -32.64
CA LEU A 356 7.97 -60.70 -33.29
C LEU A 356 6.88 -60.05 -32.43
N PRO A 357 6.04 -60.86 -31.74
CA PRO A 357 5.09 -60.16 -30.87
C PRO A 357 5.78 -59.48 -29.68
N GLY A 358 6.96 -59.97 -29.30
CA GLY A 358 7.70 -59.38 -28.21
C GLY A 358 8.35 -58.07 -28.58
N TYR A 359 8.55 -57.87 -29.88
CA TYR A 359 9.05 -56.60 -30.38
C TYR A 359 7.95 -55.54 -30.39
N GLN A 360 6.79 -55.93 -30.91
CA GLN A 360 5.67 -55.01 -31.04
C GLN A 360 5.23 -54.47 -29.69
N ALA A 361 5.14 -55.35 -28.71
CA ALA A 361 4.81 -54.97 -27.34
C ALA A 361 5.83 -53.97 -26.81
N GLU A 362 7.10 -54.32 -26.93
CA GLU A 362 8.19 -53.45 -26.51
C GLU A 362 8.15 -52.11 -27.24
N GLN A 363 7.70 -52.13 -28.49
CA GLN A 363 7.58 -50.91 -29.29
C GLN A 363 6.47 -49.98 -28.78
N GLN A 364 5.35 -50.56 -28.37
CA GLN A 364 4.22 -49.76 -27.91
C GLN A 364 4.43 -49.32 -26.46
N SER A 365 5.19 -50.12 -25.72
CA SER A 365 5.59 -49.75 -24.37
C SER A 365 6.50 -48.53 -24.39
N LEU A 366 7.46 -48.54 -25.31
CA LEU A 366 8.41 -47.46 -25.45
C LEU A 366 7.74 -46.15 -25.88
N LYS A 367 6.68 -46.25 -26.67
CA LYS A 367 5.97 -45.07 -27.14
C LYS A 367 5.17 -44.43 -26.01
N ILE A 368 4.65 -45.28 -25.13
CA ILE A 368 3.91 -44.80 -23.96
C ILE A 368 4.84 -44.08 -22.97
N HIS A 369 5.90 -44.78 -22.56
CA HIS A 369 6.84 -44.24 -21.60
C HIS A 369 7.72 -43.12 -22.17
N SER A 370 7.57 -42.84 -23.45
CA SER A 370 8.21 -41.68 -24.06
C SER A 370 7.28 -40.49 -23.89
N ASN A 371 5.99 -40.74 -24.11
CA ASN A 371 4.97 -39.73 -23.87
C ASN A 371 4.91 -39.34 -22.40
N ILE A 372 4.86 -40.34 -21.53
CA ILE A 372 4.81 -40.12 -20.09
C ILE A 372 6.02 -39.33 -19.63
N ALA A 373 7.22 -39.81 -19.96
CA ALA A 373 8.46 -39.11 -19.63
C ALA A 373 8.44 -37.67 -20.13
N GLU A 374 7.78 -37.44 -21.27
CA GLU A 374 7.73 -36.12 -21.88
C GLU A 374 6.88 -35.17 -21.04
N GLU A 375 5.70 -35.65 -20.63
CA GLU A 375 4.80 -34.87 -19.79
C GLU A 375 5.46 -34.48 -18.47
N ILE A 376 6.18 -35.41 -17.87
CA ILE A 376 6.84 -35.18 -16.59
C ILE A 376 8.00 -34.18 -16.72
N ILE A 377 8.67 -34.20 -17.86
CA ILE A 377 9.74 -33.24 -18.13
C ILE A 377 9.20 -31.81 -18.14
N ASN A 378 7.96 -31.65 -18.62
CA ASN A 378 7.32 -30.33 -18.64
C ASN A 378 6.96 -29.87 -17.23
N TYR A 379 6.46 -30.80 -16.43
CA TYR A 379 6.12 -30.54 -15.03
C TYR A 379 7.34 -30.04 -14.26
N THR A 380 8.50 -30.65 -14.53
CA THR A 380 9.71 -30.38 -13.76
C THR A 380 10.50 -29.16 -14.24
N ARG A 381 10.01 -28.51 -15.30
CA ARG A 381 10.74 -27.39 -15.88
C ARG A 381 10.13 -26.04 -15.52
N THR A 382 8.89 -26.05 -15.04
CA THR A 382 8.21 -24.83 -14.63
C THR A 382 8.95 -24.09 -13.51
N GLU A 383 8.61 -22.83 -13.30
CA GLU A 383 9.17 -22.06 -12.19
C GLU A 383 8.80 -22.65 -10.84
N ILE A 384 7.49 -22.82 -10.64
CA ILE A 384 6.93 -23.21 -9.36
C ILE A 384 7.50 -24.54 -8.86
N PHE A 385 7.68 -25.48 -9.77
CA PHE A 385 8.28 -26.77 -9.43
C PHE A 385 9.70 -26.55 -8.91
N ASN A 386 10.50 -25.82 -9.68
CA ASN A 386 11.90 -25.59 -9.31
C ASN A 386 12.02 -24.74 -8.06
N LYS A 387 11.09 -23.81 -7.88
CA LYS A 387 11.04 -23.01 -6.66
C LYS A 387 10.77 -23.91 -5.45
N LEU A 388 9.86 -24.85 -5.63
CA LEU A 388 9.54 -25.83 -4.59
C LEU A 388 10.73 -26.72 -4.28
N LEU A 389 11.34 -27.26 -5.33
CA LEU A 389 12.45 -28.19 -5.16
C LEU A 389 13.65 -27.47 -4.57
N GLU A 390 13.82 -26.20 -4.94
CA GLU A 390 14.89 -25.38 -4.37
C GLU A 390 14.77 -25.30 -2.86
N VAL A 391 13.55 -25.04 -2.38
CA VAL A 391 13.28 -24.98 -0.95
C VAL A 391 13.53 -26.34 -0.29
N GLN A 392 13.00 -27.39 -0.92
CA GLN A 392 13.17 -28.76 -0.43
C GLN A 392 14.64 -29.11 -0.25
N GLN A 393 15.46 -28.76 -1.24
CA GLN A 393 16.89 -29.09 -1.21
C GLN A 393 17.61 -28.41 -0.03
N ASN A 394 17.32 -27.14 0.18
CA ASN A 394 17.94 -26.38 1.27
C ASN A 394 17.59 -26.95 2.64
N LEU A 395 16.30 -27.20 2.86
CA LEU A 395 15.83 -27.76 4.12
C LEU A 395 16.49 -29.10 4.42
N ALA A 396 16.47 -29.99 3.43
CA ALA A 396 17.11 -31.29 3.52
C ALA A 396 18.59 -31.18 3.88
N ALA A 397 19.31 -30.37 3.10
CA ALA A 397 20.75 -30.22 3.28
C ALA A 397 21.13 -29.66 4.65
N GLY A 398 20.22 -28.92 5.27
CA GLY A 398 20.44 -28.41 6.61
C GLY A 398 20.60 -26.90 6.69
N ALA A 399 20.24 -26.22 5.60
CA ALA A 399 20.27 -24.77 5.58
C ALA A 399 19.31 -24.21 6.60
N ASP A 400 19.60 -23.00 7.11
CA ASP A 400 18.72 -22.36 8.09
C ASP A 400 17.37 -22.06 7.43
N PRO A 401 16.31 -22.71 7.91
CA PRO A 401 14.97 -22.64 7.32
C PRO A 401 14.42 -21.22 7.22
N SER A 402 14.98 -20.28 7.96
CA SER A 402 14.56 -18.88 7.87
C SER A 402 14.92 -18.30 6.51
N SER A 403 16.01 -18.78 5.93
CA SER A 403 16.45 -18.36 4.60
C SER A 403 15.42 -18.71 3.53
N GLN A 404 14.59 -19.71 3.82
CA GLN A 404 13.59 -20.16 2.86
C GLN A 404 12.23 -19.50 3.09
N PHE A 405 12.17 -18.58 4.03
CA PHE A 405 10.91 -17.92 4.36
C PHE A 405 10.38 -17.06 3.22
N ASP A 406 11.28 -16.35 2.55
CA ASP A 406 10.87 -15.46 1.47
C ASP A 406 10.34 -16.28 0.29
N SER A 407 11.00 -17.40 0.02
CA SER A 407 10.60 -18.29 -1.06
C SER A 407 9.18 -18.84 -0.82
N ILE A 408 8.93 -19.31 0.41
CA ILE A 408 7.65 -19.87 0.77
C ILE A 408 6.55 -18.82 0.61
N GLU A 409 6.83 -17.62 1.09
CA GLU A 409 5.88 -16.51 0.99
C GLU A 409 5.55 -16.20 -0.47
N GLU A 410 6.56 -16.28 -1.34
CA GLU A 410 6.35 -16.08 -2.75
C GLU A 410 5.38 -17.14 -3.29
N LEU A 411 5.61 -18.39 -2.92
CA LEU A 411 4.81 -19.51 -3.40
C LEU A 411 3.35 -19.41 -3.00
N VAL A 412 3.09 -18.93 -1.78
CA VAL A 412 1.71 -18.73 -1.33
C VAL A 412 1.08 -17.58 -2.11
N ALA A 413 1.83 -16.50 -2.27
CA ALA A 413 1.36 -15.32 -2.98
C ALA A 413 1.02 -15.64 -4.43
N ARG A 414 1.82 -16.51 -5.05
CA ARG A 414 1.60 -16.91 -6.43
C ARG A 414 0.57 -18.03 -6.57
N ASP A 415 -0.12 -18.31 -5.47
CA ASP A 415 -1.22 -19.28 -5.43
C ASP A 415 -0.82 -20.66 -5.96
N THR A 416 0.32 -21.17 -5.50
CA THR A 416 0.71 -22.53 -5.84
C THR A 416 -0.11 -23.49 -4.98
N PRO A 417 -0.43 -24.68 -5.52
CA PRO A 417 -1.42 -25.58 -4.90
C PRO A 417 -1.16 -25.86 -3.43
N LEU A 418 -2.23 -25.78 -2.63
CA LEU A 418 -2.15 -25.93 -1.18
C LEU A 418 -1.39 -27.16 -0.70
N PRO A 419 -1.62 -28.35 -1.31
CA PRO A 419 -0.85 -29.52 -0.86
C PRO A 419 0.67 -29.32 -0.89
N GLN A 420 1.17 -28.64 -1.92
CA GLN A 420 2.61 -28.50 -2.09
C GLN A 420 3.20 -27.48 -1.11
N VAL A 421 2.44 -26.43 -0.82
CA VAL A 421 2.87 -25.44 0.16
C VAL A 421 2.94 -26.05 1.55
N LEU A 422 1.89 -26.78 1.91
CA LEU A 422 1.82 -27.42 3.22
C LEU A 422 2.94 -28.43 3.42
N ARG A 423 3.38 -29.05 2.34
CA ARG A 423 4.45 -30.03 2.42
C ARG A 423 5.78 -29.35 2.73
N LEU A 424 5.97 -28.13 2.23
CA LEU A 424 7.16 -27.36 2.60
C LEU A 424 7.09 -26.97 4.08
N LEU A 425 5.90 -26.60 4.52
CA LEU A 425 5.70 -26.20 5.91
C LEU A 425 5.94 -27.36 6.86
N CYS A 426 5.37 -28.52 6.54
CA CYS A 426 5.55 -29.70 7.37
C CYS A 426 6.99 -30.20 7.31
N LEU A 427 7.60 -30.09 6.14
CA LEU A 427 9.02 -30.43 5.99
C LEU A 427 9.88 -29.53 6.88
N TYR A 428 9.57 -28.23 6.86
CA TYR A 428 10.22 -27.24 7.72
C TYR A 428 10.12 -27.69 9.18
N SER A 429 8.89 -27.90 9.64
CA SER A 429 8.64 -28.28 11.03
C SER A 429 9.29 -29.61 11.42
N CYS A 430 9.11 -30.63 10.59
CA CYS A 430 9.55 -31.98 10.93
C CYS A 430 11.07 -32.14 10.93
N ILE A 431 11.78 -31.35 10.13
CA ILE A 431 13.21 -31.54 9.95
C ILE A 431 14.06 -30.63 10.84
N SER A 432 13.41 -29.71 11.52
CA SER A 432 14.11 -28.72 12.33
C SER A 432 13.58 -28.67 13.76
N GLY A 433 12.72 -29.61 14.10
CA GLY A 433 12.15 -29.69 15.43
C GLY A 433 11.29 -28.50 15.76
N GLY A 434 10.32 -28.22 14.88
CA GLY A 434 9.38 -27.15 15.12
C GLY A 434 9.74 -25.88 14.38
N ILE A 435 8.82 -24.93 14.40
CA ILE A 435 9.03 -23.64 13.75
C ILE A 435 9.16 -22.56 14.81
N LYS A 436 10.07 -21.62 14.61
CA LYS A 436 10.23 -20.49 15.50
C LYS A 436 8.90 -19.76 15.65
N THR A 437 8.57 -19.38 16.88
CA THR A 437 7.21 -18.93 17.21
C THR A 437 6.80 -17.69 16.42
N LYS A 438 7.78 -16.85 16.08
CA LYS A 438 7.49 -15.66 15.29
C LYS A 438 7.24 -16.03 13.82
N GLU A 439 8.07 -16.91 13.27
CA GLU A 439 7.87 -17.39 11.90
C GLU A 439 6.59 -18.21 11.76
N LEU A 440 6.20 -18.90 12.82
CA LEU A 440 5.01 -19.76 12.79
C LEU A 440 3.73 -18.96 12.61
N ASP A 441 3.61 -17.86 13.35
CA ASP A 441 2.43 -17.00 13.28
C ASP A 441 2.26 -16.41 11.89
N HIS A 442 3.38 -16.17 11.21
CA HIS A 442 3.35 -15.65 9.84
C HIS A 442 2.90 -16.68 8.82
N PHE A 443 3.43 -17.90 8.92
CA PHE A 443 3.04 -18.99 8.03
C PHE A 443 1.54 -19.26 8.11
N ARG A 444 1.00 -19.24 9.33
CA ARG A 444 -0.42 -19.45 9.54
C ARG A 444 -1.23 -18.36 8.85
N ARG A 445 -0.81 -17.12 9.03
CA ARG A 445 -1.42 -15.98 8.35
C ARG A 445 -1.39 -16.18 6.83
N LEU A 446 -0.28 -16.67 6.32
CA LEU A 446 -0.12 -16.92 4.90
C LEU A 446 -1.13 -17.96 4.39
N VAL A 447 -1.21 -19.09 5.07
CA VAL A 447 -2.12 -20.17 4.67
C VAL A 447 -3.59 -19.75 4.75
N LEU A 448 -3.97 -19.11 5.87
CA LEU A 448 -5.35 -18.71 6.08
C LEU A 448 -5.80 -17.69 5.04
N GLN A 449 -5.08 -16.58 4.94
CA GLN A 449 -5.40 -15.54 3.98
C GLN A 449 -5.23 -16.03 2.54
N GLY A 450 -4.22 -16.86 2.32
CA GLY A 450 -3.96 -17.39 1.00
C GLY A 450 -5.03 -18.31 0.42
N TYR A 451 -5.56 -19.22 1.24
CA TYR A 451 -6.41 -20.29 0.72
C TYR A 451 -7.79 -20.37 1.38
N GLY A 452 -7.97 -19.65 2.49
CA GLY A 452 -9.26 -19.60 3.14
C GLY A 452 -9.21 -19.95 4.62
N HIS A 453 -10.02 -19.25 5.41
CA HIS A 453 -10.02 -19.42 6.85
C HIS A 453 -10.53 -20.78 7.31
N GLN A 454 -11.11 -21.54 6.38
CA GLN A 454 -11.52 -22.91 6.67
C GLN A 454 -10.32 -23.72 7.14
N HIS A 455 -9.15 -23.34 6.66
CA HIS A 455 -7.92 -24.08 6.90
C HIS A 455 -7.37 -23.82 8.30
N LEU A 456 -8.17 -23.17 9.12
CA LEU A 456 -7.97 -23.15 10.55
C LEU A 456 -8.04 -24.60 11.04
N LEU A 457 -8.97 -25.36 10.46
CA LEU A 457 -9.08 -26.79 10.67
C LEU A 457 -7.89 -27.57 10.09
N THR A 458 -7.55 -27.26 8.85
CA THR A 458 -6.43 -27.89 8.15
C THR A 458 -5.13 -27.83 8.95
N LEU A 459 -4.88 -26.67 9.55
CA LEU A 459 -3.67 -26.48 10.35
C LEU A 459 -3.79 -27.20 11.68
N HIS A 460 -5.01 -27.24 12.22
CA HIS A 460 -5.28 -28.00 13.45
C HIS A 460 -4.99 -29.48 13.23
N ASN A 461 -5.36 -30.00 12.07
CA ASN A 461 -5.11 -31.40 11.74
C ASN A 461 -3.63 -31.72 11.58
N LEU A 462 -2.88 -30.80 10.97
CA LEU A 462 -1.44 -30.97 10.84
C LEU A 462 -0.78 -30.91 12.21
N GLU A 463 -1.41 -30.19 13.13
CA GLU A 463 -0.95 -30.11 14.51
C GLU A 463 -1.18 -31.44 15.23
N ARG A 464 -2.36 -32.03 15.03
CA ARG A 464 -2.67 -33.34 15.61
C ARG A 464 -1.72 -34.40 15.07
N LEU A 465 -1.36 -34.27 13.78
CA LEU A 465 -0.47 -35.22 13.13
C LEU A 465 0.96 -34.99 13.58
N GLN A 466 1.16 -33.91 14.33
CA GLN A 466 2.46 -33.52 14.86
C GLN A 466 3.48 -33.37 13.72
N MET A 467 3.01 -32.80 12.61
CA MET A 467 3.88 -32.54 11.46
C MET A 467 4.10 -31.04 11.27
N PHE A 468 3.51 -30.24 12.15
CA PHE A 468 3.51 -28.80 12.01
C PHE A 468 3.31 -28.15 13.37
N LEU A 469 4.39 -28.03 14.14
CA LEU A 469 4.30 -27.54 15.50
C LEU A 469 5.15 -26.30 15.76
N SER A 470 4.72 -25.50 16.73
CA SER A 470 5.53 -24.39 17.24
C SER A 470 6.71 -24.93 18.02
N LYS A 471 7.87 -24.29 17.87
CA LYS A 471 9.05 -24.70 18.64
C LYS A 471 8.82 -24.57 20.14
N SER A 472 7.79 -23.80 20.52
CA SER A 472 7.44 -23.63 21.93
C SER A 472 6.43 -24.67 22.35
N SER A 473 6.40 -25.79 21.64
CA SER A 473 5.58 -26.93 22.02
C SER A 473 6.45 -28.09 22.48
N PRO A 474 6.07 -28.76 23.57
CA PRO A 474 6.80 -29.90 24.13
C PRO A 474 6.95 -31.04 23.13
N LEU A 475 5.96 -31.19 22.26
CA LEU A 475 5.91 -32.28 21.31
C LEU A 475 6.92 -32.13 20.15
N ALA A 476 7.45 -30.93 19.98
CA ALA A 476 8.27 -30.62 18.79
C ALA A 476 9.76 -30.89 18.99
N SER A 477 10.17 -31.16 20.23
CA SER A 477 11.59 -31.32 20.55
C SER A 477 12.19 -32.58 19.95
N MET A 478 13.46 -32.49 19.57
CA MET A 478 14.18 -33.63 19.02
C MET A 478 15.02 -34.33 20.07
N ILE A 479 15.13 -35.65 19.93
CA ILE A 479 15.97 -36.48 20.79
C ILE A 479 17.41 -35.99 20.84
N THR A 480 17.86 -35.56 22.02
CA THR A 480 19.25 -35.15 22.17
C THR A 480 19.91 -35.83 23.37
N MET A 481 21.17 -36.21 23.20
CA MET A 481 21.92 -36.86 24.29
C MET A 481 22.84 -35.86 24.99
N SER A 482 22.43 -34.60 24.99
CA SER A 482 23.15 -33.55 25.70
C SER A 482 22.12 -32.73 26.47
N GLY A 483 20.95 -32.57 25.85
CA GLY A 483 19.84 -31.82 26.43
C GLY A 483 19.11 -32.58 27.53
N SER A 484 19.88 -33.13 28.46
CA SER A 484 19.36 -33.85 29.62
C SER A 484 18.44 -35.02 29.24
N SER A 485 17.40 -35.23 30.05
CA SER A 485 16.39 -36.24 29.76
C SER A 485 15.09 -35.60 29.28
N GLY A 486 13.97 -36.12 29.78
CA GLY A 486 12.67 -35.56 29.45
C GLY A 486 12.14 -35.93 28.08
N GLY A 487 10.84 -35.70 27.89
CA GLY A 487 10.18 -35.98 26.62
C GLY A 487 9.84 -37.44 26.39
N PRO A 488 8.54 -37.75 26.32
CA PRO A 488 8.05 -39.12 26.14
C PRO A 488 7.96 -39.53 24.68
N ASP A 489 7.65 -38.56 23.81
CA ASP A 489 7.50 -38.81 22.38
C ASP A 489 8.38 -37.84 21.62
N GLN A 490 9.65 -37.75 22.02
CA GLN A 490 10.58 -36.84 21.38
C GLN A 490 10.73 -37.19 19.91
N LYS A 491 10.93 -36.18 19.07
CA LYS A 491 10.84 -36.37 17.64
C LYS A 491 12.20 -36.71 17.03
N THR A 492 12.16 -37.22 15.81
CA THR A 492 13.37 -37.61 15.11
C THR A 492 14.30 -36.41 14.90
N ASN A 493 15.51 -36.52 15.43
CA ASN A 493 16.52 -35.49 15.30
C ASN A 493 17.24 -35.61 13.97
N TYR A 494 16.73 -34.91 12.96
CA TYR A 494 17.35 -34.95 11.64
C TYR A 494 18.70 -34.23 11.60
N THR A 495 18.90 -33.27 12.50
CA THR A 495 20.16 -32.53 12.57
C THR A 495 21.34 -33.43 12.93
N TYR A 496 21.19 -34.22 13.99
CA TYR A 496 22.22 -35.19 14.39
C TYR A 496 22.35 -36.28 13.34
N LEU A 497 21.20 -36.81 12.91
CA LEU A 497 21.15 -37.95 12.01
C LEU A 497 21.62 -37.62 10.59
N ARG A 498 21.54 -36.36 10.20
CA ARG A 498 22.00 -35.95 8.87
C ARG A 498 23.47 -36.29 8.64
N LYS A 499 24.29 -36.10 9.67
CA LYS A 499 25.71 -36.41 9.58
C LYS A 499 26.00 -37.85 10.00
N GLN A 500 25.41 -38.26 11.11
CA GLN A 500 25.74 -39.54 11.72
C GLN A 500 25.28 -40.72 10.85
N LEU A 501 24.21 -40.52 10.10
CA LEU A 501 23.75 -41.55 9.17
C LEU A 501 23.90 -41.12 7.73
N ARG A 502 24.79 -40.15 7.48
CA ARG A 502 25.08 -39.66 6.14
C ARG A 502 23.82 -39.52 5.28
N LEU A 503 22.91 -38.65 5.69
CA LEU A 503 21.68 -38.45 4.93
C LEU A 503 21.94 -37.65 3.65
N ILE A 504 23.11 -37.01 3.59
CA ILE A 504 23.49 -36.24 2.41
C ILE A 504 24.69 -36.87 1.72
N VAL A 505 24.54 -37.15 0.43
CA VAL A 505 25.63 -37.65 -0.39
C VAL A 505 25.61 -36.88 -1.72
N ASP A 506 26.53 -35.95 -1.89
CA ASP A 506 26.56 -35.14 -3.09
C ASP A 506 27.39 -35.78 -4.19
N GLU A 507 28.27 -36.70 -3.79
CA GLU A 507 29.06 -37.48 -4.75
C GLU A 507 28.19 -38.20 -5.78
N VAL A 508 27.22 -38.96 -5.28
CA VAL A 508 26.38 -39.89 -6.05
C VAL A 508 26.20 -39.59 -7.54
N ASN A 509 26.70 -40.51 -8.37
CA ASN A 509 26.43 -40.47 -9.79
C ASN A 509 25.17 -41.28 -10.05
N GLU A 510 24.34 -40.83 -10.99
CA GLU A 510 23.02 -41.41 -11.14
C GLU A 510 22.87 -42.30 -12.37
N GLN A 511 23.95 -42.46 -13.12
CA GLN A 511 23.96 -43.41 -14.23
C GLN A 511 24.29 -44.81 -13.69
N ASP A 512 25.17 -44.84 -12.69
CA ASP A 512 25.53 -46.07 -12.01
C ASP A 512 25.60 -45.80 -10.52
N PRO A 513 24.42 -45.69 -9.87
CA PRO A 513 24.29 -45.26 -8.48
C PRO A 513 25.01 -46.17 -7.48
N ASN A 514 25.81 -45.57 -6.61
CA ASN A 514 26.60 -46.31 -5.64
C ASN A 514 25.96 -46.33 -4.26
N ASP A 515 24.78 -45.74 -4.15
CA ASP A 515 24.13 -45.55 -2.85
C ASP A 515 22.68 -45.10 -3.01
N ILE A 516 21.84 -45.50 -2.06
CA ILE A 516 20.40 -45.25 -2.13
C ILE A 516 20.01 -43.77 -2.23
N ALA A 517 20.95 -42.88 -1.90
CA ALA A 517 20.67 -41.44 -1.95
C ALA A 517 20.38 -40.93 -3.35
N TYR A 518 20.52 -41.79 -4.35
CA TYR A 518 20.27 -41.41 -5.74
C TYR A 518 18.80 -41.11 -5.97
N VAL A 519 17.93 -41.72 -5.16
CA VAL A 519 16.49 -41.63 -5.36
C VAL A 519 15.98 -40.21 -5.16
N TYR A 520 16.72 -39.41 -4.39
CA TYR A 520 16.35 -38.01 -4.16
C TYR A 520 17.46 -37.08 -4.62
N SER A 521 18.32 -37.58 -5.51
CA SER A 521 19.43 -36.82 -6.06
C SER A 521 20.32 -36.18 -5.00
N GLY A 522 20.69 -36.96 -3.98
CA GLY A 522 21.64 -36.49 -2.99
C GLY A 522 21.19 -36.65 -1.55
N TYR A 523 19.98 -37.17 -1.36
CA TYR A 523 19.47 -37.39 -0.01
C TYR A 523 18.92 -38.80 0.16
N ALA A 524 19.51 -39.56 1.08
CA ALA A 524 19.04 -40.90 1.40
C ALA A 524 17.96 -40.86 2.48
N PRO A 525 16.84 -41.56 2.25
CA PRO A 525 15.73 -41.63 3.20
C PRO A 525 16.18 -42.16 4.56
N LEU A 526 15.82 -41.46 5.64
CA LEU A 526 16.18 -41.89 6.98
C LEU A 526 15.69 -43.29 7.27
N SER A 527 14.47 -43.58 6.83
CA SER A 527 13.84 -44.88 7.04
C SER A 527 14.70 -46.04 6.52
N ILE A 528 15.16 -45.91 5.28
CA ILE A 528 15.93 -46.99 4.65
C ILE A 528 17.35 -47.04 5.22
N ARG A 529 17.85 -45.90 5.70
CA ARG A 529 19.13 -45.87 6.38
C ARG A 529 19.06 -46.65 7.70
N LEU A 530 17.90 -46.59 8.35
CA LEU A 530 17.66 -47.37 9.55
C LEU A 530 17.72 -48.87 9.26
N VAL A 531 17.07 -49.27 8.16
CA VAL A 531 17.12 -50.65 7.71
C VAL A 531 18.57 -51.08 7.44
N GLN A 532 19.35 -50.17 6.86
CA GLN A 532 20.76 -50.43 6.59
C GLN A 532 21.57 -50.58 7.88
N CYS A 533 21.06 -50.00 8.97
CA CYS A 533 21.72 -50.15 10.27
C CYS A 533 21.61 -51.59 10.76
N VAL A 534 20.63 -52.32 10.23
CA VAL A 534 20.44 -53.72 10.58
C VAL A 534 21.11 -54.62 9.57
N LEU A 535 20.89 -54.34 8.28
CA LEU A 535 21.31 -55.22 7.20
C LEU A 535 22.75 -54.96 6.72
N GLN A 536 23.08 -53.71 6.43
CA GLN A 536 24.38 -53.36 5.86
C GLN A 536 25.26 -52.53 6.80
N LYS A 537 25.66 -53.13 7.91
CA LYS A 537 26.40 -52.42 8.96
C LYS A 537 27.79 -51.97 8.52
N GLN A 538 28.53 -52.87 7.87
CA GLN A 538 29.87 -52.55 7.40
C GLN A 538 29.86 -51.38 6.43
N TYR A 539 28.96 -51.44 5.44
CA TYR A 539 28.87 -50.39 4.43
C TYR A 539 28.57 -49.04 5.05
N LEU A 540 27.74 -49.03 6.08
CA LEU A 540 27.33 -47.79 6.73
C LEU A 540 28.51 -47.12 7.39
N LEU A 541 29.28 -47.88 8.15
CA LEU A 541 30.51 -47.37 8.76
C LEU A 541 31.48 -46.88 7.69
N SER A 542 31.46 -47.52 6.53
CA SER A 542 32.34 -47.14 5.43
C SER A 542 32.04 -45.73 4.92
N ILE A 543 30.76 -45.34 4.93
CA ILE A 543 30.37 -44.01 4.47
C ILE A 543 30.16 -43.05 5.64
N THR A 544 30.89 -43.28 6.73
CA THR A 544 30.78 -42.46 7.92
C THR A 544 32.17 -42.00 8.37
N LYS A 545 32.87 -42.89 9.05
CA LYS A 545 34.21 -42.61 9.56
C LYS A 545 35.27 -43.11 8.58
N GLY A 546 35.20 -44.40 8.25
CA GLY A 546 36.16 -45.02 7.36
C GLY A 546 36.50 -46.42 7.80
N SER A 547 36.74 -47.30 6.82
CA SER A 547 37.05 -48.71 7.09
C SER A 547 35.99 -49.37 7.96
N GLY A 558 28.03 -65.00 7.26
CA GLY A 558 27.25 -64.01 7.99
C GLY A 558 27.07 -64.37 9.44
N GLY A 559 25.91 -64.95 9.76
CA GLY A 559 25.61 -65.35 11.13
C GLY A 559 25.29 -64.16 12.01
N GLY A 560 26.27 -63.27 12.18
CA GLY A 560 26.11 -62.09 13.00
C GLY A 560 27.11 -61.02 12.59
N ALA A 561 27.09 -59.88 13.30
CA ALA A 561 26.16 -59.67 14.41
C ALA A 561 24.86 -59.02 13.96
N GLN A 562 23.75 -59.73 14.16
CA GLN A 562 22.42 -59.22 13.80
C GLN A 562 21.95 -58.16 14.79
N GLY A 563 20.72 -57.68 14.59
CA GLY A 563 20.13 -56.71 15.49
C GLY A 563 20.50 -55.29 15.13
N TRP A 564 20.28 -54.37 16.08
CA TRP A 564 20.73 -52.99 15.92
C TRP A 564 22.17 -52.82 16.40
N LYS A 565 22.83 -53.94 16.69
CA LYS A 565 24.17 -53.93 17.28
C LYS A 565 25.16 -52.99 16.59
N GLY A 566 25.74 -52.11 17.39
CA GLY A 566 26.74 -51.16 16.90
C GLY A 566 26.14 -49.86 16.44
N PHE A 567 24.81 -49.79 16.42
CA PHE A 567 24.11 -48.58 16.01
C PHE A 567 23.02 -48.18 17.00
N GLU A 568 23.19 -48.60 18.25
CA GLU A 568 22.19 -48.37 19.28
C GLU A 568 22.02 -46.88 19.61
N GLU A 569 23.13 -46.15 19.72
CA GLU A 569 23.07 -44.74 20.10
C GLU A 569 22.55 -43.85 18.98
N ILE A 570 22.86 -44.21 17.74
CA ILE A 570 22.41 -43.43 16.59
C ILE A 570 20.91 -43.57 16.37
N VAL A 571 20.43 -44.81 16.33
CA VAL A 571 19.01 -45.09 16.13
C VAL A 571 18.16 -44.56 17.28
N LYS A 572 18.80 -44.41 18.45
CA LYS A 572 18.14 -43.85 19.62
C LYS A 572 17.64 -42.42 19.35
N HIS A 573 18.26 -41.74 18.39
CA HIS A 573 17.90 -40.35 18.08
C HIS A 573 16.75 -40.27 17.07
N ALA A 574 16.20 -41.42 16.72
CA ALA A 574 14.98 -41.46 15.92
C ALA A 574 13.78 -41.71 16.83
N ARG A 575 12.63 -41.15 16.46
CA ARG A 575 11.40 -41.23 17.24
C ARG A 575 11.02 -42.67 17.58
N GLY A 576 10.37 -42.86 18.72
CA GLY A 576 9.78 -44.14 19.07
C GLY A 576 10.77 -45.18 19.57
N PRO A 577 10.25 -46.31 20.07
CA PRO A 577 11.00 -47.43 20.66
C PRO A 577 11.87 -48.18 19.65
N THR A 578 13.08 -48.51 20.05
CA THR A 578 13.93 -49.44 19.31
C THR A 578 13.87 -50.81 19.96
N PHE A 579 13.55 -51.85 19.18
CA PHE A 579 13.46 -53.19 19.73
C PHE A 579 14.00 -54.29 18.84
N ASP A 580 14.14 -55.48 19.42
CA ASP A 580 14.68 -56.64 18.74
C ASP A 580 14.28 -57.89 19.51
N GLU A 581 13.04 -58.33 19.32
CA GLU A 581 12.54 -59.53 19.98
C GLU A 581 13.02 -60.79 19.29
N ILE A 582 13.35 -61.81 20.08
CA ILE A 582 13.77 -63.09 19.55
C ILE A 582 12.74 -64.15 19.92
N GLN A 583 12.29 -64.90 18.92
CA GLN A 583 11.31 -65.95 19.16
C GLN A 583 11.98 -67.33 19.11
N LYS A 584 11.68 -68.15 20.10
CA LYS A 584 12.31 -69.46 20.25
C LYS A 584 11.29 -70.56 20.46
N GLY A 601 20.86 -71.91 7.06
CA GLY A 601 21.83 -72.45 6.13
C GLY A 601 22.11 -71.53 4.96
N ASP A 602 21.43 -71.79 3.85
CA ASP A 602 21.58 -70.98 2.64
C ASP A 602 20.74 -69.71 2.73
N LYS A 603 20.64 -68.99 1.62
CA LYS A 603 20.02 -67.66 1.63
C LYS A 603 18.55 -67.73 2.02
N LYS A 604 18.17 -66.84 2.95
CA LYS A 604 16.81 -66.78 3.46
C LYS A 604 16.17 -65.45 3.09
N THR A 605 14.86 -65.34 3.29
CA THR A 605 14.16 -64.11 2.97
C THR A 605 14.06 -63.17 4.17
N VAL A 606 14.08 -61.87 3.89
CA VAL A 606 13.94 -60.86 4.94
C VAL A 606 12.76 -59.94 4.62
N PHE A 607 11.82 -59.85 5.55
CA PHE A 607 10.65 -58.99 5.34
C PHE A 607 10.88 -57.60 5.93
N VAL A 608 10.87 -56.59 5.07
CA VAL A 608 10.95 -55.21 5.52
C VAL A 608 9.55 -54.61 5.52
N VAL A 609 9.00 -54.37 6.71
CA VAL A 609 7.61 -53.98 6.84
C VAL A 609 7.45 -52.51 7.23
N PHE A 610 6.60 -51.81 6.48
CA PHE A 610 6.31 -50.40 6.76
C PHE A 610 4.90 -50.25 7.31
N VAL A 611 4.79 -49.88 8.58
CA VAL A 611 3.50 -49.58 9.17
C VAL A 611 3.14 -48.12 8.95
N GLY A 612 2.13 -47.87 8.13
CA GLY A 612 1.68 -46.51 7.87
C GLY A 612 2.12 -45.93 6.54
N GLY A 613 2.34 -46.79 5.54
CA GLY A 613 2.68 -46.33 4.20
C GLY A 613 4.15 -46.38 3.85
N ILE A 614 4.43 -46.73 2.60
CA ILE A 614 5.78 -46.68 2.05
C ILE A 614 5.76 -45.92 0.71
N THR A 615 6.89 -45.35 0.32
CA THR A 615 6.97 -44.60 -0.93
C THR A 615 7.70 -45.37 -2.00
N PHE A 616 7.45 -45.03 -3.26
CA PHE A 616 8.11 -45.67 -4.38
C PHE A 616 9.62 -45.46 -4.31
N THR A 617 10.02 -44.30 -3.80
CA THR A 617 11.44 -44.03 -3.56
C THR A 617 12.01 -45.01 -2.55
N GLU A 618 11.27 -45.27 -1.47
CA GLU A 618 11.72 -46.20 -0.45
C GLU A 618 11.70 -47.63 -0.96
N ILE A 619 10.77 -47.92 -1.88
CA ILE A 619 10.68 -49.24 -2.49
C ILE A 619 11.88 -49.47 -3.41
N ALA A 620 12.13 -48.48 -4.28
CA ALA A 620 13.27 -48.50 -5.18
C ALA A 620 14.58 -48.62 -4.40
N ALA A 621 14.71 -47.82 -3.34
CA ALA A 621 15.90 -47.86 -2.49
C ALA A 621 16.11 -49.24 -1.89
N LEU A 622 15.01 -49.84 -1.44
CA LEU A 622 15.05 -51.19 -0.88
C LEU A 622 15.44 -52.20 -1.96
N ARG A 623 14.94 -52.01 -3.17
CA ARG A 623 15.29 -52.87 -4.29
C ARG A 623 16.77 -52.73 -4.64
N PHE A 624 17.31 -51.53 -4.45
CA PHE A 624 18.72 -51.27 -4.70
C PHE A 624 19.59 -52.08 -3.75
N ILE A 625 19.10 -52.26 -2.54
CA ILE A 625 19.81 -53.02 -1.51
C ILE A 625 19.61 -54.53 -1.73
N ALA A 626 18.39 -54.89 -2.14
CA ALA A 626 18.04 -56.27 -2.43
C ALA A 626 18.99 -56.88 -3.46
N LYS A 627 19.36 -56.07 -4.45
CA LYS A 627 20.32 -56.48 -5.48
C LYS A 627 21.69 -56.69 -4.86
N GLN A 628 22.15 -55.74 -4.07
CA GLN A 628 23.44 -55.83 -3.39
C GLN A 628 23.51 -57.04 -2.46
N GLU A 629 22.36 -57.56 -2.07
CA GLU A 629 22.27 -58.65 -1.11
C GLU A 629 21.70 -59.92 -1.73
N GLU A 630 21.47 -59.87 -3.03
CA GLU A 630 20.86 -60.97 -3.79
C GLU A 630 21.46 -62.35 -3.48
N ALA A 631 22.74 -62.37 -3.13
CA ALA A 631 23.44 -63.61 -2.82
C ALA A 631 22.91 -64.27 -1.56
N ARG A 632 23.02 -63.56 -0.43
CA ARG A 632 22.73 -64.15 0.88
C ARG A 632 21.30 -63.89 1.39
N ARG A 633 20.56 -63.00 0.74
CA ARG A 633 19.23 -62.61 1.23
C ARG A 633 18.19 -62.38 0.13
N ASN A 634 16.94 -62.70 0.44
CA ASN A 634 15.81 -62.29 -0.39
C ASN A 634 14.97 -61.25 0.36
N ILE A 635 14.98 -60.01 -0.12
CA ILE A 635 14.25 -58.95 0.57
C ILE A 635 12.84 -58.80 0.03
N VAL A 636 11.85 -58.94 0.90
CA VAL A 636 10.45 -58.82 0.52
C VAL A 636 9.77 -57.70 1.31
N ILE A 637 9.19 -56.74 0.59
CA ILE A 637 8.60 -55.55 1.21
C ILE A 637 7.13 -55.73 1.55
N CYS A 638 6.75 -55.33 2.76
CA CYS A 638 5.35 -55.32 3.17
C CYS A 638 4.95 -53.93 3.69
N THR A 639 3.70 -53.55 3.47
CA THR A 639 3.22 -52.25 3.90
C THR A 639 1.70 -52.22 4.05
N THR A 640 1.21 -51.27 4.83
CA THR A 640 -0.22 -51.06 5.00
C THR A 640 -0.83 -50.47 3.73
N SER A 641 -0.05 -49.60 3.09
CA SER A 641 -0.45 -48.96 1.84
C SER A 641 0.77 -48.38 1.16
N ILE A 642 0.59 -47.85 -0.04
CA ILE A 642 1.65 -47.10 -0.70
C ILE A 642 1.33 -45.62 -0.62
N ILE A 643 2.23 -44.87 0.01
CA ILE A 643 1.95 -43.50 0.43
C ILE A 643 2.80 -42.47 -0.32
N ASN A 644 2.34 -41.22 -0.32
CA ASN A 644 3.13 -40.11 -0.83
C ASN A 644 2.72 -38.79 -0.18
N GLY A 645 3.43 -37.72 -0.51
CA GLY A 645 3.19 -36.41 0.08
C GLY A 645 1.78 -35.89 -0.07
N ASN A 646 1.18 -36.08 -1.24
CA ASN A 646 -0.15 -35.56 -1.51
C ASN A 646 -1.22 -36.34 -0.76
N ARG A 647 -1.03 -37.65 -0.62
CA ARG A 647 -1.95 -38.46 0.16
C ARG A 647 -1.91 -38.02 1.62
N MET A 648 -0.70 -37.73 2.13
CA MET A 648 -0.53 -37.27 3.49
C MET A 648 -1.29 -35.98 3.77
N MET A 649 -1.13 -35.00 2.89
CA MET A 649 -1.81 -33.72 3.05
C MET A 649 -3.32 -33.87 2.99
N ASN A 650 -3.79 -34.71 2.07
CA ASN A 650 -5.22 -34.95 1.90
C ASN A 650 -5.89 -35.48 3.16
N ALA A 651 -5.09 -36.10 4.02
CA ALA A 651 -5.57 -36.55 5.32
C ALA A 651 -6.00 -35.36 6.19
N ALA A 652 -5.35 -34.21 5.97
CA ALA A 652 -5.51 -33.07 6.86
C ALA A 652 -6.31 -31.91 6.28
N ILE A 653 -6.38 -31.82 4.95
CA ILE A 653 -6.96 -30.63 4.31
C ILE A 653 -8.49 -30.59 4.33
N GLU A 654 -9.04 -29.59 5.01
CA GLU A 654 -10.48 -29.34 5.04
C GLU A 654 -10.97 -28.83 3.69
N THR A 655 -12.01 -29.47 3.16
CA THR A 655 -12.49 -29.12 1.82
C THR A 655 -13.75 -28.26 1.80
N ALA A 656 -14.39 -28.08 2.97
CA ALA A 656 -15.53 -27.17 3.05
C ALA A 656 -15.07 -25.75 2.77
N THR A 657 -16.00 -24.81 2.57
CA THR A 657 -15.61 -23.63 1.80
C THR A 657 -16.29 -22.28 2.06
N PHE A 658 -17.24 -22.20 2.99
CA PHE A 658 -17.90 -20.91 3.31
C PHE A 658 -18.67 -20.28 2.14
N GLU A 659 -18.79 -20.99 1.02
CA GLU A 659 -19.40 -20.41 -0.17
C GLU A 659 -20.91 -20.61 -0.25
N LYS A 660 -21.47 -20.26 -1.40
CA LYS A 660 -22.90 -20.43 -1.66
C LYS A 660 -23.28 -21.91 -1.74
N SER B 4 -17.35 -39.19 54.08
CA SER B 4 -16.03 -39.77 53.80
C SER B 4 -16.11 -41.30 53.75
N PHE B 5 -16.84 -41.88 54.68
CA PHE B 5 -16.95 -43.33 54.80
C PHE B 5 -17.76 -43.95 53.67
N GLU B 6 -18.95 -43.40 53.43
CA GLU B 6 -19.90 -43.92 52.46
C GLU B 6 -19.28 -44.34 51.13
N VAL B 7 -18.22 -43.66 50.71
CA VAL B 7 -17.52 -43.99 49.47
C VAL B 7 -16.37 -44.97 49.70
N ILE B 8 -15.83 -45.01 50.91
CA ILE B 8 -14.76 -45.93 51.26
C ILE B 8 -15.16 -47.38 51.07
N ALA B 9 -16.42 -47.68 51.36
CA ALA B 9 -16.94 -49.04 51.18
C ALA B 9 -16.84 -49.45 49.72
N ARG B 10 -17.15 -48.51 48.82
CA ARG B 10 -17.04 -48.75 47.38
C ARG B 10 -15.58 -48.92 46.96
N THR B 11 -14.72 -48.03 47.45
CA THR B 11 -13.30 -48.07 47.11
C THR B 11 -12.66 -49.38 47.57
N ALA B 12 -13.24 -50.01 48.58
CA ALA B 12 -12.73 -51.29 49.08
C ALA B 12 -13.40 -52.48 48.38
N TYR B 13 -14.73 -52.42 48.25
CA TYR B 13 -15.49 -53.48 47.59
C TYR B 13 -15.07 -53.73 46.15
N GLU B 14 -15.00 -52.65 45.37
CA GLU B 14 -14.65 -52.76 43.95
C GLU B 14 -13.19 -53.15 43.82
N GLU B 15 -12.38 -52.74 44.79
CA GLU B 15 -10.99 -53.17 44.89
C GLU B 15 -10.91 -54.64 45.30
N GLY B 16 -12.07 -55.20 45.64
CA GLY B 16 -12.18 -56.60 45.99
C GLY B 16 -12.77 -57.39 44.83
N ARG B 17 -13.73 -56.78 44.14
CA ARG B 17 -14.28 -57.35 42.92
C ARG B 17 -13.19 -57.50 41.87
N THR B 18 -12.23 -56.58 41.89
CA THR B 18 -11.12 -56.59 40.96
C THR B 18 -10.13 -57.67 41.40
N ARG B 19 -10.02 -57.85 42.72
CA ARG B 19 -9.11 -58.84 43.29
C ARG B 19 -9.41 -60.24 42.77
N LEU B 20 -10.68 -60.63 42.81
CA LEU B 20 -11.06 -61.96 42.35
C LEU B 20 -11.30 -62.01 40.84
N ALA B 21 -11.50 -60.86 40.22
CA ALA B 21 -11.62 -60.79 38.77
C ALA B 21 -10.27 -61.06 38.09
N THR B 22 -9.22 -60.45 38.63
CA THR B 22 -7.87 -60.67 38.14
C THR B 22 -7.47 -62.13 38.36
N GLU B 23 -8.18 -62.79 39.27
CA GLU B 23 -8.01 -64.22 39.50
C GLU B 23 -8.73 -65.04 38.44
N LEU B 24 -8.72 -64.54 37.20
CA LEU B 24 -9.28 -65.28 36.07
C LEU B 24 -8.57 -64.95 34.77
N LEU B 25 -7.86 -63.83 34.72
CA LEU B 25 -7.08 -63.49 33.53
C LEU B 25 -5.86 -64.41 33.46
N ASN B 26 -5.64 -65.16 34.54
CA ASN B 26 -4.61 -66.19 34.57
C ASN B 26 -5.15 -67.52 34.03
N HIS B 27 -6.23 -68.01 34.64
CA HIS B 27 -6.83 -69.27 34.20
C HIS B 27 -7.99 -69.05 33.25
N GLU B 28 -7.85 -69.62 32.05
CA GLU B 28 -8.80 -69.48 30.93
C GLU B 28 -8.74 -68.12 30.22
N PRO B 29 -7.55 -67.70 29.74
CA PRO B 29 -7.48 -66.54 28.85
C PRO B 29 -7.54 -67.04 27.39
N ARG B 30 -7.39 -66.23 26.34
CA ARG B 30 -7.13 -64.80 26.39
C ARG B 30 -8.17 -63.99 25.61
N ALA B 31 -7.89 -62.70 25.48
CA ALA B 31 -8.71 -61.69 24.81
C ALA B 31 -10.14 -62.08 24.45
N GLY B 32 -10.29 -62.88 23.40
CA GLY B 32 -11.59 -63.22 22.86
C GLY B 32 -12.66 -63.64 23.86
N ARG B 33 -12.30 -64.54 24.77
CA ARG B 33 -13.24 -65.05 25.77
C ARG B 33 -13.28 -64.23 27.05
N GLN B 34 -12.20 -63.50 27.34
CA GLN B 34 -12.05 -62.89 28.65
C GLN B 34 -12.68 -61.50 28.79
N VAL B 35 -12.93 -60.79 27.69
CA VAL B 35 -13.64 -59.52 27.80
C VAL B 35 -15.18 -59.69 27.86
N PRO B 36 -15.74 -60.74 27.23
CA PRO B 36 -17.17 -60.90 27.51
C PRO B 36 -17.43 -61.34 28.95
N LEU B 37 -16.49 -62.09 29.52
CA LEU B 37 -16.57 -62.52 30.91
C LEU B 37 -16.51 -61.32 31.85
N LEU B 38 -15.41 -60.58 31.79
CA LEU B 38 -15.22 -59.37 32.59
C LEU B 38 -16.39 -58.40 32.47
N LEU B 39 -16.99 -58.35 31.29
CA LEU B 39 -18.07 -57.40 31.02
C LEU B 39 -19.35 -57.84 31.70
N SER B 40 -19.49 -59.15 31.91
CA SER B 40 -20.63 -59.69 32.65
C SER B 40 -20.54 -59.31 34.13
N MET B 41 -19.34 -59.39 34.69
CA MET B 41 -19.12 -59.13 36.10
C MET B 41 -19.03 -57.65 36.46
N GLU B 42 -19.64 -56.80 35.63
CA GLU B 42 -19.60 -55.35 35.83
C GLU B 42 -18.19 -54.79 36.02
N GLU B 43 -17.20 -55.46 35.44
CA GLU B 43 -15.82 -54.98 35.47
C GLU B 43 -15.55 -54.27 34.15
N ASP B 44 -16.41 -53.29 33.85
CA ASP B 44 -16.29 -52.40 32.70
C ASP B 44 -14.87 -51.95 32.36
N GLU B 45 -14.24 -51.25 33.29
CA GLU B 45 -12.91 -50.68 33.08
C GLU B 45 -11.84 -51.73 32.76
N LEU B 46 -12.00 -52.94 33.27
CA LEU B 46 -11.06 -54.02 32.99
C LEU B 46 -11.31 -54.65 31.62
N ALA B 47 -12.57 -54.88 31.31
CA ALA B 47 -12.96 -55.39 29.99
C ALA B 47 -12.44 -54.51 28.86
N LEU B 48 -12.64 -53.19 28.99
CA LEU B 48 -12.19 -52.25 27.97
C LEU B 48 -10.68 -52.26 27.81
N ASP B 49 -9.96 -52.17 28.93
CA ASP B 49 -8.50 -52.19 28.90
C ASP B 49 -7.97 -53.49 28.29
N LYS B 50 -8.57 -54.61 28.68
CA LYS B 50 -8.22 -55.90 28.10
C LYS B 50 -8.47 -55.93 26.59
N ALA B 51 -9.56 -55.31 26.15
CA ALA B 51 -9.90 -55.25 24.73
C ALA B 51 -8.90 -54.40 23.96
N ILE B 52 -8.51 -53.27 24.55
CA ILE B 52 -7.58 -52.34 23.92
C ILE B 52 -6.20 -52.99 23.74
N GLU B 53 -5.76 -53.72 24.75
CA GLU B 53 -4.51 -54.45 24.69
C GLU B 53 -4.51 -55.50 23.57
N SER B 54 -5.68 -56.08 23.32
CA SER B 54 -5.81 -57.12 22.31
C SER B 54 -5.56 -56.61 20.90
N GLY B 55 -5.77 -55.31 20.71
CA GLY B 55 -5.55 -54.70 19.40
C GLY B 55 -6.75 -54.85 18.48
N ASP B 56 -7.67 -55.74 18.87
CA ASP B 56 -8.87 -55.99 18.07
C ASP B 56 -9.84 -54.83 18.16
N THR B 57 -9.82 -53.98 17.14
CA THR B 57 -10.74 -52.86 17.01
C THR B 57 -12.20 -53.24 17.24
N ASP B 58 -12.61 -54.38 16.70
CA ASP B 58 -14.00 -54.83 16.77
C ASP B 58 -14.35 -55.20 18.21
N LEU B 59 -13.37 -55.74 18.91
CA LEU B 59 -13.55 -56.10 20.31
C LEU B 59 -13.73 -54.84 21.17
N ILE B 60 -12.89 -53.85 20.92
CA ILE B 60 -12.95 -52.56 21.61
C ILE B 60 -14.32 -51.89 21.45
N TYR B 61 -14.85 -51.90 20.23
CA TYR B 61 -16.16 -51.33 19.95
C TYR B 61 -17.20 -51.97 20.86
N PHE B 62 -17.12 -53.29 20.99
CA PHE B 62 -18.11 -54.05 21.71
C PHE B 62 -18.20 -53.64 23.19
N VAL B 63 -17.05 -53.45 23.82
CA VAL B 63 -17.02 -53.01 25.21
C VAL B 63 -17.47 -51.55 25.31
N ILE B 64 -17.08 -50.73 24.33
CA ILE B 64 -17.46 -49.33 24.30
C ILE B 64 -18.96 -49.17 24.13
N HIS B 65 -19.53 -49.89 23.16
CA HIS B 65 -20.95 -49.81 22.88
C HIS B 65 -21.75 -50.25 24.09
N GLN B 66 -21.25 -51.27 24.79
CA GLN B 66 -21.90 -51.77 25.99
C GLN B 66 -21.89 -50.72 27.10
N LEU B 67 -20.71 -50.17 27.35
CA LEU B 67 -20.52 -49.12 28.35
C LEU B 67 -21.42 -47.92 28.09
N ARG B 68 -21.63 -47.60 26.82
CA ARG B 68 -22.39 -46.41 26.44
C ARG B 68 -23.83 -46.42 26.96
N ARG B 69 -24.52 -47.55 26.77
CA ARG B 69 -25.92 -47.64 27.14
C ARG B 69 -26.11 -48.17 28.56
N LYS B 70 -25.05 -48.72 29.13
CA LYS B 70 -25.09 -49.20 30.52
C LYS B 70 -24.83 -48.07 31.51
N LEU B 71 -23.79 -47.28 31.27
CA LEU B 71 -23.36 -46.24 32.20
C LEU B 71 -24.11 -44.93 32.01
N PRO B 72 -24.13 -44.09 33.05
CA PRO B 72 -24.52 -42.69 32.85
C PRO B 72 -23.55 -42.01 31.91
N LEU B 73 -24.06 -41.24 30.95
CA LEU B 73 -23.22 -40.64 29.90
C LEU B 73 -22.05 -39.86 30.47
N ALA B 74 -22.27 -39.19 31.60
CA ALA B 74 -21.22 -38.44 32.27
C ALA B 74 -20.09 -39.38 32.69
N SER B 75 -20.45 -40.57 33.16
CA SER B 75 -19.48 -41.55 33.61
C SER B 75 -18.84 -42.25 32.42
N PHE B 76 -19.63 -42.45 31.37
CA PHE B 76 -19.13 -43.01 30.12
C PHE B 76 -17.97 -42.18 29.58
N PHE B 77 -18.16 -40.87 29.55
CA PHE B 77 -17.13 -39.94 29.11
C PHE B 77 -15.89 -40.02 29.99
N ARG B 78 -16.12 -40.17 31.30
CA ARG B 78 -15.03 -40.30 32.26
C ARG B 78 -14.17 -41.50 31.93
N VAL B 79 -14.81 -42.66 31.83
CA VAL B 79 -14.12 -43.92 31.57
C VAL B 79 -13.35 -43.92 30.24
N VAL B 80 -14.01 -43.44 29.19
CA VAL B 80 -13.46 -43.54 27.84
C VAL B 80 -12.31 -42.54 27.62
N SER B 81 -12.24 -41.49 28.43
CA SER B 81 -11.25 -40.45 28.24
C SER B 81 -9.93 -40.76 28.95
N SER B 82 -9.96 -41.72 29.87
CA SER B 82 -8.75 -42.23 30.49
C SER B 82 -7.87 -42.89 29.43
N ARG B 83 -8.51 -43.64 28.54
CA ARG B 83 -7.80 -44.39 27.51
C ARG B 83 -7.96 -43.74 26.15
N PRO B 84 -6.89 -43.11 25.64
CA PRO B 84 -6.84 -42.42 24.34
C PRO B 84 -7.47 -43.25 23.24
N THR B 85 -7.05 -44.50 23.12
CA THR B 85 -7.48 -45.38 22.04
C THR B 85 -8.99 -45.56 22.04
N ALA B 86 -9.58 -45.50 23.23
CA ALA B 86 -11.03 -45.63 23.37
C ALA B 86 -11.74 -44.32 23.05
N SER B 87 -11.19 -43.22 23.56
CA SER B 87 -11.71 -41.89 23.27
C SER B 87 -11.60 -41.60 21.78
N ALA B 88 -10.53 -42.08 21.17
CA ALA B 88 -10.28 -41.89 19.75
C ALA B 88 -11.40 -42.51 18.94
N MET B 89 -11.81 -43.71 19.32
CA MET B 89 -12.79 -44.44 18.53
C MET B 89 -14.20 -43.93 18.76
N VAL B 90 -14.49 -43.48 19.99
CA VAL B 90 -15.77 -42.86 20.28
C VAL B 90 -15.90 -41.57 19.49
N GLU B 91 -14.80 -40.82 19.45
CA GLU B 91 -14.70 -39.57 18.70
C GLU B 91 -14.95 -39.77 17.22
N ALA B 92 -14.30 -40.78 16.64
CA ALA B 92 -14.37 -41.03 15.20
C ALA B 92 -15.75 -41.51 14.79
N LEU B 93 -16.33 -42.40 15.59
CA LEU B 93 -17.64 -42.97 15.32
C LEU B 93 -18.72 -41.90 15.31
N ALA B 94 -18.52 -40.86 16.12
CA ALA B 94 -19.49 -39.77 16.22
C ALA B 94 -19.49 -38.97 14.93
N ARG B 95 -18.54 -39.27 14.06
CA ARG B 95 -18.43 -38.65 12.75
C ARG B 95 -18.81 -39.60 11.62
N ASN B 96 -19.24 -40.81 11.96
CA ASN B 96 -19.39 -41.89 10.99
C ASN B 96 -20.72 -42.65 11.00
N SER B 97 -21.61 -42.31 11.93
CA SER B 97 -22.84 -43.08 12.11
C SER B 97 -23.86 -42.93 10.98
N ASP B 98 -23.48 -43.32 9.76
CA ASP B 98 -24.41 -43.21 8.63
C ASP B 98 -24.27 -44.25 7.49
N GLY B 99 -23.08 -44.47 6.91
CA GLY B 99 -21.82 -43.91 7.34
C GLY B 99 -21.38 -42.66 6.61
N ASP B 100 -20.30 -42.06 7.11
CA ASP B 100 -19.79 -40.77 6.62
C ASP B 100 -20.86 -39.68 6.75
N GLY B 101 -20.57 -38.49 6.23
CA GLY B 101 -21.52 -37.39 6.25
C GLY B 101 -22.15 -37.05 7.59
N ASN B 102 -23.15 -37.83 7.98
CA ASN B 102 -23.95 -37.52 9.17
C ASN B 102 -23.12 -37.56 10.45
N GLU B 103 -23.48 -36.70 11.40
CA GLU B 103 -22.66 -36.50 12.60
C GLU B 103 -23.45 -36.56 13.90
N ASP B 104 -22.91 -37.26 14.89
CA ASP B 104 -23.42 -37.16 16.25
C ASP B 104 -22.72 -35.99 16.93
N THR B 105 -22.99 -34.78 16.45
CA THR B 105 -22.34 -33.58 16.96
C THR B 105 -22.55 -33.39 18.46
N ALA B 106 -23.75 -33.71 18.93
CA ALA B 106 -24.09 -33.58 20.35
C ALA B 106 -23.13 -34.36 21.24
N LEU B 107 -22.69 -35.52 20.78
CA LEU B 107 -21.76 -36.35 21.54
C LEU B 107 -20.42 -35.66 21.68
N LEU B 108 -19.86 -35.21 20.56
CA LEU B 108 -18.59 -34.49 20.56
C LEU B 108 -18.62 -33.26 21.44
N LYS B 109 -19.66 -32.44 21.25
CA LYS B 109 -19.84 -31.22 22.05
C LYS B 109 -19.80 -31.52 23.55
N ASP B 110 -20.57 -32.51 23.99
CA ASP B 110 -20.60 -32.88 25.40
C ASP B 110 -19.26 -33.46 25.84
N LEU B 111 -18.70 -34.33 25.01
CA LEU B 111 -17.42 -34.96 25.32
C LEU B 111 -16.28 -33.95 25.43
N TYR B 112 -16.15 -33.09 24.43
CA TYR B 112 -15.06 -32.11 24.42
C TYR B 112 -15.19 -31.07 25.54
N TYR B 113 -16.40 -30.87 26.04
CA TYR B 113 -16.63 -29.90 27.10
C TYR B 113 -16.20 -30.46 28.45
N GLN B 114 -16.51 -31.73 28.68
CA GLN B 114 -16.16 -32.39 29.93
C GLN B 114 -14.65 -32.48 30.14
N ASP B 115 -13.91 -32.63 29.05
CA ASP B 115 -12.45 -32.76 29.12
C ASP B 115 -11.75 -31.42 28.99
N ASP B 116 -12.54 -30.35 28.86
CA ASP B 116 -12.03 -29.00 28.65
C ASP B 116 -11.10 -28.95 27.43
N ARG B 117 -11.46 -29.71 26.40
CA ARG B 117 -10.78 -29.65 25.13
C ARG B 117 -11.41 -28.55 24.30
N ARG B 118 -10.78 -27.37 24.32
CA ARG B 118 -11.39 -26.18 23.75
C ARG B 118 -11.13 -26.06 22.26
N LEU B 119 -9.91 -26.39 21.84
CA LEU B 119 -9.58 -26.39 20.42
C LEU B 119 -10.45 -27.39 19.66
N ASP B 120 -10.61 -28.58 20.22
CA ASP B 120 -11.43 -29.61 19.56
C ASP B 120 -12.90 -29.23 19.59
N GLY B 121 -13.31 -28.52 20.63
CA GLY B 121 -14.69 -28.09 20.76
C GLY B 121 -15.00 -26.95 19.80
N ALA B 122 -14.12 -25.95 19.80
CA ALA B 122 -14.24 -24.83 18.86
C ALA B 122 -14.23 -25.31 17.42
N SER B 123 -13.43 -26.32 17.14
CA SER B 123 -13.30 -26.83 15.78
C SER B 123 -14.61 -27.43 15.28
N VAL B 124 -15.40 -27.95 16.21
CA VAL B 124 -16.71 -28.50 15.86
C VAL B 124 -17.63 -27.42 15.31
N PHE B 125 -17.60 -26.25 15.95
CA PHE B 125 -18.45 -25.13 15.56
C PHE B 125 -18.03 -24.53 14.22
N ILE B 126 -16.72 -24.52 13.96
CA ILE B 126 -16.20 -24.07 12.68
C ILE B 126 -16.71 -24.96 11.57
N ARG B 127 -16.80 -26.25 11.87
CA ARG B 127 -17.32 -27.23 10.92
C ARG B 127 -18.79 -26.94 10.62
N GLU B 128 -19.52 -26.49 11.63
CA GLU B 128 -20.92 -26.11 11.46
C GLU B 128 -21.05 -24.85 10.60
N ALA B 129 -20.13 -23.91 10.80
CA ALA B 129 -20.17 -22.63 10.11
C ALA B 129 -20.02 -22.81 8.60
N LEU B 130 -19.39 -23.90 8.21
CA LEU B 130 -19.12 -24.19 6.81
C LEU B 130 -20.36 -24.78 6.12
N GLN B 131 -21.21 -25.44 6.89
CA GLN B 131 -22.39 -26.11 6.36
C GLN B 131 -23.56 -25.14 6.19
N GLN B 132 -23.45 -23.97 6.78
CA GLN B 132 -24.51 -22.96 6.70
C GLN B 132 -24.73 -22.41 5.29
N PRO B 133 -25.99 -22.12 4.95
CA PRO B 133 -26.33 -21.51 3.66
C PRO B 133 -26.26 -19.98 3.69
N GLU B 134 -26.39 -19.39 4.88
CA GLU B 134 -26.37 -17.94 5.03
C GLU B 134 -25.22 -17.51 5.92
N THR B 135 -24.46 -16.51 5.47
CA THR B 135 -23.32 -16.00 6.21
C THR B 135 -23.69 -15.41 7.57
N ARG B 136 -24.96 -15.04 7.73
CA ARG B 136 -25.45 -14.51 8.99
C ARG B 136 -25.45 -15.63 10.04
N THR B 137 -25.96 -16.79 9.66
CA THR B 137 -25.97 -17.95 10.55
C THR B 137 -24.59 -18.60 10.63
N ALA B 138 -23.79 -18.41 9.59
CA ALA B 138 -22.42 -18.93 9.57
C ALA B 138 -21.55 -18.17 10.56
N SER B 139 -21.78 -16.87 10.68
CA SER B 139 -21.04 -16.05 11.62
C SER B 139 -21.46 -16.35 13.06
N ASP B 140 -22.71 -16.75 13.22
CA ASP B 140 -23.22 -17.12 14.54
C ASP B 140 -22.50 -18.35 15.09
N LYS B 141 -22.16 -19.28 14.19
CA LYS B 141 -21.44 -20.48 14.57
C LYS B 141 -20.01 -20.13 15.01
N LEU B 142 -19.34 -19.26 14.24
CA LEU B 142 -17.99 -18.82 14.56
C LEU B 142 -17.93 -18.08 15.89
N ASP B 143 -18.97 -17.29 16.19
CA ASP B 143 -19.08 -16.61 17.49
C ASP B 143 -19.01 -17.62 18.63
N LEU B 144 -19.76 -18.71 18.49
CA LEU B 144 -19.78 -19.76 19.50
C LEU B 144 -18.38 -20.36 19.65
N ALA B 145 -17.75 -20.63 18.51
CA ALA B 145 -16.37 -21.09 18.48
C ALA B 145 -15.45 -20.13 19.24
N ALA B 146 -15.62 -18.85 18.98
CA ALA B 146 -14.82 -17.82 19.63
C ALA B 146 -15.12 -17.76 21.12
N ASN B 147 -16.39 -17.93 21.47
CA ASN B 147 -16.81 -17.85 22.86
C ASN B 147 -16.23 -18.99 23.69
N LEU B 148 -15.97 -20.11 23.04
CA LEU B 148 -15.31 -21.24 23.70
C LEU B 148 -13.87 -20.91 24.04
N LEU B 149 -13.20 -20.23 23.12
CA LEU B 149 -11.78 -19.91 23.26
C LEU B 149 -11.55 -18.71 24.18
N GLN B 150 -12.56 -17.86 24.33
CA GLN B 150 -12.50 -16.74 25.25
C GLN B 150 -12.57 -17.25 26.68
N GLY B 151 -11.50 -17.93 27.10
CA GLY B 151 -11.50 -18.71 28.33
C GLY B 151 -10.97 -20.07 27.94
N ASN B 152 -9.65 -20.27 27.83
CA ASN B 152 -8.56 -19.38 28.28
C ASN B 152 -8.52 -17.93 27.77
N GLN B 153 -7.79 -17.74 26.67
CA GLN B 153 -7.51 -16.47 25.97
C GLN B 153 -6.06 -16.49 25.50
N LYS B 154 -5.15 -16.58 26.46
CA LYS B 154 -3.75 -16.86 26.16
C LYS B 154 -3.65 -18.19 25.45
N GLU B 155 -2.65 -18.31 24.57
CA GLU B 155 -2.42 -19.49 23.72
C GLU B 155 -3.43 -19.54 22.56
N HIS B 156 -4.68 -19.22 22.83
CA HIS B 156 -5.71 -19.20 21.80
C HIS B 156 -5.86 -17.81 21.20
N VAL B 157 -4.79 -17.03 21.27
CA VAL B 157 -4.80 -15.65 20.77
C VAL B 157 -4.94 -15.63 19.25
N PHE B 158 -4.18 -16.47 18.56
CA PHE B 158 -4.21 -16.47 17.11
C PHE B 158 -5.56 -16.95 16.57
N GLU B 159 -6.05 -18.06 17.11
CA GLU B 159 -7.32 -18.64 16.68
C GLU B 159 -8.43 -17.60 16.78
N LEU B 160 -8.49 -16.93 17.92
CA LEU B 160 -9.49 -15.89 18.16
C LEU B 160 -9.34 -14.75 17.17
N GLY B 161 -8.09 -14.39 16.88
CA GLY B 161 -7.79 -13.39 15.89
C GLY B 161 -8.24 -13.86 14.52
N ALA B 162 -7.91 -15.11 14.22
CA ALA B 162 -8.28 -15.73 12.95
C ALA B 162 -9.80 -15.73 12.76
N LEU B 163 -10.52 -16.08 13.83
CA LEU B 163 -11.98 -16.09 13.80
C LEU B 163 -12.53 -14.69 13.52
N LYS B 164 -12.04 -13.71 14.27
CA LYS B 164 -12.45 -12.33 14.08
C LYS B 164 -12.11 -11.87 12.67
N GLU B 165 -10.97 -12.32 12.16
CA GLU B 165 -10.54 -12.03 10.81
C GLU B 165 -11.51 -12.61 9.77
N ALA B 166 -11.99 -13.82 10.03
CA ALA B 166 -12.87 -14.50 9.08
C ALA B 166 -14.27 -13.89 9.07
N LYS B 167 -14.76 -13.54 10.25
CA LYS B 167 -16.07 -12.92 10.39
C LYS B 167 -16.07 -11.60 9.64
N MET B 168 -14.99 -10.83 9.82
CA MET B 168 -14.80 -9.57 9.11
C MET B 168 -14.77 -9.75 7.59
N LEU B 169 -14.03 -10.76 7.13
CA LEU B 169 -13.87 -10.99 5.70
C LEU B 169 -15.18 -11.35 5.01
N LEU B 170 -16.03 -12.08 5.72
CA LEU B 170 -17.32 -12.47 5.18
C LEU B 170 -18.25 -11.26 5.12
N ARG B 171 -18.17 -10.41 6.15
CA ARG B 171 -18.99 -9.22 6.23
C ARG B 171 -18.68 -8.26 5.08
N MET B 172 -17.41 -8.04 4.80
CA MET B 172 -17.00 -7.18 3.69
C MET B 172 -17.35 -7.81 2.36
N GLN B 173 -17.29 -9.14 2.30
CA GLN B 173 -17.61 -9.86 1.08
C GLN B 173 -19.10 -9.80 0.79
N GLU B 174 -19.91 -9.83 1.85
CA GLU B 174 -21.35 -9.73 1.72
C GLU B 174 -21.72 -8.37 1.15
N THR B 175 -20.96 -7.36 1.56
CA THR B 175 -21.12 -6.00 1.06
C THR B 175 -20.84 -5.92 -0.44
N PHE B 176 -19.70 -6.46 -0.84
CA PHE B 176 -19.25 -6.42 -2.24
C PHE B 176 -20.28 -6.98 -3.22
N GLU B 177 -21.07 -7.94 -2.77
CA GLU B 177 -22.08 -8.56 -3.61
C GLU B 177 -23.27 -7.63 -3.81
N ARG B 178 -23.69 -7.00 -2.71
CA ARG B 178 -24.76 -6.02 -2.74
C ARG B 178 -24.47 -4.87 -3.70
N ASP B 179 -23.23 -4.40 -3.69
CA ASP B 179 -22.82 -3.25 -4.49
C ASP B 179 -22.49 -3.57 -5.93
N LEU B 180 -21.59 -4.53 -6.14
CA LEU B 180 -20.97 -4.72 -7.46
C LEU B 180 -21.58 -5.87 -8.26
N THR B 181 -22.51 -6.59 -7.65
CA THR B 181 -23.20 -7.72 -8.30
C THR B 181 -22.20 -8.75 -8.88
N ASP B 182 -21.52 -9.45 -7.98
CA ASP B 182 -20.59 -10.52 -8.37
C ASP B 182 -20.29 -11.45 -7.20
N SER B 183 -19.74 -12.62 -7.50
CA SER B 183 -19.38 -13.60 -6.48
C SER B 183 -18.19 -13.12 -5.66
N PHE B 184 -18.30 -13.19 -4.33
CA PHE B 184 -17.21 -12.82 -3.45
C PHE B 184 -17.17 -13.64 -2.17
N VAL B 185 -18.36 -13.92 -1.62
CA VAL B 185 -18.46 -14.66 -0.36
C VAL B 185 -17.89 -16.06 -0.46
N GLY B 186 -16.87 -16.33 0.36
CA GLY B 186 -16.23 -17.63 0.39
C GLY B 186 -14.76 -17.56 0.02
N LEU B 187 -14.43 -16.64 -0.90
CA LEU B 187 -13.06 -16.48 -1.35
C LEU B 187 -12.15 -16.05 -0.21
N SER B 188 -10.88 -16.39 -0.32
CA SER B 188 -9.90 -16.00 0.69
C SER B 188 -9.53 -14.54 0.52
N VAL B 189 -8.86 -13.98 1.52
CA VAL B 189 -8.34 -12.61 1.45
C VAL B 189 -7.51 -12.41 0.18
N ASN B 190 -6.53 -13.28 -0.02
CA ASN B 190 -5.69 -13.22 -1.21
C ASN B 190 -6.48 -13.34 -2.50
N GLN B 191 -7.52 -14.18 -2.49
CA GLN B 191 -8.34 -14.37 -3.68
C GLN B 191 -9.24 -13.16 -3.92
N THR B 192 -9.54 -12.42 -2.85
CA THR B 192 -10.40 -11.25 -2.93
C THR B 192 -9.66 -10.07 -3.56
N MET B 193 -8.46 -9.77 -3.06
CA MET B 193 -7.63 -8.73 -3.64
C MET B 193 -7.38 -8.97 -5.12
N PHE B 194 -7.27 -10.25 -5.50
CA PHE B 194 -7.04 -10.60 -6.89
C PHE B 194 -8.25 -10.24 -7.75
N LYS B 195 -9.41 -10.77 -7.38
CA LYS B 195 -10.62 -10.55 -8.17
C LYS B 195 -11.02 -9.07 -8.20
N LEU B 196 -10.81 -8.36 -7.10
CA LEU B 196 -11.13 -6.94 -7.04
C LEU B 196 -10.27 -6.10 -7.99
N ILE B 197 -9.00 -6.50 -8.14
CA ILE B 197 -8.08 -5.77 -9.01
C ILE B 197 -8.30 -6.14 -10.47
N LYS B 198 -8.54 -7.43 -10.73
CA LYS B 198 -8.82 -7.90 -12.09
C LYS B 198 -10.08 -7.23 -12.64
N LEU B 199 -10.99 -6.86 -11.75
CA LEU B 199 -12.22 -6.18 -12.14
C LEU B 199 -12.07 -4.67 -12.09
N GLY B 200 -10.87 -4.20 -11.77
CA GLY B 200 -10.56 -2.78 -11.80
C GLY B 200 -10.91 -1.99 -10.55
N TYR B 201 -11.52 -2.63 -9.56
CA TYR B 201 -11.87 -1.96 -8.31
C TYR B 201 -10.63 -1.73 -7.43
N HIS B 202 -9.60 -1.10 -8.00
CA HIS B 202 -8.33 -0.88 -7.34
C HIS B 202 -8.46 -0.30 -5.93
N GLY B 203 -9.46 0.55 -5.73
CA GLY B 203 -9.67 1.20 -4.45
C GLY B 203 -10.05 0.25 -3.32
N ARG B 204 -11.04 -0.60 -3.57
CA ARG B 204 -11.50 -1.57 -2.58
C ARG B 204 -10.40 -2.55 -2.18
N ALA B 205 -9.69 -3.08 -3.17
CA ALA B 205 -8.58 -3.99 -2.95
C ALA B 205 -7.60 -3.48 -1.90
N LYS B 206 -7.36 -2.16 -1.90
CA LYS B 206 -6.44 -1.56 -0.96
C LYS B 206 -7.03 -1.56 0.45
N LYS B 207 -8.36 -1.51 0.53
CA LYS B 207 -9.06 -1.51 1.81
C LYS B 207 -8.99 -2.90 2.42
N ILE B 208 -8.98 -3.92 1.56
CA ILE B 208 -8.78 -5.29 1.97
C ILE B 208 -7.36 -5.47 2.51
N GLN B 209 -6.39 -5.09 1.70
CA GLN B 209 -4.98 -5.16 2.08
C GLN B 209 -4.69 -4.50 3.43
N SER B 210 -5.32 -3.35 3.67
CA SER B 210 -5.11 -2.60 4.91
C SER B 210 -5.74 -3.27 6.12
N GLU B 211 -6.97 -3.75 5.96
CA GLU B 211 -7.73 -4.31 7.07
C GLU B 211 -7.15 -5.60 7.62
N PHE B 212 -6.60 -6.43 6.74
CA PHE B 212 -6.13 -7.75 7.14
C PHE B 212 -4.61 -7.80 7.30
N LYS B 213 -3.98 -6.63 7.23
CA LYS B 213 -2.53 -6.50 7.38
C LYS B 213 -1.81 -7.44 6.43
N VAL B 214 -2.32 -7.51 5.20
CA VAL B 214 -1.70 -8.32 4.15
C VAL B 214 -0.25 -7.90 3.92
N PRO B 215 0.68 -8.84 4.10
CA PRO B 215 2.12 -8.59 3.90
C PRO B 215 2.40 -7.91 2.57
N GLU B 216 3.22 -6.87 2.58
CA GLU B 216 3.48 -6.05 1.39
C GLU B 216 3.98 -6.89 0.22
N ARG B 217 4.95 -7.76 0.49
CA ARG B 217 5.52 -8.63 -0.53
C ARG B 217 4.46 -9.51 -1.18
N VAL B 218 3.44 -9.89 -0.41
CA VAL B 218 2.34 -10.68 -0.93
C VAL B 218 1.40 -9.82 -1.76
N ALA B 219 1.05 -8.66 -1.21
CA ALA B 219 0.14 -7.71 -1.86
C ALA B 219 0.65 -7.34 -3.26
N TRP B 220 1.96 -7.10 -3.36
CA TRP B 220 2.58 -6.78 -4.64
C TRP B 220 2.43 -7.94 -5.62
N TRP B 221 2.71 -9.16 -5.14
CA TRP B 221 2.61 -10.34 -5.98
C TRP B 221 1.19 -10.60 -6.46
N ILE B 222 0.21 -10.25 -5.63
CA ILE B 222 -1.19 -10.40 -6.01
C ILE B 222 -1.57 -9.34 -7.03
N ARG B 223 -1.16 -8.10 -6.79
CA ARG B 223 -1.44 -6.98 -7.69
C ARG B 223 -0.86 -7.21 -9.09
N LEU B 224 0.42 -7.59 -9.13
CA LEU B 224 1.11 -7.86 -10.39
C LEU B 224 0.39 -8.92 -11.22
N GLN B 225 0.01 -10.02 -10.58
CA GLN B 225 -0.67 -11.11 -11.26
C GLN B 225 -2.07 -10.70 -11.72
N ALA B 226 -2.75 -9.93 -10.89
CA ALA B 226 -4.12 -9.52 -11.14
C ALA B 226 -4.22 -8.44 -12.23
N LEU B 227 -3.11 -7.78 -12.51
CA LEU B 227 -3.09 -6.74 -13.54
C LEU B 227 -2.79 -7.33 -14.91
N VAL B 228 -1.98 -8.38 -14.95
CA VAL B 228 -1.76 -9.13 -16.18
C VAL B 228 -3.06 -9.77 -16.63
N ALA B 229 -3.90 -10.14 -15.65
CA ALA B 229 -5.22 -10.68 -15.95
C ALA B 229 -6.09 -9.62 -16.60
N LYS B 230 -6.06 -8.41 -16.04
CA LYS B 230 -6.88 -7.31 -16.54
C LYS B 230 -6.23 -6.73 -17.81
N ARG B 231 -4.97 -7.08 -18.03
CA ARG B 231 -4.17 -6.56 -19.14
C ARG B 231 -3.91 -5.05 -19.02
N ASP B 232 -4.13 -4.51 -17.81
CA ASP B 232 -3.95 -3.09 -17.55
C ASP B 232 -2.47 -2.71 -17.52
N TRP B 233 -1.87 -2.60 -18.70
CA TRP B 233 -0.46 -2.27 -18.82
C TRP B 233 -0.16 -0.82 -18.43
N ASN B 234 -1.21 -0.02 -18.25
CA ASN B 234 -1.04 1.40 -17.91
C ASN B 234 -0.67 1.63 -16.46
N GLU B 235 -1.27 0.85 -15.56
CA GLU B 235 -1.00 1.01 -14.14
C GLU B 235 0.16 0.10 -13.73
N ILE B 236 0.44 -0.90 -14.56
CA ILE B 236 1.70 -1.63 -14.46
C ILE B 236 2.84 -0.67 -14.75
N GLU B 237 2.63 0.15 -15.78
CA GLU B 237 3.59 1.17 -16.18
C GLU B 237 3.78 2.20 -15.07
N GLU B 238 2.70 2.53 -14.38
CA GLU B 238 2.72 3.55 -13.34
C GLU B 238 3.49 3.10 -12.10
N ILE B 239 3.49 1.79 -11.83
CA ILE B 239 4.20 1.25 -10.68
C ILE B 239 5.71 1.31 -10.89
N SER B 240 6.14 1.10 -12.13
CA SER B 240 7.56 1.10 -12.48
C SER B 240 8.27 2.42 -12.17
N ARG B 241 7.49 3.49 -12.00
CA ARG B 241 8.03 4.83 -11.81
C ARG B 241 8.54 5.12 -10.39
N GLN B 242 8.69 4.07 -9.57
CA GLN B 242 9.27 4.26 -8.24
C GLN B 242 10.52 3.41 -8.03
N ARG B 243 11.27 3.75 -6.99
CA ARG B 243 12.62 3.24 -6.79
C ARG B 243 12.67 1.79 -6.27
N LYS B 244 12.09 1.56 -5.10
CA LYS B 244 12.22 0.26 -4.44
C LYS B 244 11.03 -0.64 -4.68
N SER B 245 11.30 -1.95 -4.76
CA SER B 245 10.25 -2.95 -4.78
C SER B 245 10.58 -4.06 -3.79
N PRO B 246 9.63 -4.38 -2.89
CA PRO B 246 9.87 -5.39 -1.85
C PRO B 246 9.99 -6.80 -2.44
N ILE B 247 9.62 -6.97 -3.71
CA ILE B 247 9.75 -8.26 -4.38
C ILE B 247 10.74 -8.18 -5.54
N GLY B 248 11.35 -7.01 -5.70
CA GLY B 248 12.28 -6.79 -6.79
C GLY B 248 11.54 -6.41 -8.06
N TRP B 249 12.26 -6.29 -9.16
CA TRP B 249 11.65 -5.91 -10.42
C TRP B 249 11.73 -7.05 -11.43
N GLU B 250 12.59 -8.02 -11.16
CA GLU B 250 12.64 -9.26 -11.94
C GLU B 250 11.28 -9.96 -12.05
N PRO B 251 10.50 -10.03 -10.94
CA PRO B 251 9.14 -10.55 -11.10
C PRO B 251 8.32 -9.76 -12.11
N PHE B 252 8.41 -8.44 -12.05
CA PHE B 252 7.73 -7.57 -13.00
C PHE B 252 8.20 -7.87 -14.41
N PHE B 253 9.49 -8.14 -14.57
CA PHE B 253 10.05 -8.53 -15.85
C PHE B 253 9.41 -9.80 -16.37
N ASN B 254 9.64 -10.90 -15.66
CA ASN B 254 9.20 -12.22 -16.11
C ASN B 254 7.69 -12.37 -16.26
N GLN B 255 6.94 -11.76 -15.33
CA GLN B 255 5.48 -11.90 -15.35
C GLN B 255 4.84 -11.13 -16.49
N VAL B 256 5.39 -9.96 -16.82
CA VAL B 256 4.86 -9.16 -17.91
C VAL B 256 5.26 -9.75 -19.26
N LEU B 257 6.51 -10.19 -19.36
CA LEU B 257 7.00 -10.86 -20.57
C LEU B 257 6.12 -12.04 -20.96
N GLN B 258 5.80 -12.89 -19.99
CA GLN B 258 4.92 -14.02 -20.23
C GLN B 258 3.52 -13.54 -20.61
N ALA B 259 3.06 -13.95 -21.79
CA ALA B 259 1.77 -13.55 -22.34
C ALA B 259 1.52 -12.04 -22.22
N GLY B 260 2.35 -11.25 -22.90
CA GLY B 260 2.19 -9.81 -22.89
C GLY B 260 3.12 -9.08 -23.83
N ASN B 261 3.49 -7.86 -23.45
CA ASN B 261 4.35 -7.03 -24.28
C ASN B 261 5.82 -7.19 -23.94
N PRO B 262 6.61 -7.67 -24.92
CA PRO B 262 8.07 -7.63 -24.78
C PRO B 262 8.55 -6.21 -24.58
N ARG B 263 7.79 -5.25 -25.10
CA ARG B 263 8.09 -3.83 -24.96
C ARG B 263 8.10 -3.37 -23.50
N LEU B 264 6.94 -3.47 -22.84
CA LEU B 264 6.81 -3.03 -21.45
C LEU B 264 7.73 -3.80 -20.51
N ALA B 265 7.94 -5.07 -20.82
CA ALA B 265 8.79 -5.95 -20.00
C ALA B 265 10.23 -5.43 -19.88
N ALA B 266 10.85 -5.13 -21.02
CA ALA B 266 12.26 -4.76 -21.08
C ALA B 266 12.62 -3.52 -20.27
N THR B 267 11.63 -2.70 -19.95
CA THR B 267 11.87 -1.44 -19.24
C THR B 267 12.15 -1.65 -17.74
N PHE B 268 12.22 -2.90 -17.31
CA PHE B 268 12.51 -3.19 -15.91
C PHE B 268 14.00 -3.50 -15.72
N ILE B 269 14.68 -3.82 -16.80
CA ILE B 269 16.12 -3.65 -16.85
C ILE B 269 16.41 -2.18 -17.19
N PRO B 270 17.32 -1.54 -16.44
CA PRO B 270 18.15 -2.11 -15.38
C PRO B 270 17.70 -1.71 -13.98
N LYS B 271 16.42 -1.87 -13.67
CA LYS B 271 15.94 -1.67 -12.31
C LYS B 271 16.21 -2.93 -11.49
N CYS B 272 16.66 -3.98 -12.17
CA CYS B 272 16.88 -5.28 -11.56
C CYS B 272 18.18 -5.32 -10.77
N THR B 273 18.10 -5.04 -9.47
CA THR B 273 19.26 -4.99 -8.60
C THR B 273 19.92 -6.36 -8.44
N ASN B 274 19.13 -7.37 -8.08
CA ASN B 274 19.63 -8.70 -7.84
C ASN B 274 19.69 -9.53 -9.12
N LEU B 275 20.75 -9.31 -9.90
CA LEU B 275 20.91 -9.99 -11.18
C LEU B 275 22.31 -10.60 -11.28
N GLU B 276 22.45 -11.60 -12.13
CA GLU B 276 23.75 -12.22 -12.36
C GLU B 276 24.40 -11.59 -13.57
N PRO B 277 25.74 -11.46 -13.54
CA PRO B 277 26.53 -10.84 -14.62
C PRO B 277 26.19 -11.36 -16.02
N GLY B 278 26.08 -10.45 -16.98
CA GLY B 278 25.81 -10.80 -18.36
C GLY B 278 24.48 -11.50 -18.55
N GLN B 279 23.48 -11.09 -17.78
CA GLN B 279 22.14 -11.63 -17.89
C GLN B 279 21.23 -10.54 -18.43
N THR B 280 21.66 -9.30 -18.23
CA THR B 280 21.02 -8.14 -18.83
C THR B 280 20.93 -8.27 -20.36
N ILE B 281 21.96 -8.89 -20.95
CA ILE B 281 22.01 -9.09 -22.39
C ILE B 281 20.92 -10.06 -22.88
N THR B 282 20.92 -11.27 -22.32
CA THR B 282 19.96 -12.30 -22.70
C THR B 282 18.51 -11.86 -22.49
N MET B 283 18.30 -10.93 -21.56
CA MET B 283 16.96 -10.39 -21.31
C MET B 283 16.48 -9.54 -22.46
N TYR B 284 17.34 -8.65 -22.96
CA TYR B 284 17.04 -7.86 -24.15
C TYR B 284 16.81 -8.75 -25.37
N GLU B 285 17.54 -9.87 -25.42
CA GLU B 285 17.37 -10.87 -26.48
C GLU B 285 15.97 -11.47 -26.49
N LYS B 286 15.51 -11.94 -25.34
CA LYS B 286 14.20 -12.56 -25.20
C LYS B 286 13.06 -11.59 -25.54
N CYS B 287 13.33 -10.30 -25.41
CA CYS B 287 12.35 -9.27 -25.74
C CYS B 287 12.28 -9.00 -27.24
N GLY B 288 13.08 -9.73 -28.02
CA GLY B 288 13.08 -9.60 -29.46
C GLY B 288 13.79 -8.34 -29.95
N MET B 289 14.49 -7.68 -29.04
CA MET B 289 15.21 -6.45 -29.38
C MET B 289 16.70 -6.71 -29.60
N ARG B 290 17.04 -7.35 -30.71
CA ARG B 290 18.43 -7.66 -31.03
C ARG B 290 19.28 -6.41 -31.16
N VAL B 291 18.67 -5.32 -31.63
CA VAL B 291 19.35 -4.05 -31.78
C VAL B 291 19.83 -3.49 -30.44
N LYS B 292 18.91 -3.38 -29.50
CA LYS B 292 19.21 -2.83 -28.18
C LYS B 292 20.02 -3.81 -27.34
N ALA B 293 19.93 -5.09 -27.70
CA ALA B 293 20.72 -6.13 -27.04
C ALA B 293 22.21 -6.00 -27.30
N ALA B 294 22.57 -5.78 -28.56
CA ALA B 294 23.96 -5.59 -28.95
C ALA B 294 24.56 -4.37 -28.24
N GLU B 295 23.77 -3.30 -28.17
CA GLU B 295 24.17 -2.07 -27.50
C GLU B 295 24.53 -2.31 -26.04
N GLU B 296 23.78 -3.20 -25.39
CA GLU B 296 24.04 -3.56 -24.00
C GLU B 296 25.28 -4.45 -23.84
N ALA B 297 25.49 -5.33 -24.83
CA ALA B 297 26.66 -6.21 -24.83
C ALA B 297 27.96 -5.41 -24.82
N VAL B 298 27.93 -4.25 -25.46
CA VAL B 298 29.10 -3.39 -25.55
C VAL B 298 29.38 -2.67 -24.24
N ARG B 299 28.33 -2.17 -23.60
CA ARG B 299 28.48 -1.39 -22.37
C ARG B 299 29.14 -2.22 -21.26
N LEU B 300 28.89 -3.53 -21.28
CA LEU B 300 29.50 -4.43 -20.31
C LEU B 300 30.87 -4.91 -20.78
N LYS B 301 31.29 -4.41 -21.93
CA LYS B 301 32.58 -4.78 -22.54
C LYS B 301 32.70 -6.28 -22.75
N ASP B 302 31.60 -6.90 -23.18
CA ASP B 302 31.62 -8.31 -23.56
C ASP B 302 31.42 -8.43 -25.06
N THR B 303 32.51 -8.24 -25.81
CA THR B 303 32.47 -8.29 -27.26
C THR B 303 32.14 -9.68 -27.81
N GLU B 304 32.35 -10.71 -27.00
CA GLU B 304 32.00 -12.06 -27.43
C GLU B 304 30.49 -12.14 -27.61
N ALA B 305 29.75 -11.51 -26.71
CA ALA B 305 28.31 -11.35 -26.84
C ALA B 305 27.98 -10.48 -28.04
N TRP B 306 28.82 -9.47 -28.28
CA TRP B 306 28.68 -8.61 -29.44
C TRP B 306 28.89 -9.41 -30.73
N ASN B 307 29.82 -10.36 -30.68
CA ASN B 307 30.09 -11.25 -31.80
C ASN B 307 28.94 -12.20 -32.10
N ARG B 308 28.40 -12.83 -31.06
CA ARG B 308 27.34 -13.82 -31.23
C ARG B 308 26.06 -13.16 -31.75
N LEU B 309 25.81 -11.92 -31.30
CA LEU B 309 24.61 -11.20 -31.71
C LEU B 309 24.69 -10.69 -33.15
N LEU B 310 25.90 -10.38 -33.60
CA LEU B 310 26.09 -9.93 -34.97
C LEU B 310 26.04 -11.12 -35.92
N GLU B 311 26.55 -12.26 -35.46
CA GLU B 311 26.51 -13.49 -36.24
C GLU B 311 25.06 -13.95 -36.43
N ALA B 312 24.23 -13.70 -35.43
CA ALA B 312 22.81 -13.99 -35.50
C ALA B 312 22.15 -13.23 -36.65
N ALA B 313 22.41 -11.93 -36.70
CA ALA B 313 21.92 -11.09 -37.80
C ALA B 313 22.70 -11.37 -39.08
N GLY B 314 23.88 -10.76 -39.20
CA GLY B 314 24.79 -11.09 -40.29
C GLY B 314 25.32 -9.92 -41.11
N ARG B 315 25.86 -8.91 -40.43
CA ARG B 315 26.64 -7.84 -41.08
C ARG B 315 25.85 -6.98 -42.09
N ASN B 316 24.69 -7.46 -42.53
CA ASN B 316 23.90 -6.78 -43.54
C ASN B 316 22.41 -6.80 -43.20
N THR B 317 21.89 -8.01 -42.97
CA THR B 317 20.50 -8.18 -42.55
C THR B 317 20.22 -7.45 -41.23
N ALA B 318 18.99 -6.97 -41.08
CA ALA B 318 18.58 -6.22 -39.89
C ALA B 318 19.53 -5.06 -39.64
N GLU B 319 19.86 -4.35 -40.73
CA GLU B 319 20.99 -3.43 -40.78
C GLU B 319 22.30 -4.17 -40.48
N GLY B 320 22.44 -4.68 -39.26
CA GLY B 320 23.63 -5.40 -38.86
C GLY B 320 24.84 -4.49 -38.71
N ARG B 321 24.95 -3.56 -39.66
CA ARG B 321 25.92 -2.47 -39.57
C ARG B 321 25.67 -1.67 -38.32
N GLU B 322 24.39 -1.52 -37.96
CA GLU B 322 24.00 -0.79 -36.76
C GLU B 322 24.50 -1.55 -35.53
N ILE B 323 24.48 -2.87 -35.61
CA ILE B 323 25.09 -3.72 -34.60
C ILE B 323 26.60 -3.53 -34.64
N GLU B 324 27.15 -3.48 -35.86
CA GLU B 324 28.58 -3.27 -36.07
C GLU B 324 29.04 -1.87 -35.67
N ARG B 325 28.26 -0.85 -36.03
CA ARG B 325 28.62 0.54 -35.75
C ARG B 325 28.66 0.87 -34.25
N LEU B 326 28.08 -0.02 -33.45
CA LEU B 326 28.08 0.17 -32.00
C LEU B 326 29.33 -0.42 -31.35
N GLY B 327 30.34 -0.70 -32.18
CA GLY B 327 31.61 -1.18 -31.69
C GLY B 327 32.79 -0.65 -32.49
N GLU C 10 7.98 -84.82 -55.12
CA GLU C 10 8.80 -83.74 -55.65
C GLU C 10 8.55 -82.45 -54.88
N ILE C 11 7.44 -81.79 -55.20
CA ILE C 11 7.03 -80.57 -54.50
C ILE C 11 6.15 -80.88 -53.30
N ARG C 12 6.13 -82.15 -52.89
CA ARG C 12 5.29 -82.57 -51.77
C ARG C 12 6.06 -82.47 -50.45
N ASN C 13 6.93 -81.47 -50.38
CA ASN C 13 7.75 -81.22 -49.21
C ASN C 13 7.78 -79.71 -48.95
N ILE C 14 7.48 -78.95 -50.00
CA ILE C 14 7.36 -77.50 -49.94
C ILE C 14 5.95 -77.12 -49.52
N GLU C 15 5.00 -78.02 -49.76
CA GLU C 15 3.60 -77.77 -49.44
C GLU C 15 3.38 -77.64 -47.94
N GLN C 16 4.17 -78.35 -47.14
CA GLN C 16 4.04 -78.25 -45.69
C GLN C 16 4.67 -76.95 -45.20
N GLY C 17 5.77 -76.53 -45.85
CA GLY C 17 6.46 -75.31 -45.50
C GLY C 17 5.62 -74.05 -45.66
N VAL C 18 4.77 -74.03 -46.68
CA VAL C 18 3.91 -72.89 -46.94
C VAL C 18 2.62 -73.01 -46.14
N SER C 19 2.51 -74.10 -45.38
CA SER C 19 1.41 -74.25 -44.44
C SER C 19 1.93 -74.03 -43.02
N ASP C 20 3.16 -74.46 -42.77
CA ASP C 20 3.83 -74.23 -41.49
C ASP C 20 4.03 -72.74 -41.27
N LEU C 21 4.82 -72.13 -42.15
CA LEU C 21 5.10 -70.70 -42.09
C LEU C 21 3.86 -69.83 -42.32
N ASN C 22 2.75 -70.46 -42.69
CA ASN C 22 1.49 -69.75 -42.86
C ASN C 22 0.74 -69.61 -41.55
N VAL C 23 0.71 -70.69 -40.77
CA VAL C 23 0.02 -70.69 -39.48
C VAL C 23 0.89 -70.00 -38.44
N LEU C 24 2.21 -70.02 -38.66
CA LEU C 24 3.16 -69.31 -37.82
C LEU C 24 2.78 -67.83 -37.72
N PHE C 25 2.39 -67.24 -38.85
CA PHE C 25 2.00 -65.83 -38.89
C PHE C 25 0.55 -65.61 -38.44
N GLN C 26 -0.22 -66.68 -38.37
CA GLN C 26 -1.59 -66.58 -37.85
C GLN C 26 -1.56 -66.40 -36.35
N GLN C 27 -0.62 -67.07 -35.68
CA GLN C 27 -0.49 -66.99 -34.23
C GLN C 27 0.09 -65.64 -33.83
N VAL C 28 1.13 -65.20 -34.52
CA VAL C 28 1.77 -63.93 -34.21
C VAL C 28 0.79 -62.78 -34.42
N ALA C 29 -0.08 -62.91 -35.41
CA ALA C 29 -1.12 -61.92 -35.66
C ALA C 29 -2.18 -61.95 -34.57
N GLN C 30 -2.36 -63.12 -33.95
CA GLN C 30 -3.33 -63.25 -32.86
C GLN C 30 -2.79 -62.65 -31.57
N LEU C 31 -1.53 -62.95 -31.26
CA LEU C 31 -0.89 -62.45 -30.05
C LEU C 31 -0.79 -60.94 -30.04
N VAL C 32 -0.50 -60.35 -31.20
CA VAL C 32 -0.42 -58.91 -31.32
C VAL C 32 -1.82 -58.28 -31.27
N ALA C 33 -2.83 -59.13 -31.41
CA ALA C 33 -4.22 -58.71 -31.25
C ALA C 33 -4.68 -59.03 -29.83
N GLU C 34 -4.03 -59.99 -29.21
CA GLU C 34 -4.33 -60.38 -27.84
C GLU C 34 -3.84 -59.31 -26.86
N GLN C 35 -2.90 -58.49 -27.32
CA GLN C 35 -2.48 -57.31 -26.58
C GLN C 35 -3.24 -56.09 -27.08
N GLY C 36 -4.41 -56.34 -27.65
CA GLY C 36 -5.26 -55.30 -28.19
C GLY C 36 -6.01 -54.45 -27.19
N GLU C 37 -6.00 -53.13 -27.43
CA GLU C 37 -6.65 -52.11 -26.61
C GLU C 37 -6.85 -52.42 -25.13
N VAL C 38 -8.00 -51.98 -24.60
CA VAL C 38 -8.30 -52.02 -23.17
C VAL C 38 -8.17 -53.40 -22.54
N LEU C 39 -7.23 -53.53 -21.61
CA LEU C 39 -7.04 -54.78 -20.87
C LEU C 39 -8.20 -55.05 -19.93
N ASP C 40 -8.47 -56.33 -19.69
CA ASP C 40 -9.59 -56.75 -18.85
C ASP C 40 -9.39 -56.42 -17.36
N THR C 41 -10.34 -55.66 -16.80
CA THR C 41 -10.36 -55.31 -15.39
C THR C 41 -11.79 -55.36 -14.88
N ILE C 42 -11.97 -55.26 -13.57
CA ILE C 42 -13.31 -55.26 -12.99
C ILE C 42 -14.02 -53.93 -13.22
N GLU C 43 -13.29 -52.83 -13.10
CA GLU C 43 -13.89 -51.50 -13.25
C GLU C 43 -14.39 -51.26 -14.68
N ARG C 44 -13.72 -51.87 -15.65
CA ARG C 44 -14.10 -51.71 -17.05
C ARG C 44 -15.48 -52.33 -17.32
N ASN C 45 -15.85 -53.31 -16.52
CA ASN C 45 -17.11 -54.03 -16.71
C ASN C 45 -18.28 -53.41 -15.95
N VAL C 46 -18.04 -52.30 -15.25
CA VAL C 46 -19.11 -51.64 -14.50
C VAL C 46 -19.64 -50.40 -15.24
N GLU C 47 -18.80 -49.81 -16.08
CA GLU C 47 -19.20 -48.65 -16.87
C GLU C 47 -20.09 -49.06 -18.05
N ALA D 7 -24.46 15.64 3.95
CA ALA D 7 -23.94 14.92 2.81
C ALA D 7 -23.14 15.84 1.88
N GLY D 8 -23.11 17.13 2.22
CA GLY D 8 -22.46 18.13 1.41
C GLY D 8 -20.96 18.25 1.62
N PHE D 9 -20.41 19.38 1.20
CA PHE D 9 -18.99 19.65 1.37
C PHE D 9 -18.67 20.10 2.78
N ASP D 10 -17.61 19.53 3.35
CA ASP D 10 -17.16 19.88 4.68
C ASP D 10 -15.66 20.16 4.66
N ALA D 11 -15.27 21.35 5.10
CA ALA D 11 -13.85 21.75 5.14
C ALA D 11 -13.02 20.84 6.05
N GLU D 12 -13.68 20.19 7.00
CA GLU D 12 -12.98 19.35 7.96
C GLU D 12 -12.43 18.09 7.31
N GLN D 13 -13.13 17.59 6.30
CA GLN D 13 -12.70 16.39 5.60
C GLN D 13 -11.45 16.69 4.75
N VAL D 14 -11.24 17.97 4.46
CA VAL D 14 -10.04 18.38 3.74
C VAL D 14 -8.84 18.33 4.67
N ARG D 15 -9.01 18.91 5.86
CA ARG D 15 -7.98 18.90 6.89
C ARG D 15 -7.58 17.48 7.28
N ASP D 16 -8.60 16.64 7.48
CA ASP D 16 -8.39 15.27 7.95
C ASP D 16 -7.62 14.43 6.91
N LYS D 17 -8.03 14.55 5.66
CA LYS D 17 -7.37 13.82 4.58
C LYS D 17 -5.89 14.22 4.48
N ALA D 18 -5.64 15.51 4.63
CA ALA D 18 -4.29 16.06 4.58
C ALA D 18 -3.41 15.44 5.66
N ARG D 19 -3.92 15.43 6.88
CA ARG D 19 -3.22 14.82 8.02
C ARG D 19 -2.95 13.34 7.77
N LYS D 20 -3.98 12.63 7.29
CA LYS D 20 -3.86 11.21 7.05
C LYS D 20 -2.86 10.89 5.95
N ASP D 21 -2.86 11.69 4.89
CA ASP D 21 -1.94 11.48 3.78
C ASP D 21 -0.50 11.76 4.19
N LEU D 22 -0.32 12.80 5.00
CA LEU D 22 1.00 13.15 5.51
C LEU D 22 1.53 12.07 6.46
N LEU D 23 0.70 11.68 7.42
CA LEU D 23 1.11 10.71 8.43
C LEU D 23 1.37 9.33 7.85
N HIS D 24 0.55 8.94 6.86
CA HIS D 24 0.69 7.63 6.22
C HIS D 24 2.03 7.48 5.49
N LEU D 25 2.60 8.60 5.07
CA LEU D 25 3.91 8.57 4.41
C LEU D 25 5.02 8.58 5.44
N LEU D 26 4.73 9.15 6.61
CA LEU D 26 5.67 9.15 7.72
C LEU D 26 5.76 7.76 8.33
N GLU D 27 4.63 7.04 8.35
CA GLU D 27 4.63 5.63 8.74
C GLU D 27 5.47 4.81 7.77
N GLY D 28 5.28 5.09 6.47
CA GLY D 28 5.93 4.36 5.40
C GLY D 28 7.44 4.27 5.50
N VAL D 29 8.06 5.34 5.98
CA VAL D 29 9.49 5.33 6.27
C VAL D 29 9.69 4.75 7.67
N ARG D 30 10.23 3.54 7.73
CA ARG D 30 10.32 2.81 8.98
C ARG D 30 11.41 3.33 9.90
N GLY D 31 11.12 3.36 11.19
CA GLY D 31 12.06 3.85 12.17
C GLY D 31 11.83 5.33 12.44
N LYS D 32 12.71 5.92 13.25
CA LYS D 32 12.65 7.35 13.49
C LYS D 32 13.30 8.05 12.31
N LYS D 33 12.99 9.34 12.13
CA LYS D 33 13.52 10.07 11.00
C LYS D 33 13.73 11.54 11.34
N ASN D 34 14.68 12.17 10.65
CA ASN D 34 14.91 13.60 10.77
C ASN D 34 14.21 14.32 9.63
N LEU D 35 13.53 15.43 9.94
CA LEU D 35 12.65 16.05 8.98
C LEU D 35 13.20 17.34 8.39
N VAL D 36 13.04 17.51 7.08
CA VAL D 36 13.48 18.70 6.38
C VAL D 36 12.33 19.28 5.57
N ILE D 37 11.94 20.51 5.91
CA ILE D 37 10.76 21.13 5.29
C ILE D 37 11.10 22.43 4.57
N GLU D 38 10.51 22.61 3.38
CA GLU D 38 10.54 23.90 2.71
C GLU D 38 9.91 24.95 3.61
N LYS D 39 10.63 26.04 3.84
CA LYS D 39 10.29 27.03 4.87
C LYS D 39 8.86 27.57 4.74
N ASP D 40 8.51 28.09 3.57
CA ASP D 40 7.17 28.66 3.37
C ASP D 40 6.11 27.58 3.17
N LEU D 41 6.38 26.39 3.70
CA LEU D 41 5.42 25.30 3.69
C LEU D 41 5.17 24.82 5.11
N ALA D 42 6.12 25.09 5.99
CA ALA D 42 6.02 24.73 7.40
C ALA D 42 4.77 25.34 8.02
N GLY D 43 4.57 26.63 7.75
CA GLY D 43 3.39 27.34 8.20
C GLY D 43 2.09 26.64 7.86
N PRO D 44 1.76 26.52 6.56
CA PRO D 44 0.57 25.83 6.07
C PRO D 44 0.42 24.43 6.66
N LEU D 45 1.53 23.72 6.80
CA LEU D 45 1.52 22.38 7.38
C LEU D 45 0.97 22.39 8.79
N GLY D 46 1.28 23.45 9.53
CA GLY D 46 0.79 23.62 10.89
C GLY D 46 -0.72 23.74 11.00
N VAL D 47 -1.39 23.88 9.86
CA VAL D 47 -2.84 24.03 9.84
C VAL D 47 -3.53 22.67 9.75
N ILE D 48 -2.79 21.68 9.25
CA ILE D 48 -3.36 20.34 9.09
C ILE D 48 -2.80 19.33 10.11
N VAL D 49 -1.66 19.65 10.70
CA VAL D 49 -1.02 18.71 11.60
C VAL D 49 -0.26 19.42 12.71
N LYS D 50 -0.27 18.81 13.89
CA LYS D 50 0.52 19.30 15.02
C LYS D 50 1.93 18.74 14.95
N ALA D 51 2.91 19.52 15.37
CA ALA D 51 4.27 19.03 15.50
C ALA D 51 4.29 17.98 16.61
N SER D 52 3.37 18.16 17.56
CA SER D 52 3.10 17.16 18.58
C SER D 52 2.85 15.80 17.94
N THR D 53 1.77 15.74 17.16
CA THR D 53 1.42 14.54 16.40
C THR D 53 2.57 14.00 15.55
N LEU D 54 3.39 14.88 15.01
CA LEU D 54 4.48 14.48 14.11
C LEU D 54 5.61 13.77 14.85
N ARG D 55 5.98 14.28 16.01
CA ARG D 55 7.01 13.65 16.82
C ARG D 55 6.59 12.24 17.21
N ASP D 56 5.34 12.08 17.61
CA ASP D 56 4.77 10.77 17.94
C ASP D 56 4.94 9.76 16.81
N TYR D 57 5.00 10.27 15.58
CA TYR D 57 5.14 9.42 14.40
C TYR D 57 6.61 9.20 14.03
N GLY D 58 7.51 9.70 14.86
CA GLY D 58 8.91 9.35 14.75
C GLY D 58 9.83 10.42 14.22
N VAL D 59 9.54 11.67 14.53
CA VAL D 59 10.39 12.77 14.09
C VAL D 59 11.31 13.20 15.22
N ASP D 60 12.60 13.20 14.96
CA ASP D 60 13.59 13.53 15.98
C ASP D 60 13.92 15.01 15.98
N ASN D 61 14.41 15.52 14.84
CA ASN D 61 14.77 16.92 14.72
C ASN D 61 14.16 17.57 13.47
N PHE D 62 13.87 18.87 13.56
CA PHE D 62 13.26 19.62 12.47
C PHE D 62 14.27 20.58 11.82
N PHE D 63 14.27 20.62 10.50
CA PHE D 63 15.16 21.51 9.76
C PHE D 63 14.45 22.21 8.60
N PHE D 64 14.64 23.52 8.49
CA PHE D 64 14.23 24.25 7.30
C PHE D 64 15.21 23.95 6.17
N LEU D 65 14.68 23.68 4.98
CA LEU D 65 15.52 23.32 3.83
C LEU D 65 16.52 24.41 3.44
N GLU D 66 16.11 25.66 3.58
CA GLU D 66 16.90 26.78 3.09
C GLU D 66 17.99 27.20 4.08
N ASN D 67 18.17 26.42 5.12
CA ASN D 67 19.21 26.68 6.12
C ASN D 67 20.49 25.90 5.88
N LYS D 68 20.38 24.81 5.11
CA LYS D 68 21.53 23.99 4.73
C LYS D 68 22.32 23.42 5.91
N ASN D 69 21.62 22.98 6.94
CA ASN D 69 22.28 22.38 8.10
C ASN D 69 21.56 21.14 8.60
N THR D 70 21.24 20.22 7.70
CA THR D 70 20.56 18.99 8.10
C THR D 70 21.52 18.09 8.87
N GLY D 71 21.08 17.64 10.05
CA GLY D 71 21.90 16.85 10.94
C GLY D 71 21.95 15.38 10.59
N THR D 72 23.14 14.79 10.78
CA THR D 72 23.35 13.37 10.51
C THR D 72 22.88 12.50 11.67
N SER D 73 22.15 13.10 12.61
CA SER D 73 21.63 12.42 13.79
C SER D 73 20.94 11.09 13.46
N GLN D 74 19.71 11.18 12.96
CA GLN D 74 18.97 10.00 12.56
C GLN D 74 19.38 9.57 11.15
N ARG D 75 19.05 8.34 10.76
CA ARG D 75 19.44 7.83 9.45
C ARG D 75 18.51 8.31 8.35
N ASN D 76 17.21 8.12 8.54
CA ASN D 76 16.22 8.54 7.55
C ASN D 76 16.11 10.06 7.46
N ILE D 77 16.35 10.59 6.27
CA ILE D 77 16.18 12.02 6.01
C ILE D 77 14.98 12.25 5.10
N VAL D 78 13.96 12.92 5.61
CA VAL D 78 12.74 13.14 4.85
C VAL D 78 12.58 14.60 4.41
N PHE D 79 12.39 14.79 3.11
CA PHE D 79 12.16 16.12 2.56
C PHE D 79 10.67 16.32 2.27
N ILE D 80 10.13 17.47 2.67
CA ILE D 80 8.79 17.85 2.26
C ILE D 80 8.84 19.24 1.65
N ALA D 81 8.64 19.30 0.34
CA ALA D 81 8.69 20.58 -0.38
C ALA D 81 7.70 20.60 -1.52
N ARG D 82 7.30 21.80 -1.94
CA ARG D 82 6.43 21.95 -3.09
C ARG D 82 7.19 21.54 -4.36
N GLY D 83 6.56 20.68 -5.16
CA GLY D 83 7.24 20.08 -6.30
C GLY D 83 7.25 20.92 -7.55
N GLU D 84 6.32 21.85 -7.65
CA GLU D 84 6.23 22.70 -8.84
C GLU D 84 7.34 23.74 -8.82
N SER D 85 8.00 23.87 -7.68
CA SER D 85 9.01 24.90 -7.50
C SER D 85 10.33 24.44 -8.12
N VAL D 86 10.77 25.16 -9.14
CA VAL D 86 12.03 24.88 -9.81
C VAL D 86 13.20 24.99 -8.84
N ARG D 87 13.12 25.99 -7.97
CA ARG D 87 14.13 26.28 -6.98
C ARG D 87 14.34 25.12 -5.98
N ASN D 88 13.24 24.51 -5.55
CA ASN D 88 13.29 23.45 -4.54
C ASN D 88 14.04 22.19 -4.96
N ALA D 89 13.92 21.81 -6.23
CA ALA D 89 14.60 20.63 -6.76
C ALA D 89 16.12 20.75 -6.60
N HIS D 90 16.68 21.86 -7.07
CA HIS D 90 18.11 22.14 -6.95
C HIS D 90 18.57 22.15 -5.50
N ALA D 91 17.74 22.71 -4.62
CA ALA D 91 18.07 22.82 -3.21
C ALA D 91 18.24 21.45 -2.55
N ILE D 92 17.32 20.55 -2.85
CA ILE D 92 17.34 19.21 -2.28
C ILE D 92 18.51 18.39 -2.82
N ALA D 93 18.69 18.40 -4.14
CA ALA D 93 19.78 17.68 -4.79
C ALA D 93 21.14 18.08 -4.22
N ALA D 94 21.29 19.36 -3.93
CA ALA D 94 22.53 19.88 -3.36
C ALA D 94 22.76 19.35 -1.95
N GLN D 95 21.69 19.23 -1.17
CA GLN D 95 21.79 18.78 0.21
C GLN D 95 22.04 17.27 0.30
N ILE D 96 21.59 16.53 -0.70
CA ILE D 96 21.77 15.08 -0.70
C ILE D 96 23.25 14.76 -0.93
N LYS D 97 24.00 15.73 -1.45
CA LYS D 97 25.43 15.55 -1.66
C LYS D 97 26.24 16.11 -0.48
N ARG D 98 25.70 17.12 0.18
CA ARG D 98 26.33 17.71 1.35
C ARG D 98 26.37 16.70 2.50
N ILE D 99 25.46 15.73 2.45
CA ILE D 99 25.34 14.72 3.49
C ILE D 99 25.80 13.36 2.97
N GLN D 100 26.18 13.33 1.69
CA GLN D 100 26.76 12.13 1.11
C GLN D 100 28.29 12.24 1.10
N ARG D 101 28.78 13.42 1.44
CA ARG D 101 30.22 13.67 1.46
C ARG D 101 30.65 14.21 2.82
N GLU D 102 29.78 14.03 3.82
CA GLU D 102 30.07 14.45 5.19
C GLU D 102 29.41 13.53 6.22
N SER D 103 28.91 12.39 5.75
CA SER D 103 28.05 11.54 6.59
C SER D 103 28.79 10.81 7.70
N GLN D 104 28.05 9.93 8.37
CA GLN D 104 28.61 9.02 9.37
C GLN D 104 27.89 7.67 9.24
N THR D 105 26.70 7.72 8.65
CA THR D 105 25.94 6.52 8.29
C THR D 105 25.56 6.61 6.81
N SER D 106 24.85 5.61 6.32
CA SER D 106 24.53 5.55 4.90
C SER D 106 23.38 6.49 4.51
N HIS D 107 22.42 6.63 5.43
CA HIS D 107 21.25 7.51 5.26
C HIS D 107 20.31 7.09 4.13
N ASP D 108 19.02 6.98 4.46
CA ASP D 108 17.95 6.78 3.49
C ASP D 108 17.31 8.13 3.14
N PHE D 109 17.19 8.42 1.85
CA PHE D 109 16.69 9.72 1.41
C PHE D 109 15.24 9.64 0.93
N HIS D 110 14.36 10.33 1.64
CA HIS D 110 12.94 10.35 1.30
C HIS D 110 12.48 11.75 0.90
N ILE D 111 11.69 11.82 -0.16
CA ILE D 111 11.17 13.09 -0.66
C ILE D 111 9.64 13.06 -0.82
N PHE D 112 8.94 13.94 -0.11
CA PHE D 112 7.50 14.07 -0.29
C PHE D 112 7.18 15.30 -1.14
N TRP D 113 6.90 15.11 -2.43
CA TRP D 113 6.57 16.23 -3.30
C TRP D 113 5.14 16.71 -3.08
N VAL D 114 4.98 18.01 -2.88
CA VAL D 114 3.67 18.62 -2.72
C VAL D 114 3.32 19.43 -3.96
N PRO D 115 2.28 19.00 -4.71
CA PRO D 115 1.47 17.81 -4.43
C PRO D 115 1.87 16.61 -5.30
N ARG D 116 2.82 16.79 -6.21
CA ARG D 116 3.12 15.72 -7.15
C ARG D 116 4.58 15.67 -7.60
N ARG D 117 5.00 14.48 -8.01
CA ARG D 117 6.29 14.27 -8.63
C ARG D 117 6.20 14.78 -10.06
N THR D 118 7.07 15.72 -10.41
CA THR D 118 7.03 16.30 -11.74
C THR D 118 8.22 15.84 -12.59
N LEU D 119 8.06 15.90 -13.90
CA LEU D 119 9.12 15.54 -14.83
C LEU D 119 10.36 16.39 -14.56
N PHE D 120 10.14 17.67 -14.27
CA PHE D 120 11.21 18.59 -13.90
C PHE D 120 12.03 18.09 -12.72
N SER D 121 11.34 17.73 -11.65
CA SER D 121 11.98 17.28 -10.41
C SER D 121 12.99 16.19 -10.70
N ASP D 122 12.59 15.24 -11.53
CA ASP D 122 13.43 14.09 -11.84
C ASP D 122 14.70 14.45 -12.59
N LYS D 123 14.59 15.33 -13.60
CA LYS D 123 15.77 15.69 -14.39
C LYS D 123 16.82 16.48 -13.62
N VAL D 124 16.38 17.39 -12.74
CA VAL D 124 17.32 18.10 -11.88
C VAL D 124 17.98 17.09 -10.96
N LEU D 125 17.18 16.16 -10.44
CA LEU D 125 17.71 15.09 -9.60
C LEU D 125 18.59 14.15 -10.43
N GLU D 126 18.20 13.92 -11.68
CA GLU D 126 18.96 13.04 -12.57
C GLU D 126 20.29 13.66 -12.96
N GLU D 127 20.25 14.90 -13.44
CA GLU D 127 21.47 15.62 -13.81
C GLU D 127 22.22 16.11 -12.58
N ALA D 128 22.11 15.33 -11.50
CA ALA D 128 22.90 15.50 -10.30
C ALA D 128 23.21 14.12 -9.76
N GLY D 129 22.69 13.10 -10.44
CA GLY D 129 22.96 11.72 -10.10
C GLY D 129 22.16 11.18 -8.93
N VAL D 130 21.59 12.07 -8.12
CA VAL D 130 20.92 11.67 -6.89
C VAL D 130 19.51 11.10 -7.09
N LEU D 131 19.07 10.98 -8.35
CA LEU D 131 17.74 10.46 -8.63
C LEU D 131 17.62 9.00 -8.20
N GLY D 132 18.69 8.24 -8.41
CA GLY D 132 18.71 6.83 -8.06
C GLY D 132 18.69 6.59 -6.57
N ASP D 133 19.20 7.54 -5.79
CA ASP D 133 19.25 7.41 -4.34
C ASP D 133 18.08 8.15 -3.67
N ALA D 134 16.90 8.09 -4.29
CA ALA D 134 15.79 8.92 -3.84
C ALA D 134 14.47 8.16 -3.74
N ASN D 135 13.93 8.10 -2.53
CA ASN D 135 12.62 7.51 -2.30
C ASN D 135 11.52 8.57 -2.45
N ILE D 136 11.00 8.70 -3.67
CA ILE D 136 10.11 9.80 -4.02
C ILE D 136 8.63 9.43 -3.93
N SER D 137 7.91 10.11 -3.03
CA SER D 137 6.47 9.91 -2.87
C SER D 137 5.73 11.23 -3.08
N GLU D 138 4.42 11.14 -3.29
CA GLU D 138 3.61 12.33 -3.52
C GLU D 138 2.69 12.64 -2.35
N LEU D 139 2.66 13.91 -1.95
CA LEU D 139 1.82 14.38 -0.86
C LEU D 139 0.77 15.33 -1.42
N PRO D 140 -0.38 14.77 -1.83
CA PRO D 140 -1.42 15.53 -2.54
C PRO D 140 -2.10 16.61 -1.71
N LEU D 141 -1.33 17.59 -1.25
CA LEU D 141 -1.89 18.75 -0.56
C LEU D 141 -2.24 19.85 -1.55
N TYR D 142 -3.45 20.39 -1.42
CA TYR D 142 -3.87 21.49 -2.29
C TYR D 142 -4.39 22.66 -1.47
N PHE D 143 -5.70 22.67 -1.21
CA PHE D 143 -6.28 23.64 -0.31
C PHE D 143 -5.85 23.39 1.12
N PHE D 144 -5.32 24.41 1.78
CA PHE D 144 -5.18 24.38 3.22
C PHE D 144 -6.39 25.07 3.82
N PRO D 145 -7.18 24.32 4.61
CA PRO D 145 -8.40 24.89 5.18
C PRO D 145 -8.11 25.82 6.37
N LEU D 146 -8.10 27.11 6.10
CA LEU D 146 -7.76 28.11 7.11
C LEU D 146 -8.94 28.37 8.05
N GLU D 147 -10.14 28.23 7.51
CA GLU D 147 -11.36 28.34 8.30
C GLU D 147 -12.41 27.38 7.76
N ARG D 148 -13.56 27.37 8.42
CA ARG D 148 -14.70 26.57 8.00
C ARG D 148 -15.22 27.03 6.65
N ASP D 149 -14.97 28.29 6.31
CA ASP D 149 -15.47 28.85 5.05
C ASP D 149 -14.36 29.41 4.16
N VAL D 150 -13.11 29.09 4.47
CA VAL D 150 -11.98 29.62 3.70
C VAL D 150 -10.94 28.55 3.38
N LEU D 151 -10.80 28.25 2.08
CA LEU D 151 -9.75 27.35 1.62
C LEU D 151 -8.70 28.11 0.81
N SER D 152 -7.43 27.87 1.11
CA SER D 152 -6.35 28.56 0.42
C SER D 152 -5.18 27.64 0.08
N LEU D 153 -4.67 27.77 -1.15
CA LEU D 153 -3.51 27.00 -1.60
C LEU D 153 -2.24 27.45 -0.88
N GLU D 154 -2.30 28.63 -0.27
CA GLU D 154 -1.17 29.22 0.47
C GLU D 154 0.08 29.36 -0.39
N LEU D 155 -0.10 29.85 -1.61
CA LEU D 155 1.01 30.13 -2.52
C LEU D 155 1.39 31.61 -2.43
N ASN D 156 2.40 31.91 -1.61
CA ASN D 156 2.71 33.28 -1.26
C ASN D 156 3.18 34.13 -2.44
N ASP D 157 3.95 33.52 -3.34
CA ASP D 157 4.47 34.22 -4.50
C ASP D 157 3.59 34.05 -5.74
N SER D 158 2.36 33.57 -5.53
CA SER D 158 1.46 33.30 -6.65
C SER D 158 1.06 34.58 -7.39
N PHE D 159 1.08 35.71 -6.69
CA PHE D 159 0.71 36.99 -7.31
C PHE D 159 1.82 37.49 -8.23
N ARG D 160 3.05 37.42 -7.76
CA ARG D 160 4.20 37.78 -8.59
C ARG D 160 4.34 36.84 -9.78
N ASP D 161 4.29 35.54 -9.51
CA ASP D 161 4.41 34.51 -10.54
C ASP D 161 3.40 34.70 -11.66
N LEU D 162 2.15 34.94 -11.28
CA LEU D 162 1.05 34.98 -12.23
C LEU D 162 1.04 36.26 -13.07
N TYR D 163 1.08 37.42 -12.40
CA TYR D 163 0.84 38.69 -13.08
C TYR D 163 2.10 39.42 -13.53
N LEU D 164 3.23 39.12 -12.89
CA LEU D 164 4.49 39.75 -13.25
C LEU D 164 5.37 38.79 -14.06
N ALA D 165 5.42 37.54 -13.62
CA ALA D 165 6.28 36.54 -14.25
C ALA D 165 5.56 35.79 -15.37
N LYS D 166 4.24 35.92 -15.39
CA LYS D 166 3.39 35.27 -16.38
C LYS D 166 3.57 33.75 -16.33
N ASP D 167 3.53 33.22 -15.13
CA ASP D 167 3.64 31.78 -14.89
C ASP D 167 2.27 31.22 -14.53
N PRO D 168 1.72 30.36 -15.41
CA PRO D 168 0.39 29.76 -15.24
C PRO D 168 0.31 28.64 -14.18
N THR D 169 1.39 28.37 -13.46
CA THR D 169 1.39 27.30 -12.45
C THR D 169 0.28 27.42 -11.40
N PRO D 170 0.09 28.61 -10.78
CA PRO D 170 -0.97 28.69 -9.76
C PRO D 170 -2.36 28.41 -10.33
N VAL D 171 -2.61 28.85 -11.56
CA VAL D 171 -3.88 28.57 -12.22
C VAL D 171 -4.04 27.05 -12.40
N PHE D 172 -2.94 26.38 -12.73
CA PHE D 172 -2.94 24.94 -12.92
C PHE D 172 -3.29 24.21 -11.62
N LEU D 173 -2.53 24.49 -10.56
CA LEU D 173 -2.78 23.90 -9.24
C LEU D 173 -4.22 24.12 -8.79
N LEU D 174 -4.66 25.38 -8.82
CA LEU D 174 -6.01 25.75 -8.42
C LEU D 174 -7.07 24.95 -9.19
N SER D 175 -6.81 24.71 -10.46
CA SER D 175 -7.70 23.92 -11.29
C SER D 175 -7.77 22.49 -10.76
N ARG D 176 -6.61 21.89 -10.53
CA ARG D 176 -6.54 20.54 -9.97
C ARG D 176 -7.24 20.47 -8.62
N ALA D 177 -6.94 21.43 -7.75
CA ALA D 177 -7.58 21.52 -6.44
C ALA D 177 -9.11 21.49 -6.58
N LEU D 178 -9.64 22.36 -7.41
CA LEU D 178 -11.09 22.40 -7.66
C LEU D 178 -11.61 21.10 -8.26
N MET D 179 -10.82 20.48 -9.11
CA MET D 179 -11.23 19.22 -9.76
C MET D 179 -11.40 18.12 -8.72
N GLY D 180 -10.52 18.12 -7.73
CA GLY D 180 -10.63 17.22 -6.59
C GLY D 180 -11.97 17.32 -5.88
N ILE D 181 -12.46 18.53 -5.69
CA ILE D 181 -13.75 18.77 -5.06
C ILE D 181 -14.86 18.13 -5.90
N GLN D 182 -14.72 18.25 -7.22
CA GLN D 182 -15.69 17.68 -8.15
C GLN D 182 -15.69 16.16 -8.07
N LYS D 183 -14.50 15.58 -7.96
CA LYS D 183 -14.36 14.13 -7.90
C LYS D 183 -15.06 13.55 -6.67
N LYS D 184 -15.17 14.34 -5.62
CA LYS D 184 -15.78 13.87 -4.38
C LYS D 184 -17.26 14.23 -4.28
N HIS D 185 -17.64 15.41 -4.76
CA HIS D 185 -19.00 15.89 -4.54
C HIS D 185 -19.80 16.09 -5.82
N GLY D 186 -19.20 15.80 -6.97
CA GLY D 186 -19.89 15.93 -8.23
C GLY D 186 -19.53 17.19 -9.01
N LEU D 187 -19.76 17.15 -10.31
CA LEU D 187 -19.50 18.29 -11.18
C LEU D 187 -20.22 19.56 -10.72
N PHE D 188 -19.53 20.69 -10.81
CA PHE D 188 -20.18 21.98 -10.60
C PHE D 188 -21.27 22.16 -11.66
N PRO D 189 -22.53 22.28 -11.22
CA PRO D 189 -23.65 22.54 -12.14
C PRO D 189 -23.36 23.74 -13.04
N ARG D 190 -22.81 24.80 -12.44
CA ARG D 190 -22.44 25.99 -13.18
C ARG D 190 -21.07 26.50 -12.79
N ILE D 191 -20.29 26.91 -13.78
CA ILE D 191 -19.02 27.59 -13.55
C ILE D 191 -19.11 29.03 -14.05
N ILE D 192 -19.44 29.93 -13.14
CA ILE D 192 -19.63 31.34 -13.45
C ILE D 192 -18.36 32.13 -13.16
N GLY D 193 -17.95 32.99 -14.07
CA GLY D 193 -16.71 33.72 -13.84
C GLY D 193 -16.44 35.01 -14.60
N LYS D 194 -15.40 35.70 -14.15
CA LYS D 194 -15.00 36.99 -14.72
C LYS D 194 -13.49 37.18 -14.62
N GLY D 195 -12.85 37.43 -15.75
CA GLY D 195 -11.41 37.62 -15.79
C GLY D 195 -10.70 36.55 -16.60
N GLU D 196 -9.55 36.91 -17.17
CA GLU D 196 -8.80 36.01 -18.04
C GLU D 196 -8.42 34.69 -17.37
N ASN D 197 -7.80 34.79 -16.20
CA ASN D 197 -7.33 33.60 -15.50
C ASN D 197 -8.47 32.82 -14.86
N ALA D 198 -9.63 33.47 -14.70
CA ALA D 198 -10.82 32.75 -14.26
C ALA D 198 -11.25 31.81 -15.38
N LYS D 199 -11.15 32.29 -16.60
CA LYS D 199 -11.52 31.51 -17.79
C LYS D 199 -10.49 30.40 -18.04
N ARG D 200 -9.23 30.68 -17.77
CA ARG D 200 -8.19 29.65 -17.89
C ARG D 200 -8.47 28.50 -16.92
N VAL D 201 -8.88 28.86 -15.70
CA VAL D 201 -9.28 27.86 -14.71
C VAL D 201 -10.48 27.07 -15.21
N ALA D 202 -11.48 27.78 -15.74
CA ALA D 202 -12.67 27.15 -16.28
C ALA D 202 -12.33 26.21 -17.44
N ASP D 203 -11.39 26.62 -18.28
CA ASP D 203 -11.02 25.81 -19.45
C ASP D 203 -10.29 24.54 -19.04
N LEU D 204 -9.44 24.63 -18.02
CA LEU D 204 -8.72 23.46 -17.54
C LEU D 204 -9.67 22.48 -16.86
N LEU D 205 -10.71 23.01 -16.22
CA LEU D 205 -11.71 22.16 -15.58
C LEU D 205 -12.51 21.38 -16.62
N SER D 206 -12.57 21.92 -17.83
CA SER D 206 -13.32 21.29 -18.91
C SER D 206 -12.42 20.30 -19.66
N ARG D 207 -11.14 20.63 -19.75
CA ARG D 207 -10.18 19.73 -20.39
C ARG D 207 -9.99 18.48 -19.55
N MET D 208 -9.94 18.66 -18.24
CA MET D 208 -9.70 17.56 -17.32
C MET D 208 -10.92 16.65 -17.26
N ARG D 209 -12.10 17.25 -17.36
CA ARG D 209 -13.34 16.49 -17.46
C ARG D 209 -13.30 15.56 -18.68
N GLN D 210 -12.86 16.10 -19.82
CA GLN D 210 -12.78 15.30 -21.05
C GLN D 210 -11.78 14.16 -20.94
N GLU D 211 -10.66 14.41 -20.28
CA GLU D 211 -9.64 13.37 -20.13
C GLU D 211 -10.08 12.28 -19.16
N LEU D 212 -10.99 12.61 -18.25
CA LEU D 212 -11.54 11.63 -17.33
C LEU D 212 -12.60 10.76 -18.01
N LEU D 213 -13.25 11.30 -19.03
CA LEU D 213 -14.29 10.55 -19.74
C LEU D 213 -13.67 9.71 -20.85
N ALA D 214 -12.54 10.18 -21.39
CA ALA D 214 -11.80 9.40 -22.37
C ALA D 214 -11.05 8.24 -21.72
N GLY D 215 -10.64 8.43 -20.48
CA GLY D 215 -9.91 7.41 -19.74
C GLY D 215 -10.78 6.26 -19.25
N GLU D 216 -11.86 6.60 -18.55
CA GLU D 216 -12.76 5.61 -17.97
C GLU D 216 -13.46 4.79 -19.06
N GLU D 217 -13.69 5.43 -20.20
CA GLU D 217 -14.26 4.77 -21.37
C GLU D 217 -13.37 3.64 -21.87
N ALA D 218 -12.06 3.87 -21.84
CA ALA D 218 -11.09 2.90 -22.36
C ALA D 218 -10.58 1.93 -21.29
N GLY D 219 -11.49 1.46 -20.45
CA GLY D 219 -11.18 0.44 -19.47
C GLY D 219 -10.09 0.75 -18.46
N GLU D 220 -9.76 2.03 -18.30
CA GLU D 220 -8.88 2.47 -17.22
C GLU D 220 -9.58 2.38 -15.87
N SER D 221 -10.87 2.07 -15.92
CA SER D 221 -11.69 1.76 -14.75
C SER D 221 -12.09 3.03 -14.01
N ASP D 222 -11.39 3.31 -12.91
CA ASP D 222 -11.73 4.40 -11.99
C ASP D 222 -13.21 4.38 -11.54
N ARG D 223 -13.85 3.21 -11.67
CA ARG D 223 -15.23 3.00 -11.23
C ARG D 223 -16.26 3.94 -11.87
N ALA D 224 -16.06 5.24 -11.70
CA ALA D 224 -17.01 6.25 -12.12
C ALA D 224 -16.30 7.61 -12.12
N GLY D 225 -16.77 8.60 -12.89
CA GLY D 225 -18.01 8.56 -13.63
C GLY D 225 -18.86 9.71 -13.12
N LEU D 226 -18.66 10.90 -13.67
CA LEU D 226 -19.05 12.13 -12.99
C LEU D 226 -20.43 12.66 -13.38
N SER D 227 -21.25 12.92 -12.37
CA SER D 227 -22.57 13.50 -12.56
C SER D 227 -22.63 14.86 -11.86
N PRO D 228 -23.51 15.76 -12.34
CA PRO D 228 -23.78 17.03 -11.67
C PRO D 228 -24.03 16.86 -10.17
N SER D 229 -23.47 17.74 -9.36
CA SER D 229 -23.59 17.62 -7.90
C SER D 229 -25.02 17.81 -7.44
N THR D 230 -25.30 17.38 -6.22
CA THR D 230 -26.61 17.58 -5.61
C THR D 230 -26.47 18.43 -4.35
N THR D 231 -25.22 18.74 -4.00
CA THR D 231 -24.94 19.52 -2.79
C THR D 231 -24.13 20.77 -3.13
N ILE D 232 -24.09 21.12 -4.41
CA ILE D 232 -23.39 22.29 -4.88
C ILE D 232 -24.23 23.05 -5.90
N GLU D 233 -24.44 24.34 -5.64
CA GLU D 233 -25.21 25.17 -6.57
C GLU D 233 -24.37 25.54 -7.77
N SER D 234 -23.19 26.10 -7.50
CA SER D 234 -22.29 26.57 -8.55
C SER D 234 -20.95 26.97 -7.97
N VAL D 235 -20.01 27.31 -8.85
CA VAL D 235 -18.75 27.93 -8.44
C VAL D 235 -18.53 29.24 -9.20
N ILE D 236 -18.22 30.31 -8.47
CA ILE D 236 -18.00 31.61 -9.07
C ILE D 236 -16.51 31.99 -9.00
N ILE D 237 -15.89 32.19 -10.15
CA ILE D 237 -14.44 32.44 -10.21
C ILE D 237 -14.07 33.86 -10.64
N ILE D 238 -13.43 34.61 -9.75
CA ILE D 238 -13.00 35.98 -10.05
C ILE D 238 -11.48 36.12 -10.18
N ASP D 239 -11.04 36.73 -11.28
CA ASP D 239 -9.62 37.00 -11.47
C ASP D 239 -9.25 38.30 -10.74
N ARG D 240 -8.17 38.23 -9.95
CA ARG D 240 -7.72 39.38 -9.16
C ARG D 240 -7.39 40.60 -10.02
N GLU D 241 -6.92 40.36 -11.25
CA GLU D 241 -6.51 41.45 -12.14
C GLU D 241 -7.70 42.24 -12.67
N VAL D 242 -8.89 41.86 -12.24
CA VAL D 242 -10.12 42.57 -12.60
C VAL D 242 -10.31 43.77 -11.67
N ASP D 243 -9.82 43.64 -10.45
CA ASP D 243 -10.03 44.66 -9.43
C ASP D 243 -8.80 44.81 -8.55
N PHE D 244 -7.78 45.50 -9.08
CA PHE D 244 -6.56 45.76 -8.33
C PHE D 244 -6.78 46.81 -7.24
N VAL D 245 -7.83 47.59 -7.40
CA VAL D 245 -8.09 48.72 -6.51
C VAL D 245 -8.32 48.31 -5.06
N THR D 246 -9.19 47.32 -4.85
CA THR D 246 -9.58 46.92 -3.50
C THR D 246 -8.40 46.54 -2.60
N PRO D 247 -7.49 45.65 -3.07
CA PRO D 247 -6.35 45.36 -2.18
C PRO D 247 -5.40 46.53 -2.00
N LEU D 248 -5.40 47.49 -2.92
CA LEU D 248 -4.50 48.63 -2.82
C LEU D 248 -4.89 49.54 -1.64
N LEU D 249 -6.20 49.72 -1.47
CA LEU D 249 -6.70 50.52 -0.36
C LEU D 249 -6.26 49.94 0.99
N THR D 250 -5.98 50.83 1.93
CA THR D 250 -5.67 50.40 3.29
C THR D 250 -6.93 49.81 3.90
N GLN D 251 -6.87 48.53 4.26
CA GLN D 251 -8.04 47.83 4.79
C GLN D 251 -8.39 48.36 6.17
N LEU D 252 -9.67 48.51 6.45
CA LEU D 252 -10.11 49.19 7.66
C LEU D 252 -10.93 48.31 8.60
N THR D 253 -10.94 47.01 8.35
CA THR D 253 -11.52 46.07 9.32
C THR D 253 -10.45 45.72 10.34
N TYR D 254 -10.86 45.11 11.45
CA TYR D 254 -9.92 44.76 12.51
C TYR D 254 -8.86 43.78 12.01
N GLU D 255 -9.28 42.70 11.37
CA GLU D 255 -8.35 41.73 10.83
C GLU D 255 -7.55 42.32 9.68
N GLY D 256 -8.22 43.16 8.89
CA GLY D 256 -7.57 43.87 7.80
C GLY D 256 -6.40 44.70 8.29
N LEU D 257 -6.65 45.55 9.27
CA LEU D 257 -5.61 46.42 9.82
C LEU D 257 -4.50 45.61 10.49
N ILE D 258 -4.85 44.46 11.05
CA ILE D 258 -3.83 43.57 11.62
C ILE D 258 -2.91 43.10 10.50
N ASP D 259 -3.50 42.63 9.41
CA ASP D 259 -2.74 42.20 8.24
C ASP D 259 -1.96 43.38 7.65
N GLU D 260 -2.57 44.55 7.69
CA GLU D 260 -1.96 45.76 7.15
C GLU D 260 -0.74 46.23 7.95
N TYR D 261 -0.73 45.91 9.24
CA TYR D 261 0.27 46.47 10.15
C TYR D 261 1.19 45.41 10.77
N PHE D 262 0.62 44.27 11.13
CA PHE D 262 1.40 43.19 11.74
C PHE D 262 1.79 42.12 10.73
N GLY D 263 0.95 41.96 9.70
CA GLY D 263 1.17 40.93 8.70
C GLY D 263 0.74 39.57 9.22
N ILE D 264 -0.34 39.04 8.65
CA ILE D 264 -0.86 37.75 9.06
C ILE D 264 -0.39 36.63 8.13
N GLN D 265 0.26 35.62 8.71
CA GLN D 265 0.66 34.44 7.97
C GLN D 265 0.14 33.18 8.65
N ASN D 266 -0.54 32.33 7.88
CA ASN D 266 -0.99 31.03 8.36
C ASN D 266 -1.84 31.11 9.63
N ASN D 267 -2.83 32.01 9.63
CA ASN D 267 -3.68 32.25 10.79
C ASN D 267 -2.89 32.68 12.03
N GLN D 268 -1.70 33.25 11.81
CA GLN D 268 -0.84 33.66 12.91
C GLN D 268 -0.19 35.02 12.65
N THR D 269 0.52 35.53 13.66
CA THR D 269 1.22 36.80 13.55
C THR D 269 2.18 37.00 14.74
N ASP D 270 3.01 38.03 14.66
CA ASP D 270 3.96 38.32 15.73
C ASP D 270 3.69 39.67 16.41
N VAL D 271 3.72 39.68 17.73
CA VAL D 271 3.59 40.88 18.56
C VAL D 271 4.67 40.86 19.64
N ASP D 272 4.92 41.98 20.31
CA ASP D 272 6.10 42.05 21.18
C ASP D 272 5.85 41.79 22.66
N ALA D 273 4.80 42.39 23.22
CA ALA D 273 4.46 42.17 24.62
C ALA D 273 2.96 42.38 24.79
N VAL D 274 2.18 41.30 24.67
CA VAL D 274 0.75 41.44 24.58
C VAL D 274 0.02 40.30 25.28
N ARG D 298 12.55 40.64 22.30
CA ARG D 298 12.03 40.02 21.10
C ARG D 298 10.53 39.77 21.22
N LYS D 299 9.96 39.02 20.28
CA LYS D 299 8.51 38.93 20.18
C LYS D 299 7.94 37.51 20.25
N ARG D 300 6.61 37.43 20.28
CA ARG D 300 5.88 36.17 20.45
C ARG D 300 4.82 36.00 19.36
N LYS D 301 4.40 34.75 19.13
CA LYS D 301 3.48 34.47 18.03
C LYS D 301 2.05 34.28 18.51
N ILE D 302 1.15 35.10 17.97
CA ILE D 302 -0.27 35.05 18.31
C ILE D 302 -1.04 34.20 17.30
N GLN D 303 -1.92 33.33 17.79
CA GLN D 303 -2.81 32.57 16.91
C GLN D 303 -4.06 33.38 16.60
N LEU D 304 -4.43 33.44 15.32
CA LEU D 304 -5.58 34.23 14.89
C LEU D 304 -6.51 33.41 14.01
N ASP D 305 -7.46 32.70 14.62
CA ASP D 305 -8.44 31.95 13.87
C ASP D 305 -9.80 31.90 14.58
N GLY D 306 -10.77 31.26 13.93
CA GLY D 306 -12.15 31.30 14.38
C GLY D 306 -12.48 30.52 15.64
N SER D 307 -11.48 29.86 16.21
CA SER D 307 -11.68 29.12 17.45
C SER D 307 -11.93 30.06 18.63
N ASP D 308 -11.02 31.01 18.81
CA ASP D 308 -11.15 32.04 19.84
C ASP D 308 -12.44 32.83 19.62
N SER D 309 -13.42 32.62 20.50
CA SER D 309 -14.75 33.19 20.35
C SER D 309 -14.78 34.72 20.25
N LEU D 310 -13.81 35.37 20.89
CA LEU D 310 -13.73 36.82 20.84
C LEU D 310 -13.30 37.27 19.46
N TYR D 311 -12.22 36.68 18.96
CA TYR D 311 -11.67 37.05 17.66
C TYR D 311 -12.68 36.85 16.53
N SER D 312 -13.53 35.83 16.67
CA SER D 312 -14.62 35.61 15.73
C SER D 312 -15.46 36.86 15.54
N GLN D 313 -15.81 37.49 16.66
CA GLN D 313 -16.64 38.69 16.65
C GLN D 313 -15.85 39.93 16.24
N LEU D 314 -14.56 39.92 16.54
CA LEU D 314 -13.70 41.09 16.27
C LEU D 314 -13.19 41.16 14.84
N ARG D 315 -12.87 40.01 14.26
CA ARG D 315 -12.11 39.95 13.01
C ARG D 315 -12.80 40.62 11.82
N ASP D 316 -14.11 40.42 11.67
CA ASP D 316 -14.82 40.90 10.49
C ASP D 316 -15.42 42.30 10.68
N ALA D 317 -15.17 42.91 11.84
CA ALA D 317 -15.80 44.18 12.16
C ALA D 317 -14.96 45.37 11.72
N ASN D 318 -15.64 46.48 11.42
CA ASN D 318 -14.94 47.73 11.15
C ASN D 318 -14.18 48.13 12.40
N PHE D 319 -12.96 48.65 12.22
CA PHE D 319 -12.10 48.90 13.36
C PHE D 319 -12.65 49.94 14.33
N ALA D 320 -13.47 50.85 13.80
CA ALA D 320 -14.12 51.87 14.61
C ALA D 320 -14.85 51.27 15.82
N ILE D 321 -15.70 50.29 15.57
CA ILE D 321 -16.55 49.73 16.61
C ILE D 321 -15.87 48.66 17.47
N VAL D 322 -14.55 48.51 17.33
CA VAL D 322 -13.85 47.49 18.09
C VAL D 322 -13.84 47.86 19.57
N GLY D 323 -13.61 49.14 19.85
CA GLY D 323 -13.69 49.66 21.21
C GLY D 323 -15.03 49.32 21.84
N SER D 324 -16.10 49.79 21.21
CA SER D 324 -17.48 49.48 21.61
C SER D 324 -17.70 47.99 21.84
N LEU D 325 -17.05 47.16 21.04
CA LEU D 325 -17.18 45.71 21.15
C LEU D 325 -16.26 45.14 22.21
N LEU D 326 -15.03 45.66 22.28
CA LEU D 326 -14.05 45.18 23.24
C LEU D 326 -14.55 45.38 24.66
N ASN D 327 -15.05 46.59 24.94
CA ASN D 327 -15.63 46.91 26.23
C ASN D 327 -16.85 46.06 26.53
N THR D 328 -17.80 46.02 25.59
CA THR D 328 -19.03 45.25 25.74
C THR D 328 -18.77 43.80 26.16
N VAL D 329 -17.66 43.23 25.71
CA VAL D 329 -17.30 41.87 26.08
C VAL D 329 -16.63 41.86 27.44
N ALA D 330 -15.82 42.90 27.70
CA ALA D 330 -15.21 43.10 29.01
C ALA D 330 -16.26 43.49 30.04
N ARG D 331 -17.27 44.23 29.59
CA ARG D 331 -18.36 44.68 30.44
C ARG D 331 -19.25 43.50 30.81
N ARG D 332 -19.19 42.45 29.98
CA ARG D 332 -20.01 41.25 30.19
C ARG D 332 -19.29 40.21 31.02
N LEU D 333 -17.96 40.19 30.96
CA LEU D 333 -17.17 39.22 31.70
C LEU D 333 -17.21 39.56 33.20
N LYS D 334 -17.17 40.86 33.50
CA LYS D 334 -17.15 41.33 34.88
C LYS D 334 -18.43 40.95 35.62
N SER D 335 -19.55 40.98 34.91
CA SER D 335 -20.83 40.59 35.49
C SER D 335 -21.17 39.14 35.17
N ASP D 336 -20.16 38.35 34.83
CA ASP D 336 -20.34 36.92 34.57
C ASP D 336 -19.45 36.09 35.48
N TYR D 337 -18.43 36.72 36.05
CA TYR D 337 -17.61 36.10 37.08
C TYR D 337 -18.32 36.18 38.42
N GLU D 338 -18.91 37.33 38.67
CA GLU D 338 -19.66 37.58 39.91
C GLU D 338 -20.84 36.62 40.02
N SER D 339 -21.61 36.51 38.93
CA SER D 339 -22.81 35.68 38.87
C SER D 339 -22.61 34.23 39.30
N ARG D 340 -23.70 33.64 39.79
CA ARG D 340 -23.87 32.21 39.99
C ARG D 340 -23.16 31.64 41.23
N HIS D 341 -22.74 32.51 42.14
CA HIS D 341 -22.42 32.07 43.48
C HIS D 341 -23.69 31.97 44.32
N ASN D 342 -24.84 32.18 43.66
CA ASN D 342 -26.14 32.12 44.31
C ASN D 342 -26.45 30.76 44.93
N THR D 343 -27.08 29.90 44.14
CA THR D 343 -27.47 28.57 44.60
C THR D 343 -26.24 27.76 45.03
N LYS D 344 -25.68 28.09 46.19
CA LYS D 344 -24.51 27.37 46.67
C LYS D 344 -24.84 25.94 47.05
N THR D 345 -25.32 25.17 46.09
CA THR D 345 -25.46 23.74 46.25
C THR D 345 -24.55 23.15 45.20
N THR D 346 -23.80 22.11 45.59
CA THR D 346 -22.70 21.54 44.81
C THR D 346 -22.73 21.86 43.33
N ALA D 347 -23.81 21.48 42.67
CA ALA D 347 -23.99 21.68 41.23
C ALA D 347 -23.71 23.10 40.75
N GLU D 348 -24.50 24.06 41.23
CA GLU D 348 -24.44 25.43 40.73
C GLU D 348 -23.09 26.10 41.00
N LEU D 349 -22.24 25.46 41.80
CA LEU D 349 -20.85 25.87 41.93
C LEU D 349 -19.96 24.94 41.14
N LYS D 350 -20.22 23.64 41.23
CA LYS D 350 -19.56 22.64 40.39
C LYS D 350 -19.65 23.01 38.90
N GLU D 351 -20.78 23.60 38.51
CA GLU D 351 -20.99 24.03 37.13
C GLU D 351 -20.20 25.30 36.85
N PHE D 352 -19.99 26.10 37.90
CA PHE D 352 -19.21 27.33 37.78
C PHE D 352 -17.74 27.03 37.61
N VAL D 353 -17.22 26.08 38.38
CA VAL D 353 -15.82 25.69 38.25
C VAL D 353 -15.56 24.97 36.92
N LYS D 354 -16.62 24.42 36.33
CA LYS D 354 -16.51 23.83 35.00
C LYS D 354 -16.23 24.93 33.97
N LYS D 355 -17.05 25.97 34.00
CA LYS D 355 -16.94 27.10 33.08
C LYS D 355 -15.80 28.05 33.48
N LEU D 356 -14.85 27.53 34.28
CA LEU D 356 -13.80 28.38 34.83
C LEU D 356 -12.58 28.55 33.91
N PRO D 357 -12.08 27.46 33.29
CA PRO D 357 -10.98 27.70 32.35
C PRO D 357 -11.43 28.47 31.11
N GLY D 358 -12.72 28.37 30.78
CA GLY D 358 -13.27 29.06 29.63
C GLY D 358 -13.41 30.54 29.91
N TYR D 359 -13.47 30.90 31.19
CA TYR D 359 -13.49 32.29 31.60
C TYR D 359 -12.07 32.86 31.52
N GLN D 360 -11.12 32.09 32.04
CA GLN D 360 -9.73 32.52 32.09
C GLN D 360 -9.18 32.74 30.69
N ALA D 361 -9.45 31.80 29.79
CA ALA D 361 -9.05 31.90 28.40
C ALA D 361 -9.65 33.13 27.73
N GLU D 362 -10.97 33.27 27.87
CA GLU D 362 -11.69 34.42 27.33
C GLU D 362 -11.16 35.73 27.94
N GLN D 363 -10.74 35.68 29.19
CA GLN D 363 -10.16 36.83 29.86
C GLN D 363 -8.79 37.18 29.29
N GLN D 364 -8.01 36.17 28.97
CA GLN D 364 -6.65 36.41 28.47
C GLN D 364 -6.67 36.74 26.98
N SER D 365 -7.69 36.26 26.28
CA SER D 365 -7.89 36.63 24.89
C SER D 365 -8.22 38.12 24.82
N LEU D 366 -9.07 38.55 25.74
CA LEU D 366 -9.50 39.94 25.80
C LEU D 366 -8.35 40.91 26.08
N LYS D 367 -7.38 40.46 26.86
CA LYS D 367 -6.24 41.32 27.18
C LYS D 367 -5.31 41.44 25.98
N ILE D 368 -5.19 40.38 25.21
CA ILE D 368 -4.39 40.39 23.99
C ILE D 368 -5.01 41.30 22.92
N HIS D 369 -6.27 41.05 22.59
CA HIS D 369 -6.95 41.84 21.57
C HIS D 369 -7.26 43.25 22.05
N SER D 370 -6.94 43.55 23.31
CA SER D 370 -7.03 44.91 23.81
C SER D 370 -5.73 45.67 23.56
N ASN D 371 -4.62 44.99 23.81
CA ASN D 371 -3.31 45.53 23.52
C ASN D 371 -3.13 45.75 22.02
N ILE D 372 -3.47 44.73 21.23
CA ILE D 372 -3.39 44.83 19.77
C ILE D 372 -4.24 45.96 19.23
N ALA D 373 -5.52 45.97 19.61
CA ALA D 373 -6.43 47.03 19.19
C ALA D 373 -5.86 48.41 19.51
N GLU D 374 -5.15 48.52 20.63
CA GLU D 374 -4.60 49.79 21.06
C GLU D 374 -3.43 50.23 20.18
N GLU D 375 -2.53 49.30 19.87
CA GLU D 375 -1.39 49.58 19.01
C GLU D 375 -1.83 50.11 17.64
N ILE D 376 -2.88 49.51 17.10
CA ILE D 376 -3.40 49.90 15.80
C ILE D 376 -4.03 51.29 15.88
N ILE D 377 -4.59 51.63 17.03
CA ILE D 377 -5.15 52.96 17.25
C ILE D 377 -4.06 54.02 17.12
N ASN D 378 -2.84 53.68 17.55
CA ASN D 378 -1.71 54.60 17.45
C ASN D 378 -1.22 54.79 16.00
N TYR D 379 -1.15 53.69 15.26
CA TYR D 379 -0.77 53.74 13.85
C TYR D 379 -1.70 54.64 13.05
N THR D 380 -2.99 54.55 13.37
CA THR D 380 -4.03 55.22 12.61
C THR D 380 -4.23 56.69 12.98
N ARG D 381 -3.45 57.17 13.95
CA ARG D 381 -3.61 58.53 14.45
C ARG D 381 -2.53 59.48 13.96
N THR D 382 -1.42 58.94 13.45
CA THR D 382 -0.32 59.74 12.91
C THR D 382 -0.76 60.63 11.76
N GLU D 383 0.05 61.64 11.45
CA GLU D 383 -0.21 62.50 10.29
C GLU D 383 -0.17 61.68 9.00
N ILE D 384 0.94 60.97 8.82
CA ILE D 384 1.23 60.26 7.58
C ILE D 384 0.12 59.27 7.24
N PHE D 385 -0.41 58.60 8.25
CA PHE D 385 -1.52 57.68 8.03
C PHE D 385 -2.75 58.39 7.47
N ASN D 386 -3.15 59.48 8.13
CA ASN D 386 -4.33 60.20 7.70
C ASN D 386 -4.11 60.87 6.36
N LYS D 387 -2.89 61.32 6.12
CA LYS D 387 -2.52 61.91 4.85
C LYS D 387 -2.66 60.87 3.75
N LEU D 388 -2.23 59.65 4.05
CA LEU D 388 -2.38 58.52 3.14
C LEU D 388 -3.85 58.19 2.91
N LEU D 389 -4.60 58.07 4.00
CA LEU D 389 -6.01 57.69 3.92
C LEU D 389 -6.85 58.76 3.24
N GLU D 390 -6.50 60.01 3.47
CA GLU D 390 -7.17 61.14 2.83
C GLU D 390 -7.09 61.04 1.31
N VAL D 391 -5.89 60.74 0.81
CA VAL D 391 -5.67 60.59 -0.63
C VAL D 391 -6.49 59.43 -1.18
N GLN D 392 -6.44 58.30 -0.48
CA GLN D 392 -7.21 57.11 -0.87
C GLN D 392 -8.69 57.43 -1.00
N GLN D 393 -9.22 58.14 -0.02
CA GLN D 393 -10.64 58.48 0.04
C GLN D 393 -11.06 59.36 -1.14
N ASN D 394 -10.24 60.37 -1.45
CA ASN D 394 -10.52 61.26 -2.57
C ASN D 394 -10.51 60.50 -3.89
N LEU D 395 -9.48 59.69 -4.11
CA LEU D 395 -9.37 58.91 -5.33
C LEU D 395 -10.56 57.98 -5.50
N ALA D 396 -10.87 57.22 -4.46
CA ALA D 396 -12.02 56.31 -4.47
C ALA D 396 -13.32 57.02 -4.79
N ALA D 397 -13.60 58.10 -4.06
CA ALA D 397 -14.83 58.87 -4.22
C ALA D 397 -14.98 59.47 -5.63
N GLY D 398 -13.85 59.66 -6.31
CA GLY D 398 -13.90 60.11 -7.70
C GLY D 398 -13.36 61.52 -7.89
N ALA D 399 -12.69 62.05 -6.88
CA ALA D 399 -12.09 63.37 -6.97
C ALA D 399 -11.03 63.39 -8.08
N ASP D 400 -10.81 64.56 -8.67
CA ASP D 400 -9.82 64.70 -9.71
C ASP D 400 -8.45 64.40 -9.12
N PRO D 401 -7.81 63.33 -9.60
CA PRO D 401 -6.53 62.84 -9.06
C PRO D 401 -5.43 63.90 -9.10
N SER D 402 -5.60 64.93 -9.92
CA SER D 402 -4.66 66.04 -9.97
C SER D 402 -4.68 66.82 -8.66
N SER D 403 -5.85 66.86 -8.03
CA SER D 403 -6.00 67.52 -6.74
C SER D 403 -5.19 66.85 -5.64
N GLN D 404 -4.86 65.57 -5.83
CA GLN D 404 -4.11 64.83 -4.82
C GLN D 404 -2.60 64.83 -5.06
N PHE D 405 -2.15 65.57 -6.06
CA PHE D 405 -0.74 65.57 -6.41
C PHE D 405 0.12 66.19 -5.31
N ASP D 406 -0.37 67.24 -4.67
CA ASP D 406 0.42 67.91 -3.65
C ASP D 406 0.58 67.04 -2.40
N SER D 407 -0.50 66.35 -2.02
CA SER D 407 -0.46 65.47 -0.87
C SER D 407 0.56 64.36 -1.11
N ILE D 408 0.51 63.79 -2.30
CA ILE D 408 1.42 62.71 -2.68
C ILE D 408 2.87 63.19 -2.65
N GLU D 409 3.11 64.37 -3.21
CA GLU D 409 4.45 64.97 -3.23
C GLU D 409 4.98 65.22 -1.82
N GLU D 410 4.09 65.67 -0.93
CA GLU D 410 4.45 65.89 0.46
C GLU D 410 4.89 64.58 1.09
N LEU D 411 4.12 63.53 0.83
CA LEU D 411 4.38 62.21 1.42
C LEU D 411 5.73 61.64 0.98
N VAL D 412 6.12 61.89 -0.27
CA VAL D 412 7.43 61.46 -0.74
C VAL D 412 8.52 62.25 0.00
N ALA D 413 8.31 63.55 0.10
CA ALA D 413 9.27 64.44 0.76
C ALA D 413 9.48 64.09 2.22
N ARG D 414 8.41 63.67 2.90
CA ARG D 414 8.51 63.30 4.31
C ARG D 414 8.96 61.86 4.48
N ASP D 415 9.40 61.25 3.38
CA ASP D 415 9.98 59.91 3.37
C ASP D 415 9.06 58.86 4.01
N THR D 416 7.80 58.85 3.59
CA THR D 416 6.87 57.84 4.06
C THR D 416 7.18 56.56 3.29
N PRO D 417 6.95 55.39 3.91
CA PRO D 417 7.43 54.12 3.35
C PRO D 417 7.04 53.90 1.89
N LEU D 418 8.02 53.47 1.09
CA LEU D 418 7.83 53.29 -0.34
C LEU D 418 6.58 52.48 -0.74
N PRO D 419 6.31 51.35 -0.04
CA PRO D 419 5.10 50.61 -0.39
C PRO D 419 3.82 51.44 -0.35
N GLN D 420 3.71 52.32 0.63
CA GLN D 420 2.47 53.07 0.81
C GLN D 420 2.31 54.14 -0.27
N VAL D 421 3.44 54.75 -0.65
CA VAL D 421 3.45 55.75 -1.71
C VAL D 421 3.09 55.12 -3.05
N LEU D 422 3.71 53.98 -3.33
CA LEU D 422 3.47 53.26 -4.59
C LEU D 422 2.01 52.82 -4.71
N ARG D 423 1.36 52.54 -3.58
CA ARG D 423 -0.03 52.11 -3.60
C ARG D 423 -0.96 53.25 -3.98
N LEU D 424 -0.59 54.47 -3.58
CA LEU D 424 -1.35 55.64 -4.00
C LEU D 424 -1.19 55.86 -5.49
N LEU D 425 0.03 55.65 -5.97
CA LEU D 425 0.34 55.81 -7.39
C LEU D 425 -0.42 54.80 -8.24
N CYS D 426 -0.41 53.54 -7.82
CA CYS D 426 -1.11 52.49 -8.53
C CYS D 426 -2.61 52.69 -8.43
N LEU D 427 -3.08 53.15 -7.27
CA LEU D 427 -4.50 53.47 -7.09
C LEU D 427 -4.93 54.55 -8.07
N TYR D 428 -4.10 55.58 -8.19
CA TYR D 428 -4.32 56.68 -9.15
C TYR D 428 -4.51 56.09 -10.54
N SER D 429 -3.51 55.34 -10.99
CA SER D 429 -3.53 54.77 -12.33
C SER D 429 -4.70 53.82 -12.56
N CYS D 430 -4.93 52.90 -11.63
CA CYS D 430 -5.91 51.84 -11.82
C CYS D 430 -7.35 52.34 -11.79
N ILE D 431 -7.60 53.43 -11.07
CA ILE D 431 -8.97 53.88 -10.86
C ILE D 431 -9.37 55.02 -11.82
N SER D 432 -8.41 55.52 -12.58
CA SER D 432 -8.66 56.65 -13.46
C SER D 432 -8.18 56.38 -14.88
N GLY D 433 -7.80 55.14 -15.15
CA GLY D 433 -7.37 54.72 -16.47
C GLY D 433 -6.08 55.40 -16.92
N GLY D 434 -5.04 55.30 -16.09
CA GLY D 434 -3.75 55.86 -16.42
C GLY D 434 -3.54 57.19 -15.74
N ILE D 435 -2.30 57.68 -15.81
CA ILE D 435 -1.93 58.95 -15.20
C ILE D 435 -1.60 59.96 -16.29
N LYS D 436 -1.98 61.22 -16.09
CA LYS D 436 -1.64 62.28 -17.04
C LYS D 436 -0.14 62.31 -17.28
N THR D 437 0.25 62.47 -18.53
CA THR D 437 1.62 62.24 -18.97
C THR D 437 2.65 63.15 -18.30
N LYS D 438 2.25 64.38 -17.95
CA LYS D 438 3.15 65.26 -17.24
C LYS D 438 3.26 64.89 -15.77
N GLU D 439 2.12 64.56 -15.15
CA GLU D 439 2.10 64.12 -13.77
C GLU D 439 2.90 62.83 -13.58
N LEU D 440 2.91 61.98 -14.60
CA LEU D 440 3.63 60.72 -14.52
C LEU D 440 5.13 60.94 -14.44
N ASP D 441 5.64 61.82 -15.29
CA ASP D 441 7.07 62.12 -15.31
C ASP D 441 7.52 62.75 -14.00
N HIS D 442 6.63 63.51 -13.38
CA HIS D 442 6.92 64.12 -12.08
C HIS D 442 6.92 63.05 -11.00
N PHE D 443 5.92 62.18 -11.02
CA PHE D 443 5.84 61.07 -10.08
C PHE D 443 7.07 60.17 -10.15
N ARG D 444 7.52 59.88 -11.36
CA ARG D 444 8.70 59.06 -11.59
C ARG D 444 9.94 59.71 -11.00
N ARG D 445 10.12 60.99 -11.30
CA ARG D 445 11.21 61.78 -10.73
C ARG D 445 11.17 61.76 -9.20
N LEU D 446 9.96 61.88 -8.65
CA LEU D 446 9.76 61.87 -7.20
C LEU D 446 10.20 60.56 -6.58
N VAL D 447 9.72 59.45 -7.14
CA VAL D 447 10.03 58.12 -6.63
C VAL D 447 11.52 57.81 -6.72
N LEU D 448 12.12 58.09 -7.88
CA LEU D 448 13.53 57.78 -8.10
C LEU D 448 14.44 58.56 -7.16
N GLN D 449 14.31 59.88 -7.18
CA GLN D 449 15.13 60.74 -6.33
C GLN D 449 14.83 60.51 -4.86
N GLY D 450 13.56 60.27 -4.55
CA GLY D 450 13.12 60.03 -3.19
C GLY D 450 13.68 58.77 -2.55
N TYR D 451 13.71 57.68 -3.30
CA TYR D 451 14.00 56.37 -2.71
C TYR D 451 15.18 55.64 -3.35
N GLY D 452 15.64 56.10 -4.50
CA GLY D 452 16.81 55.52 -5.14
C GLY D 452 16.56 55.13 -6.57
N HIS D 453 17.56 55.32 -7.43
CA HIS D 453 17.40 55.07 -8.86
C HIS D 453 17.25 53.59 -9.19
N GLN D 454 17.47 52.72 -8.20
CA GLN D 454 17.20 51.30 -8.37
C GLN D 454 15.76 51.06 -8.76
N HIS D 455 14.89 51.97 -8.33
CA HIS D 455 13.46 51.83 -8.50
C HIS D 455 13.02 52.19 -9.92
N LEU D 456 14.01 52.35 -10.79
CA LEU D 456 13.78 52.34 -12.22
C LEU D 456 13.17 50.99 -12.60
N LEU D 457 13.71 49.95 -11.96
CA LEU D 457 13.20 48.59 -12.07
C LEU D 457 11.82 48.45 -11.42
N THR D 458 11.69 48.95 -10.20
CA THR D 458 10.44 48.91 -9.46
C THR D 458 9.27 49.47 -10.26
N LEU D 459 9.52 50.57 -10.95
CA LEU D 459 8.49 51.22 -11.76
C LEU D 459 8.22 50.42 -13.02
N HIS D 460 9.28 49.83 -13.57
CA HIS D 460 9.17 48.96 -14.73
C HIS D 460 8.27 47.78 -14.42
N ASN D 461 8.43 47.23 -13.23
CA ASN D 461 7.63 46.10 -12.78
C ASN D 461 6.17 46.46 -12.59
N LEU D 462 5.93 47.65 -12.03
CA LEU D 462 4.56 48.15 -11.89
C LEU D 462 3.95 48.42 -13.26
N GLU D 463 4.81 48.75 -14.23
CA GLU D 463 4.37 48.92 -15.61
C GLU D 463 4.01 47.57 -16.24
N ARG D 464 4.83 46.57 -16.00
CA ARG D 464 4.55 45.22 -16.49
C ARG D 464 3.26 44.68 -15.88
N LEU D 465 3.03 45.01 -14.61
CA LEU D 465 1.83 44.57 -13.90
C LEU D 465 0.62 45.39 -14.35
N GLN D 466 0.90 46.41 -15.17
CA GLN D 466 -0.13 47.31 -15.68
C GLN D 466 -0.93 47.97 -14.57
N MET D 467 -0.24 48.37 -13.51
CA MET D 467 -0.85 49.08 -12.39
C MET D 467 -0.39 50.54 -12.34
N PHE D 468 0.46 50.92 -13.29
CA PHE D 468 1.08 52.24 -13.27
C PHE D 468 1.49 52.60 -14.69
N LEU D 469 0.53 53.11 -15.46
CA LEU D 469 0.76 53.42 -16.86
C LEU D 469 0.46 54.88 -17.19
N SER D 470 1.13 55.40 -18.22
CA SER D 470 0.81 56.71 -18.75
C SER D 470 -0.54 56.65 -19.47
N LYS D 471 -1.34 57.71 -19.34
CA LYS D 471 -2.63 57.78 -20.02
C LYS D 471 -2.47 57.69 -21.54
N SER D 472 -1.25 57.92 -22.02
CA SER D 472 -0.96 57.84 -23.45
C SER D 472 -0.49 56.45 -23.83
N SER D 473 -0.84 55.46 -23.02
CA SER D 473 -0.57 54.07 -23.34
C SER D 473 -1.87 53.33 -23.62
N PRO D 474 -1.88 52.48 -24.67
CA PRO D 474 -3.06 51.71 -25.07
C PRO D 474 -3.59 50.82 -23.94
N LEU D 475 -2.70 50.32 -23.10
CA LEU D 475 -3.07 49.39 -22.03
C LEU D 475 -3.86 50.05 -20.91
N ALA D 476 -3.82 51.38 -20.81
CA ALA D 476 -4.36 52.07 -19.65
C ALA D 476 -5.83 52.45 -19.77
N SER D 477 -6.39 52.34 -20.97
CA SER D 477 -7.76 52.79 -21.23
C SER D 477 -8.82 51.92 -20.55
N MET D 478 -9.92 52.55 -20.16
CA MET D 478 -11.04 51.85 -19.53
C MET D 478 -12.12 51.49 -20.54
N ILE D 479 -12.76 50.34 -20.33
CA ILE D 479 -13.86 49.90 -21.16
C ILE D 479 -14.96 50.94 -21.26
N THR D 480 -15.15 51.46 -22.47
CA THR D 480 -16.17 52.47 -22.75
C THR D 480 -16.98 52.09 -23.99
N MET D 481 -18.26 52.43 -23.99
CA MET D 481 -19.13 52.18 -25.13
C MET D 481 -19.22 53.41 -26.02
N SER D 482 -18.13 54.18 -26.08
CA SER D 482 -18.08 55.35 -26.94
C SER D 482 -16.80 55.41 -27.78
N GLY D 483 -15.69 54.97 -27.21
CA GLY D 483 -14.43 54.98 -27.92
C GLY D 483 -14.26 53.87 -28.94
N SER D 484 -15.30 53.65 -29.76
CA SER D 484 -15.27 52.67 -30.84
C SER D 484 -14.89 51.29 -30.33
N SER D 485 -14.11 50.58 -31.12
CA SER D 485 -13.56 49.30 -30.71
C SER D 485 -12.09 49.49 -30.37
N GLY D 486 -11.24 48.55 -30.77
CA GLY D 486 -9.82 48.67 -30.52
C GLY D 486 -9.49 48.36 -29.07
N GLY D 487 -8.21 48.09 -28.80
CA GLY D 487 -7.80 47.76 -27.45
C GLY D 487 -8.19 46.33 -27.13
N PRO D 488 -7.19 45.46 -26.95
CA PRO D 488 -7.44 44.04 -26.70
C PRO D 488 -7.69 43.72 -25.22
N ASP D 489 -7.07 44.49 -24.34
CA ASP D 489 -7.17 44.26 -22.90
C ASP D 489 -7.63 45.53 -22.19
N GLN D 490 -8.74 46.11 -22.64
CA GLN D 490 -9.24 47.33 -22.03
C GLN D 490 -9.58 47.11 -20.57
N LYS D 491 -9.34 48.14 -19.76
CA LYS D 491 -9.34 48.01 -18.32
C LYS D 491 -10.67 48.33 -17.63
N THR D 492 -10.79 47.90 -16.39
CA THR D 492 -12.01 48.11 -15.60
C THR D 492 -12.32 49.58 -15.42
N ASN D 493 -13.49 49.99 -15.89
CA ASN D 493 -13.94 51.36 -15.78
C ASN D 493 -14.54 51.66 -14.42
N TYR D 494 -13.72 52.13 -13.48
CA TYR D 494 -14.21 52.47 -12.15
C TYR D 494 -15.09 53.71 -12.15
N THR D 495 -14.89 54.59 -13.13
CA THR D 495 -15.72 55.78 -13.25
C THR D 495 -17.17 55.38 -13.51
N TYR D 496 -17.36 54.49 -14.47
CA TYR D 496 -18.68 53.95 -14.80
C TYR D 496 -19.25 53.10 -13.67
N LEU D 497 -18.43 52.19 -13.16
CA LEU D 497 -18.87 51.24 -12.15
C LEU D 497 -19.09 51.86 -10.78
N ARG D 498 -18.46 53.00 -10.52
CA ARG D 498 -18.64 53.71 -9.25
C ARG D 498 -20.12 54.08 -9.08
N LYS D 499 -20.75 54.41 -10.20
CA LYS D 499 -22.16 54.78 -10.21
C LYS D 499 -23.09 53.57 -10.38
N GLN D 500 -22.78 52.76 -11.38
CA GLN D 500 -23.67 51.66 -11.79
C GLN D 500 -23.74 50.49 -10.80
N LEU D 501 -22.64 50.21 -10.11
CA LEU D 501 -22.66 49.16 -9.10
C LEU D 501 -22.52 49.74 -7.70
N ARG D 502 -22.87 51.02 -7.58
CA ARG D 502 -22.86 51.73 -6.31
C ARG D 502 -21.62 51.39 -5.47
N LEU D 503 -20.45 51.73 -5.98
CA LEU D 503 -19.20 51.43 -5.28
C LEU D 503 -19.01 52.36 -4.07
N ILE D 504 -19.79 53.45 -4.04
CA ILE D 504 -19.72 54.39 -2.93
C ILE D 504 -21.02 54.44 -2.15
N VAL D 505 -20.90 54.23 -0.84
CA VAL D 505 -22.04 54.33 0.07
C VAL D 505 -21.62 55.09 1.32
N ASP D 506 -22.04 56.35 1.42
CA ASP D 506 -21.67 57.19 2.56
C ASP D 506 -22.68 57.05 3.70
N GLU D 507 -23.86 56.59 3.36
CA GLU D 507 -24.93 56.30 4.32
C GLU D 507 -24.48 55.35 5.44
N VAL D 508 -23.93 54.20 5.04
CA VAL D 508 -23.60 53.07 5.92
C VAL D 508 -23.18 53.41 7.35
N ASN D 509 -23.94 52.87 8.30
CA ASN D 509 -23.56 52.92 9.71
C ASN D 509 -22.71 51.69 10.02
N GLU D 510 -21.70 51.85 10.85
CA GLU D 510 -20.71 50.80 11.03
C GLU D 510 -20.86 50.07 12.36
N GLN D 511 -21.87 50.47 13.15
CA GLN D 511 -22.18 49.75 14.38
C GLN D 511 -23.07 48.57 14.07
N ASP D 512 -23.95 48.77 13.08
CA ASP D 512 -24.84 47.72 12.61
C ASP D 512 -24.90 47.77 11.08
N PRO D 513 -23.88 47.25 10.41
CA PRO D 513 -23.66 47.41 8.97
C PRO D 513 -24.79 46.85 8.10
N ASN D 514 -25.25 47.67 7.16
CA ASN D 514 -26.36 47.32 6.28
C ASN D 514 -25.90 46.91 4.88
N ASP D 515 -24.59 46.89 4.67
CA ASP D 515 -24.02 46.66 3.35
C ASP D 515 -22.50 46.45 3.41
N ILE D 516 -21.98 45.65 2.49
CA ILE D 516 -20.57 45.27 2.49
C ILE D 516 -19.60 46.45 2.39
N ALA D 517 -20.12 47.62 2.03
CA ALA D 517 -19.28 48.81 1.90
C ALA D 517 -18.72 49.27 3.23
N TYR D 518 -19.13 48.61 4.32
CA TYR D 518 -18.67 48.97 5.65
C TYR D 518 -17.18 48.66 5.82
N VAL D 519 -16.69 47.68 5.06
CA VAL D 519 -15.32 47.20 5.22
C VAL D 519 -14.25 48.23 4.86
N TYR D 520 -14.61 49.21 4.02
CA TYR D 520 -13.67 50.27 3.66
C TYR D 520 -14.24 51.63 4.06
N SER D 521 -15.19 51.60 4.99
CA SER D 521 -15.85 52.79 5.51
C SER D 521 -16.42 53.69 4.42
N GLY D 522 -17.15 53.10 3.48
CA GLY D 522 -17.84 53.86 2.45
C GLY D 522 -17.58 53.42 1.03
N TYR D 523 -16.75 52.39 0.86
CA TYR D 523 -16.47 51.86 -0.47
C TYR D 523 -16.61 50.34 -0.48
N ALA D 524 -17.54 49.85 -1.31
CA ALA D 524 -17.70 48.41 -1.48
C ALA D 524 -16.76 47.92 -2.55
N PRO D 525 -16.01 46.84 -2.25
CA PRO D 525 -15.06 46.25 -3.19
C PRO D 525 -15.75 45.84 -4.49
N LEU D 526 -15.21 46.24 -5.63
CA LEU D 526 -15.80 45.89 -6.92
C LEU D 526 -15.93 44.38 -7.09
N SER D 527 -14.92 43.65 -6.63
CA SER D 527 -14.90 42.20 -6.74
C SER D 527 -16.14 41.55 -6.14
N ILE D 528 -16.47 41.93 -4.91
CA ILE D 528 -17.60 41.33 -4.21
C ILE D 528 -18.91 41.85 -4.80
N ARG D 529 -18.88 43.05 -5.37
CA ARG D 529 -20.04 43.58 -6.08
C ARG D 529 -20.32 42.75 -7.33
N LEU D 530 -19.25 42.26 -7.97
CA LEU D 530 -19.38 41.35 -9.10
C LEU D 530 -20.02 40.04 -8.66
N VAL D 531 -19.56 39.51 -7.53
CA VAL D 531 -20.14 38.31 -6.94
C VAL D 531 -21.61 38.53 -6.63
N GLN D 532 -21.94 39.73 -6.14
CA GLN D 532 -23.32 40.10 -5.85
C GLN D 532 -24.20 40.15 -7.09
N CYS D 533 -23.58 40.33 -8.26
CA CYS D 533 -24.33 40.33 -9.52
C CYS D 533 -24.87 38.94 -9.83
N VAL D 534 -24.26 37.93 -9.23
CA VAL D 534 -24.70 36.55 -9.41
C VAL D 534 -25.64 36.10 -8.29
N LEU D 535 -25.24 36.39 -7.04
CA LEU D 535 -25.93 35.87 -5.87
C LEU D 535 -27.11 36.74 -5.42
N GLN D 536 -26.88 38.04 -5.28
CA GLN D 536 -27.89 38.95 -4.74
C GLN D 536 -28.42 39.95 -5.77
N LYS D 537 -29.10 39.46 -6.80
CA LYS D 537 -29.55 40.30 -7.90
C LYS D 537 -30.63 41.33 -7.51
N GLN D 538 -31.62 40.89 -6.74
CA GLN D 538 -32.69 41.80 -6.30
C GLN D 538 -32.13 42.97 -5.49
N TYR D 539 -31.29 42.67 -4.50
CA TYR D 539 -30.72 43.69 -3.64
C TYR D 539 -29.92 44.73 -4.42
N LEU D 540 -29.21 44.27 -5.44
CA LEU D 540 -28.37 45.15 -6.23
C LEU D 540 -29.20 46.20 -6.97
N LEU D 541 -30.24 45.73 -7.65
CA LEU D 541 -31.19 46.63 -8.30
C LEU D 541 -31.88 47.53 -7.28
N SER D 542 -32.07 46.99 -6.08
CA SER D 542 -32.73 47.69 -4.99
C SER D 542 -31.99 48.95 -4.53
N ILE D 543 -30.66 48.92 -4.56
CA ILE D 543 -29.89 50.09 -4.12
C ILE D 543 -29.42 50.89 -5.35
N THR D 544 -30.22 50.84 -6.39
CA THR D 544 -29.91 51.53 -7.64
C THR D 544 -31.09 52.38 -8.08
N LYS D 545 -32.08 51.73 -8.68
CA LYS D 545 -33.28 52.39 -9.19
C LYS D 545 -34.43 52.34 -8.18
N GLY D 546 -34.79 51.13 -7.75
CA GLY D 546 -35.88 50.95 -6.81
C GLY D 546 -36.73 49.73 -7.14
N SER D 547 -37.22 49.07 -6.10
CA SER D 547 -38.05 47.87 -6.24
C SER D 547 -37.36 46.80 -7.08
N GLY D 558 -41.09 34.54 -9.01
CA GLY D 558 -39.94 33.93 -8.35
C GLY D 558 -38.64 34.66 -8.64
N GLY D 559 -37.70 34.58 -7.70
CA GLY D 559 -36.42 35.24 -7.85
C GLY D 559 -35.26 34.28 -7.64
N GLY D 560 -34.89 33.56 -8.69
CA GLY D 560 -33.81 32.60 -8.61
C GLY D 560 -33.19 32.27 -9.95
N ALA D 561 -32.95 33.30 -10.76
CA ALA D 561 -32.26 33.11 -12.02
C ALA D 561 -30.76 33.26 -11.82
N GLN D 562 -30.02 32.19 -12.08
CA GLN D 562 -28.57 32.18 -11.89
C GLN D 562 -27.84 32.91 -13.01
N GLY D 563 -26.51 32.91 -12.95
CA GLY D 563 -25.68 33.50 -13.98
C GLY D 563 -25.43 34.98 -13.80
N TRP D 564 -24.95 35.62 -14.86
CA TRP D 564 -24.79 37.08 -14.89
C TRP D 564 -26.07 37.76 -15.37
N LYS D 565 -27.14 36.98 -15.47
CA LYS D 565 -28.40 37.41 -16.05
C LYS D 565 -28.85 38.77 -15.51
N GLY D 566 -29.04 39.73 -16.41
CA GLY D 566 -29.53 41.04 -16.02
C GLY D 566 -28.46 42.07 -15.67
N PHE D 567 -27.20 41.65 -15.63
CA PHE D 567 -26.10 42.55 -15.31
C PHE D 567 -24.97 42.46 -16.33
N GLU D 568 -25.30 42.03 -17.54
CA GLU D 568 -24.28 41.80 -18.57
C GLU D 568 -23.57 43.06 -19.04
N GLU D 569 -24.33 44.14 -19.25
CA GLU D 569 -23.74 45.39 -19.75
C GLU D 569 -22.87 46.04 -18.70
N ILE D 570 -23.27 45.87 -17.44
CA ILE D 570 -22.51 46.42 -16.34
C ILE D 570 -21.19 45.68 -16.17
N VAL D 571 -21.26 44.34 -16.10
CA VAL D 571 -20.08 43.50 -15.95
C VAL D 571 -19.18 43.60 -17.18
N LYS D 572 -19.75 43.99 -18.32
CA LYS D 572 -18.99 44.25 -19.53
C LYS D 572 -17.91 45.30 -19.31
N HIS D 573 -18.16 46.20 -18.37
CA HIS D 573 -17.25 47.31 -18.10
C HIS D 573 -16.15 46.95 -17.11
N ALA D 574 -16.13 45.69 -16.70
CA ALA D 574 -15.02 45.18 -15.92
C ALA D 574 -14.05 44.42 -16.83
N ARG D 575 -12.76 44.50 -16.51
CA ARG D 575 -11.71 43.87 -17.31
C ARG D 575 -11.97 42.40 -17.56
N GLY D 576 -11.51 41.90 -18.70
CA GLY D 576 -11.52 40.47 -18.95
C GLY D 576 -12.85 39.88 -19.37
N PRO D 577 -12.83 38.59 -19.76
CA PRO D 577 -13.98 37.81 -20.23
C PRO D 577 -15.03 37.56 -19.16
N THR D 578 -16.29 37.69 -19.54
CA THR D 578 -17.39 37.24 -18.70
C THR D 578 -17.85 35.88 -19.23
N PHE D 579 -17.94 34.87 -18.37
CA PHE D 579 -18.35 33.55 -18.84
C PHE D 579 -19.29 32.83 -17.88
N ASP D 580 -19.91 31.77 -18.39
CA ASP D 580 -20.91 31.01 -17.66
C ASP D 580 -21.06 29.65 -18.32
N GLU D 581 -20.14 28.74 -17.97
CA GLU D 581 -20.17 27.39 -18.52
C GLU D 581 -21.22 26.55 -17.78
N ILE D 582 -21.95 25.71 -18.50
CA ILE D 582 -22.92 24.81 -17.87
C ILE D 582 -22.53 23.35 -18.06
N GLN D 583 -22.46 22.61 -16.95
CA GLN D 583 -22.14 21.19 -17.00
C GLN D 583 -23.34 20.31 -16.68
N LYS D 584 -23.59 19.31 -17.52
CA LYS D 584 -24.73 18.41 -17.32
C LYS D 584 -24.30 16.95 -17.46
N GLY D 601 -33.10 21.92 -4.84
CA GLY D 601 -34.05 21.63 -3.77
C GLY D 601 -33.72 22.38 -2.49
N ASP D 602 -33.04 21.70 -1.58
CA ASP D 602 -32.64 22.34 -0.32
C ASP D 602 -31.37 23.15 -0.50
N LYS D 603 -30.85 23.70 0.60
CA LYS D 603 -29.71 24.60 0.52
C LYS D 603 -28.43 23.88 0.12
N LYS D 604 -27.73 24.47 -0.85
CA LYS D 604 -26.49 23.91 -1.36
C LYS D 604 -25.33 24.87 -1.07
N THR D 605 -24.10 24.40 -1.28
CA THR D 605 -22.95 25.25 -1.05
C THR D 605 -22.53 25.96 -2.34
N VAL D 606 -21.99 27.17 -2.20
CA VAL D 606 -21.50 27.93 -3.34
C VAL D 606 -20.03 28.29 -3.17
N PHE D 607 -19.21 27.93 -4.14
CA PHE D 607 -17.78 28.20 -4.09
C PHE D 607 -17.44 29.52 -4.76
N VAL D 608 -16.93 30.47 -3.97
CA VAL D 608 -16.44 31.73 -4.51
C VAL D 608 -14.92 31.68 -4.60
N VAL D 609 -14.40 31.61 -5.81
CA VAL D 609 -12.97 31.38 -6.01
C VAL D 609 -12.25 32.63 -6.53
N PHE D 610 -11.16 32.99 -5.84
CA PHE D 610 -10.35 34.12 -6.24
C PHE D 610 -9.01 33.65 -6.81
N VAL D 611 -8.82 33.82 -8.12
CA VAL D 611 -7.53 33.50 -8.73
C VAL D 611 -6.60 34.71 -8.63
N GLY D 612 -5.55 34.59 -7.83
CA GLY D 612 -4.58 35.66 -7.68
C GLY D 612 -4.72 36.46 -6.40
N GLY D 613 -5.25 35.82 -5.35
CA GLY D 613 -5.33 36.46 -4.06
C GLY D 613 -6.66 37.06 -3.66
N ILE D 614 -6.98 36.94 -2.37
CA ILE D 614 -8.14 37.60 -1.78
C ILE D 614 -7.70 38.37 -0.53
N THR D 615 -8.45 39.40 -0.17
CA THR D 615 -8.13 40.19 1.01
C THR D 615 -9.11 39.89 2.15
N PHE D 616 -8.69 40.16 3.37
CA PHE D 616 -9.54 39.93 4.54
C PHE D 616 -10.80 40.78 4.45
N THR D 617 -10.67 41.96 3.85
CA THR D 617 -11.81 42.82 3.59
C THR D 617 -12.80 42.11 2.69
N GLU D 618 -12.29 41.46 1.65
CA GLU D 618 -13.12 40.72 0.70
C GLU D 618 -13.68 39.46 1.35
N ILE D 619 -12.94 38.87 2.28
CA ILE D 619 -13.41 37.70 3.00
C ILE D 619 -14.56 38.09 3.94
N ALA D 620 -14.33 39.16 4.71
CA ALA D 620 -15.34 39.69 5.61
C ALA D 620 -16.61 40.06 4.85
N ALA D 621 -16.45 40.74 3.74
CA ALA D 621 -17.59 41.11 2.89
C ALA D 621 -18.33 39.86 2.42
N LEU D 622 -17.57 38.85 2.05
CA LEU D 622 -18.13 37.57 1.63
C LEU D 622 -18.88 36.89 2.77
N ARG D 623 -18.35 36.99 3.99
CA ARG D 623 -19.02 36.47 5.17
C ARG D 623 -20.32 37.20 5.47
N PHE D 624 -20.34 38.50 5.19
CA PHE D 624 -21.53 39.32 5.40
C PHE D 624 -22.67 38.85 4.51
N ILE D 625 -22.32 38.39 3.31
CA ILE D 625 -23.30 37.87 2.38
C ILE D 625 -23.65 36.44 2.77
N ALA D 626 -22.64 35.70 3.21
CA ALA D 626 -22.80 34.32 3.65
C ALA D 626 -23.84 34.20 4.76
N LYS D 627 -23.83 35.16 5.68
CA LYS D 627 -24.82 35.21 6.74
C LYS D 627 -26.21 35.51 6.18
N GLN D 628 -26.29 36.53 5.32
CA GLN D 628 -27.54 36.90 4.67
C GLN D 628 -28.15 35.75 3.85
N GLU D 629 -27.33 34.74 3.54
CA GLU D 629 -27.76 33.65 2.67
C GLU D 629 -27.86 32.32 3.42
N GLU D 630 -27.73 32.38 4.74
CA GLU D 630 -27.76 31.20 5.62
C GLU D 630 -28.87 30.20 5.30
N ALA D 631 -30.00 30.70 4.82
CA ALA D 631 -31.14 29.85 4.49
C ALA D 631 -30.87 28.93 3.31
N ARG D 632 -30.64 29.54 2.15
CA ARG D 632 -30.56 28.82 0.88
C ARG D 632 -29.15 28.47 0.40
N ARG D 633 -28.12 29.01 1.05
CA ARG D 633 -26.76 28.84 0.56
C ARG D 633 -25.70 28.66 1.64
N ASN D 634 -24.69 27.85 1.33
CA ASN D 634 -23.46 27.77 2.11
C ASN D 634 -22.30 28.35 1.32
N ILE D 635 -21.79 29.50 1.75
CA ILE D 635 -20.72 30.13 0.97
C ILE D 635 -19.33 29.70 1.46
N VAL D 636 -18.56 29.12 0.55
CA VAL D 636 -17.20 28.66 0.85
C VAL D 636 -16.20 29.36 -0.05
N ILE D 637 -15.22 30.04 0.57
CA ILE D 637 -14.24 30.82 -0.16
C ILE D 637 -13.01 30.00 -0.52
N CYS D 638 -12.58 30.07 -1.78
CA CYS D 638 -11.33 29.45 -2.18
C CYS D 638 -10.43 30.48 -2.85
N THR D 639 -9.12 30.34 -2.67
CA THR D 639 -8.19 31.30 -3.24
C THR D 639 -6.78 30.71 -3.40
N THR D 640 -5.99 31.33 -4.27
CA THR D 640 -4.61 30.93 -4.45
C THR D 640 -3.77 31.35 -3.24
N SER D 641 -4.12 32.50 -2.67
CA SER D 641 -3.44 33.03 -1.49
C SER D 641 -4.30 34.09 -0.81
N ILE D 642 -3.86 34.57 0.33
CA ILE D 642 -4.52 35.70 0.97
C ILE D 642 -3.62 36.94 0.77
N ILE D 643 -4.17 37.92 0.07
CA ILE D 643 -3.35 39.02 -0.46
C ILE D 643 -3.67 40.37 0.19
N ASN D 644 -2.74 41.30 0.06
CA ASN D 644 -2.95 42.70 0.44
C ASN D 644 -2.02 43.62 -0.35
N GLY D 645 -2.19 44.93 -0.14
CA GLY D 645 -1.44 45.93 -0.88
C GLY D 645 0.06 45.79 -0.82
N ASN D 646 0.58 45.50 0.37
CA ASN D 646 2.03 45.42 0.56
C ASN D 646 2.63 44.18 -0.10
N ARG D 647 1.91 43.07 -0.08
CA ARG D 647 2.35 41.87 -0.76
C ARG D 647 2.42 42.13 -2.26
N MET D 648 1.45 42.88 -2.75
CA MET D 648 1.38 43.25 -4.17
C MET D 648 2.62 44.06 -4.57
N MET D 649 2.95 45.07 -3.78
CA MET D 649 4.11 45.91 -4.07
C MET D 649 5.40 45.09 -4.02
N ASN D 650 5.49 44.17 -3.06
CA ASN D 650 6.68 43.35 -2.90
C ASN D 650 7.04 42.56 -4.14
N ALA D 651 6.03 42.30 -4.97
CA ALA D 651 6.25 41.64 -6.26
C ALA D 651 7.07 42.53 -7.18
N ALA D 652 6.97 43.84 -7.00
CA ALA D 652 7.56 44.79 -7.94
C ALA D 652 8.78 45.54 -7.40
N ILE D 653 8.91 45.64 -6.09
CA ILE D 653 9.95 46.49 -5.49
C ILE D 653 11.35 45.89 -5.51
N GLU D 654 12.26 46.54 -6.24
CA GLU D 654 13.67 46.14 -6.25
C GLU D 654 14.34 46.50 -4.92
N THR D 655 15.01 45.53 -4.32
CA THR D 655 15.58 45.73 -2.98
C THR D 655 17.10 45.98 -2.98
N ALA D 656 17.75 45.82 -4.13
CA ALA D 656 19.16 46.16 -4.26
C ALA D 656 19.36 47.65 -4.04
N THR D 657 20.59 48.12 -3.89
CA THR D 657 20.79 49.38 -3.19
C THR D 657 21.99 50.27 -3.56
N PHE D 658 22.82 49.87 -4.52
CA PHE D 658 23.97 50.69 -4.96
C PHE D 658 24.99 50.97 -3.86
N GLU D 659 24.83 50.33 -2.70
CA GLU D 659 25.72 50.55 -1.56
C GLU D 659 26.89 49.57 -1.59
N LYS D 660 27.65 49.53 -0.50
CA LYS D 660 28.76 48.59 -0.36
C LYS D 660 28.26 47.15 -0.26
N SER E 4 16.37 27.85 -52.79
CA SER E 4 14.95 27.82 -52.45
C SER E 4 14.42 26.39 -52.40
N PHE E 5 14.83 25.56 -53.35
CA PHE E 5 14.31 24.19 -53.44
C PHE E 5 14.76 23.33 -52.27
N GLU E 6 16.07 23.27 -52.05
CA GLU E 6 16.66 22.46 -50.98
C GLU E 6 15.94 22.60 -49.63
N VAL E 7 15.41 23.79 -49.35
CA VAL E 7 14.71 24.02 -48.09
C VAL E 7 13.21 23.73 -48.24
N ILE E 8 12.68 23.88 -49.45
CA ILE E 8 11.29 23.51 -49.73
C ILE E 8 11.12 22.02 -49.48
N ALA E 9 12.14 21.25 -49.82
CA ALA E 9 12.13 19.81 -49.64
C ALA E 9 12.01 19.44 -48.16
N ARG E 10 12.75 20.15 -47.30
CA ARG E 10 12.64 19.94 -45.86
C ARG E 10 11.29 20.42 -45.34
N THR E 11 10.85 21.57 -45.83
CA THR E 11 9.58 22.16 -45.42
C THR E 11 8.42 21.22 -45.72
N ALA E 12 8.61 20.34 -46.69
CA ALA E 12 7.60 19.35 -47.05
C ALA E 12 7.80 18.05 -46.28
N TYR E 13 9.05 17.60 -46.22
CA TYR E 13 9.42 16.37 -45.51
C TYR E 13 9.02 16.43 -44.04
N GLU E 14 9.34 17.53 -43.38
CA GLU E 14 9.08 17.68 -41.96
C GLU E 14 7.59 17.80 -41.68
N GLU E 15 6.85 18.40 -42.61
CA GLU E 15 5.39 18.39 -42.56
C GLU E 15 4.81 17.02 -42.89
N GLY E 16 5.68 16.10 -43.29
CA GLY E 16 5.25 14.74 -43.59
C GLY E 16 5.55 13.77 -42.46
N ARG E 17 6.73 13.92 -41.85
CA ARG E 17 7.05 13.17 -40.64
C ARG E 17 6.11 13.53 -39.50
N THR E 18 5.69 14.79 -39.48
CA THR E 18 4.79 15.30 -38.45
C THR E 18 3.36 14.85 -38.67
N ARG E 19 2.94 14.81 -39.93
CA ARG E 19 1.58 14.40 -40.27
C ARG E 19 1.30 12.96 -39.83
N LEU E 20 2.25 12.07 -40.07
CA LEU E 20 2.07 10.65 -39.72
C LEU E 20 2.36 10.41 -38.24
N ALA E 21 3.00 11.38 -37.61
CA ALA E 21 3.20 11.35 -36.16
C ALA E 21 1.85 11.50 -35.46
N THR E 22 1.01 12.36 -36.03
CA THR E 22 -0.34 12.60 -35.52
C THR E 22 -1.21 11.34 -35.56
N GLU E 23 -0.78 10.31 -36.30
CA GLU E 23 -1.51 9.03 -36.33
C GLU E 23 -1.31 8.24 -35.04
N LEU E 24 -1.23 8.96 -33.93
CA LEU E 24 -1.18 8.40 -32.59
C LEU E 24 -1.82 9.41 -31.65
N LEU E 25 -2.00 10.64 -32.14
CA LEU E 25 -2.68 11.67 -31.39
C LEU E 25 -4.19 11.36 -31.30
N ASN E 26 -4.64 10.43 -32.13
CA ASN E 26 -5.98 9.89 -32.03
C ASN E 26 -6.03 8.69 -31.11
N HIS E 27 -5.20 7.69 -31.39
CA HIS E 27 -5.18 6.47 -30.59
C HIS E 27 -4.09 6.52 -29.51
N GLU E 28 -4.53 6.43 -28.25
CA GLU E 28 -3.70 6.53 -27.04
C GLU E 28 -3.19 7.95 -26.68
N PRO E 29 -4.11 8.92 -26.52
CA PRO E 29 -3.80 10.26 -25.98
C PRO E 29 -4.05 10.25 -24.44
N ARG E 30 -4.01 11.35 -23.68
CA ARG E 30 -3.79 12.72 -24.13
C ARG E 30 -2.65 13.44 -23.40
N ALA E 31 -2.58 14.75 -23.63
CA ALA E 31 -1.57 15.68 -23.12
C ALA E 31 -0.45 15.09 -22.29
N GLY E 32 -0.74 14.78 -21.03
CA GLY E 32 0.24 14.29 -20.08
C GLY E 32 1.16 13.21 -20.63
N ARG E 33 0.57 12.24 -21.33
CA ARG E 33 1.31 11.11 -21.86
C ARG E 33 1.89 11.38 -23.25
N GLN E 34 1.25 12.29 -23.99
CA GLN E 34 1.55 12.44 -25.42
C GLN E 34 2.65 13.43 -25.80
N VAL E 35 3.01 14.36 -24.92
CA VAL E 35 4.13 15.25 -25.25
C VAL E 35 5.50 14.62 -24.93
N PRO E 36 5.60 13.72 -23.93
CA PRO E 36 6.91 13.06 -23.85
C PRO E 36 7.15 12.13 -25.03
N LEU E 37 6.07 11.55 -25.55
CA LEU E 37 6.14 10.68 -26.72
C LEU E 37 6.62 11.45 -27.95
N LEU E 38 5.88 12.48 -28.34
CA LEU E 38 6.25 13.34 -29.46
C LEU E 38 7.68 13.86 -29.38
N LEU E 39 8.14 14.12 -28.15
CA LEU E 39 9.46 14.69 -27.94
C LEU E 39 10.55 13.64 -28.17
N SER E 40 10.19 12.38 -27.94
CA SER E 40 11.08 11.26 -28.22
C SER E 40 11.30 11.09 -29.72
N MET E 41 10.22 11.21 -30.50
CA MET E 41 10.29 11.01 -31.94
C MET E 41 10.83 12.23 -32.67
N GLU E 42 11.65 13.03 -31.98
CA GLU E 42 12.23 14.24 -32.53
C GLU E 42 11.16 15.16 -33.16
N GLU E 43 9.93 15.06 -32.68
CA GLU E 43 8.85 15.92 -33.16
C GLU E 43 8.53 17.08 -32.22
N ASP E 44 9.55 17.88 -31.90
CA ASP E 44 9.39 19.16 -31.22
C ASP E 44 8.26 20.06 -31.76
N GLU E 45 8.18 21.27 -31.23
CA GLU E 45 7.17 22.26 -31.61
C GLU E 45 5.71 21.82 -31.47
N LEU E 46 5.44 20.55 -31.75
CA LEU E 46 4.11 19.99 -31.56
C LEU E 46 4.01 19.59 -30.10
N ALA E 47 5.07 18.96 -29.61
CA ALA E 47 5.21 18.62 -28.21
C ALA E 47 5.04 19.85 -27.33
N LEU E 48 5.71 20.93 -27.71
CA LEU E 48 5.64 22.19 -26.98
C LEU E 48 4.23 22.77 -26.99
N ASP E 49 3.64 22.88 -28.18
CA ASP E 49 2.30 23.40 -28.33
C ASP E 49 1.27 22.57 -27.57
N LYS E 50 1.44 21.25 -27.66
CA LYS E 50 0.58 20.32 -26.93
C LYS E 50 0.71 20.60 -25.44
N ALA E 51 1.94 20.88 -25.00
CA ALA E 51 2.22 21.15 -23.59
C ALA E 51 1.63 22.49 -23.13
N ILE E 52 1.75 23.52 -23.95
CA ILE E 52 1.25 24.84 -23.58
C ILE E 52 -0.26 24.84 -23.44
N GLU E 53 -0.94 24.21 -24.39
CA GLU E 53 -2.38 24.07 -24.35
C GLU E 53 -2.84 23.27 -23.13
N SER E 54 -2.02 22.30 -22.72
CA SER E 54 -2.37 21.42 -21.62
C SER E 54 -2.44 22.17 -20.29
N GLY E 55 -1.74 23.29 -20.20
CA GLY E 55 -1.74 24.10 -18.99
C GLY E 55 -0.73 23.63 -17.97
N ASP E 56 -0.23 22.42 -18.17
CA ASP E 56 0.74 21.84 -17.26
C ASP E 56 2.11 22.52 -17.42
N THR E 57 2.42 23.43 -16.50
CA THR E 57 3.71 24.10 -16.45
C THR E 57 4.89 23.13 -16.56
N ASP E 58 4.78 21.98 -15.90
CA ASP E 58 5.86 21.00 -15.88
C ASP E 58 6.09 20.40 -17.26
N LEU E 59 5.01 20.23 -18.01
CA LEU E 59 5.08 19.72 -19.36
C LEU E 59 5.80 20.74 -20.24
N ILE E 60 5.42 22.00 -20.08
CA ILE E 60 6.07 23.09 -20.81
C ILE E 60 7.56 23.14 -20.51
N TYR E 61 7.95 23.06 -19.23
CA TYR E 61 9.36 23.03 -18.88
C TYR E 61 10.11 21.92 -19.57
N PHE E 62 9.54 20.72 -19.53
CA PHE E 62 10.23 19.52 -19.98
C PHE E 62 10.56 19.62 -21.46
N VAL E 63 9.62 20.16 -22.24
CA VAL E 63 9.85 20.36 -23.65
C VAL E 63 10.89 21.47 -23.86
N ILE E 64 10.85 22.49 -23.01
CA ILE E 64 11.80 23.58 -23.08
C ILE E 64 13.23 23.12 -22.76
N HIS E 65 13.39 22.40 -21.67
CA HIS E 65 14.71 21.93 -21.24
C HIS E 65 15.33 21.01 -22.28
N GLN E 66 14.51 20.15 -22.88
CA GLN E 66 14.99 19.21 -23.87
C GLN E 66 15.45 19.93 -25.14
N LEU E 67 14.60 20.84 -25.63
CA LEU E 67 14.90 21.66 -26.80
C LEU E 67 16.22 22.42 -26.66
N ARG E 68 16.50 22.91 -25.46
CA ARG E 68 17.67 23.74 -25.21
C ARG E 68 18.98 23.02 -25.51
N ARG E 69 19.10 21.77 -25.04
CA ARG E 69 20.35 21.04 -25.20
C ARG E 69 20.39 20.26 -26.51
N LYS E 70 19.23 20.13 -27.15
CA LYS E 70 19.15 19.48 -28.46
C LYS E 70 19.45 20.45 -29.60
N LEU E 71 18.82 21.61 -29.59
CA LEU E 71 18.90 22.57 -30.68
C LEU E 71 20.11 23.51 -30.60
N PRO E 72 20.50 24.08 -31.74
CA PRO E 72 21.38 25.24 -31.74
C PRO E 72 20.67 26.39 -31.04
N LEU E 73 21.37 27.12 -30.17
CA LEU E 73 20.75 28.14 -29.33
C LEU E 73 19.93 29.16 -30.12
N ALA E 74 20.40 29.50 -31.31
CA ALA E 74 19.69 30.45 -32.17
C ALA E 74 18.32 29.92 -32.56
N SER E 75 18.24 28.62 -32.80
CA SER E 75 17.00 28.00 -33.24
C SER E 75 16.05 27.78 -32.06
N PHE E 76 16.62 27.50 -30.89
CA PHE E 76 15.88 27.42 -29.64
C PHE E 76 15.09 28.70 -29.40
N PHE E 77 15.77 29.83 -29.56
CA PHE E 77 15.15 31.14 -29.43
C PHE E 77 14.04 31.35 -30.47
N ARG E 78 14.28 30.88 -31.69
CA ARG E 78 13.28 30.97 -32.75
C ARG E 78 11.98 30.28 -32.35
N VAL E 79 12.09 29.00 -31.99
CA VAL E 79 10.94 28.19 -31.63
C VAL E 79 10.21 28.76 -30.43
N VAL E 80 10.97 29.14 -29.41
CA VAL E 80 10.39 29.56 -28.14
C VAL E 80 9.73 30.95 -28.17
N SER E 81 10.10 31.78 -29.14
CA SER E 81 9.58 33.14 -29.20
C SER E 81 8.28 33.24 -29.98
N SER E 82 7.96 32.20 -30.75
CA SER E 82 6.67 32.11 -31.41
C SER E 82 5.55 32.05 -30.37
N ARG E 83 5.79 31.27 -29.32
CA ARG E 83 4.80 31.05 -28.27
C ARG E 83 5.19 31.73 -26.97
N PRO E 84 4.46 32.81 -26.61
CA PRO E 84 4.65 33.63 -25.40
C PRO E 84 4.85 32.83 -24.10
N THR E 85 3.92 31.93 -23.79
CA THR E 85 3.96 31.20 -22.52
C THR E 85 5.24 30.39 -22.36
N ALA E 86 5.83 29.98 -23.48
CA ALA E 86 7.09 29.25 -23.46
C ALA E 86 8.22 30.23 -23.21
N SER E 87 8.18 31.38 -23.88
CA SER E 87 9.15 32.44 -23.65
C SER E 87 9.08 32.93 -22.21
N ALA E 88 7.87 32.98 -21.66
CA ALA E 88 7.67 33.43 -20.29
C ALA E 88 8.38 32.52 -19.28
N MET E 89 8.24 31.21 -19.45
CA MET E 89 8.82 30.29 -18.47
C MET E 89 10.32 30.11 -18.71
N VAL E 90 10.76 30.28 -19.96
CA VAL E 90 12.19 30.26 -20.26
C VAL E 90 12.86 31.37 -19.44
N GLU E 91 12.19 32.51 -19.39
CA GLU E 91 12.62 33.63 -18.57
C GLU E 91 12.67 33.21 -17.11
N ALA E 92 11.65 32.48 -16.67
CA ALA E 92 11.50 32.09 -15.28
C ALA E 92 12.62 31.17 -14.82
N LEU E 93 13.00 30.20 -15.66
CA LEU E 93 14.09 29.29 -15.31
C LEU E 93 15.40 30.04 -15.15
N ALA E 94 15.55 31.10 -15.94
CA ALA E 94 16.75 31.91 -15.94
C ALA E 94 16.87 32.74 -14.67
N ARG E 95 15.80 32.72 -13.87
CA ARG E 95 15.79 33.46 -12.60
C ARG E 95 15.90 32.51 -11.41
N ASN E 96 16.01 31.21 -11.68
CA ASN E 96 15.86 30.20 -10.64
C ASN E 96 16.89 29.08 -10.62
N SER E 97 17.78 29.05 -11.61
CA SER E 97 18.70 27.93 -11.78
C SER E 97 19.81 27.82 -10.73
N ASP E 98 19.45 27.67 -9.46
CA ASP E 98 20.49 27.54 -8.44
C ASP E 98 20.15 26.69 -7.19
N GLY E 99 19.06 26.95 -6.45
CA GLY E 99 18.02 27.91 -6.75
C GLY E 99 18.22 29.23 -6.02
N ASP E 100 17.33 30.18 -6.30
CA ASP E 100 17.44 31.56 -5.81
C ASP E 100 18.72 32.25 -6.27
N GLY E 101 18.90 33.47 -5.77
CA GLY E 101 20.08 34.28 -6.08
C GLY E 101 20.50 34.30 -7.53
N ASN E 102 21.16 33.22 -7.95
CA ASN E 102 21.77 33.15 -9.27
C ASN E 102 20.79 33.22 -10.42
N GLU E 103 21.24 33.86 -11.49
CA GLU E 103 20.44 34.10 -12.68
C GLU E 103 21.26 33.72 -13.90
N ASP E 104 20.62 33.10 -14.87
CA ASP E 104 21.27 32.87 -16.15
C ASP E 104 21.17 34.16 -16.94
N THR E 105 21.90 35.16 -16.47
CA THR E 105 21.89 36.50 -17.04
C THR E 105 22.22 36.49 -18.53
N ALA E 106 23.19 35.65 -18.90
CA ALA E 106 23.60 35.50 -20.28
C ALA E 106 22.42 35.09 -21.17
N LEU E 107 21.57 34.22 -20.64
CA LEU E 107 20.39 33.75 -21.36
C LEU E 107 19.39 34.89 -21.54
N LEU E 108 19.09 35.59 -20.46
CA LEU E 108 18.19 36.73 -20.48
C LEU E 108 18.62 37.80 -21.49
N LYS E 109 19.89 38.18 -21.41
CA LYS E 109 20.48 39.14 -22.35
C LYS E 109 20.26 38.73 -23.80
N ASP E 110 20.58 37.49 -24.12
CA ASP E 110 20.41 36.97 -25.48
C ASP E 110 18.95 36.90 -25.89
N LEU E 111 18.11 36.41 -24.98
CA LEU E 111 16.67 36.26 -25.25
C LEU E 111 16.01 37.61 -25.54
N TYR E 112 16.28 38.59 -24.69
CA TYR E 112 15.70 39.93 -24.85
C TYR E 112 16.19 40.62 -26.12
N TYR E 113 17.31 40.17 -26.67
CA TYR E 113 17.86 40.76 -27.88
C TYR E 113 17.09 40.32 -29.13
N GLN E 114 16.71 39.05 -29.19
CA GLN E 114 15.96 38.53 -30.34
C GLN E 114 14.59 39.18 -30.50
N ASP E 115 13.97 39.55 -29.40
CA ASP E 115 12.64 40.16 -29.44
C ASP E 115 12.75 41.68 -29.51
N ASP E 116 13.98 42.18 -29.54
CA ASP E 116 14.27 43.61 -29.52
C ASP E 116 13.61 44.26 -28.29
N ARG E 117 13.61 43.53 -27.19
CA ARG E 117 13.15 44.06 -25.92
C ARG E 117 14.30 44.79 -25.22
N ARG E 118 14.33 46.11 -25.39
CA ARG E 118 15.47 46.90 -24.92
C ARG E 118 15.33 47.31 -23.46
N LEU E 119 14.13 47.68 -23.05
CA LEU E 119 13.87 48.00 -21.65
C LEU E 119 14.16 46.80 -20.75
N ASP E 120 13.72 45.63 -21.16
CA ASP E 120 13.98 44.41 -20.41
C ASP E 120 15.45 44.07 -20.47
N GLY E 121 16.08 44.40 -21.59
CA GLY E 121 17.50 44.15 -21.77
C GLY E 121 18.31 45.10 -20.91
N ALA E 122 17.97 46.39 -21.00
CA ALA E 122 18.61 47.41 -20.16
C ALA E 122 18.43 47.10 -18.69
N SER E 123 17.25 46.60 -18.33
CA SER E 123 16.93 46.31 -16.93
C SER E 123 17.83 45.23 -16.37
N VAL E 124 18.30 44.33 -17.24
CA VAL E 124 19.23 43.28 -16.81
C VAL E 124 20.55 43.90 -16.37
N PHE E 125 21.04 44.89 -17.12
CA PHE E 125 22.30 45.55 -16.80
C PHE E 125 22.18 46.39 -15.53
N ILE E 126 21.02 46.99 -15.34
CA ILE E 126 20.75 47.75 -14.11
C ILE E 126 20.76 46.79 -12.93
N ARG E 127 20.23 45.59 -13.13
CA ARG E 127 20.25 44.56 -12.11
C ARG E 127 21.69 44.15 -11.79
N GLU E 128 22.54 44.11 -12.81
CA GLU E 128 23.94 43.80 -12.62
C GLU E 128 24.67 44.91 -11.88
N ALA E 129 24.34 46.16 -12.21
CA ALA E 129 25.02 47.32 -11.63
C ALA E 129 24.83 47.39 -10.13
N LEU E 130 23.73 46.80 -9.66
CA LEU E 130 23.39 46.83 -8.25
C LEU E 130 24.17 45.80 -7.46
N GLN E 131 24.55 44.72 -8.14
CA GLN E 131 25.27 43.62 -7.51
C GLN E 131 26.78 43.88 -7.44
N GLN E 132 27.24 44.89 -8.18
CA GLN E 132 28.65 45.26 -8.17
C GLN E 132 29.10 45.80 -6.81
N PRO E 133 30.36 45.52 -6.43
CA PRO E 133 30.95 46.01 -5.19
C PRO E 133 31.60 47.40 -5.33
N GLU E 134 31.98 47.75 -6.55
CA GLU E 134 32.67 49.02 -6.80
C GLU E 134 31.87 49.91 -7.76
N THR E 135 31.72 51.18 -7.40
CA THR E 135 30.96 52.14 -8.19
C THR E 135 31.50 52.36 -9.60
N ARG E 136 32.78 52.05 -9.82
CA ARG E 136 33.38 52.13 -11.14
C ARG E 136 32.77 51.06 -12.04
N THR E 137 32.68 49.85 -11.51
CA THR E 137 32.08 48.74 -12.23
C THR E 137 30.55 48.87 -12.24
N ALA E 138 30.00 49.58 -11.26
CA ALA E 138 28.57 49.83 -11.23
C ALA E 138 28.18 50.76 -12.36
N SER E 139 29.04 51.75 -12.61
CA SER E 139 28.83 52.69 -13.71
C SER E 139 29.10 52.02 -15.06
N ASP E 140 30.01 51.05 -15.07
CA ASP E 140 30.33 50.31 -16.29
C ASP E 140 29.11 49.56 -16.79
N LYS E 141 28.34 49.02 -15.87
CA LYS E 141 27.09 48.35 -16.19
C LYS E 141 26.05 49.34 -16.68
N LEU E 142 25.93 50.47 -15.97
CA LEU E 142 24.99 51.52 -16.33
C LEU E 142 25.29 52.08 -17.71
N ASP E 143 26.58 52.17 -18.04
CA ASP E 143 27.01 52.58 -19.37
C ASP E 143 26.41 51.66 -20.42
N LEU E 144 26.51 50.36 -20.19
CA LEU E 144 25.94 49.36 -21.08
C LEU E 144 24.42 49.45 -21.15
N ALA E 145 23.80 49.60 -19.97
CA ALA E 145 22.36 49.80 -19.89
C ALA E 145 21.93 51.00 -20.74
N ALA E 146 22.66 52.10 -20.60
CA ALA E 146 22.37 53.31 -21.36
C ALA E 146 22.64 53.12 -22.84
N ASN E 147 23.69 52.37 -23.17
CA ASN E 147 24.08 52.14 -24.56
C ASN E 147 23.03 51.34 -25.32
N LEU E 148 22.28 50.52 -24.60
CA LEU E 148 21.18 49.77 -25.18
C LEU E 148 20.07 50.72 -25.60
N LEU E 149 19.81 51.71 -24.77
CA LEU E 149 18.72 52.64 -25.01
C LEU E 149 19.09 53.70 -26.04
N GLN E 150 20.40 53.95 -26.20
CA GLN E 150 20.89 54.86 -27.24
C GLN E 150 20.73 54.22 -28.61
N GLY E 151 19.49 54.08 -29.03
CA GLY E 151 19.10 53.29 -30.19
C GLY E 151 17.98 52.40 -29.69
N ASN E 152 16.76 52.92 -29.56
CA ASN E 152 16.29 54.23 -30.05
C ASN E 152 16.83 55.51 -29.40
N GLN E 153 15.92 56.27 -28.81
CA GLN E 153 16.20 57.55 -28.17
C GLN E 153 14.88 58.08 -27.69
N LYS E 154 13.99 58.33 -28.64
CA LYS E 154 12.59 58.58 -28.35
C LYS E 154 12.02 57.36 -27.63
N GLU E 155 11.01 57.60 -26.79
CA GLU E 155 10.40 56.58 -25.91
C GLU E 155 11.28 56.27 -24.70
N HIS E 156 12.58 56.13 -24.92
CA HIS E 156 13.53 55.87 -23.84
C HIS E 156 14.21 57.13 -23.31
N VAL E 157 13.57 58.28 -23.47
CA VAL E 157 14.14 59.54 -23.02
C VAL E 157 14.27 59.59 -21.50
N PHE E 158 13.23 59.17 -20.80
CA PHE E 158 13.24 59.20 -19.33
C PHE E 158 14.28 58.27 -18.72
N GLU E 159 14.28 57.01 -19.16
CA GLU E 159 15.21 56.01 -18.67
C GLU E 159 16.65 56.47 -18.85
N LEU E 160 16.96 56.97 -20.05
CA LEU E 160 18.30 57.46 -20.34
C LEU E 160 18.67 58.64 -19.44
N GLY E 161 17.70 59.51 -19.18
CA GLY E 161 17.90 60.62 -18.28
C GLY E 161 18.15 60.13 -16.87
N ALA E 162 17.35 59.19 -16.42
CA ALA E 162 17.48 58.61 -15.10
C ALA E 162 18.85 57.97 -14.91
N LEU E 163 19.31 57.23 -15.91
CA LEU E 163 20.60 56.55 -15.84
C LEU E 163 21.75 57.52 -15.67
N LYS E 164 21.80 58.54 -16.52
CA LYS E 164 22.82 59.57 -16.42
C LYS E 164 22.74 60.28 -15.07
N GLU E 165 21.51 60.47 -14.59
CA GLU E 165 21.28 61.06 -13.29
C GLU E 165 21.86 60.19 -12.17
N ALA E 166 21.73 58.88 -12.32
CA ALA E 166 22.18 57.95 -11.30
C ALA E 166 23.71 57.86 -11.29
N LYS E 167 24.30 57.85 -12.48
CA LYS E 167 25.75 57.80 -12.62
C LYS E 167 26.40 59.04 -11.99
N MET E 168 25.81 60.19 -12.28
CA MET E 168 26.26 61.46 -11.69
C MET E 168 26.15 61.44 -10.17
N LEU E 169 25.04 60.92 -9.65
CA LEU E 169 24.80 60.90 -8.21
C LEU E 169 25.82 60.06 -7.47
N LEU E 170 26.28 58.98 -8.09
CA LEU E 170 27.30 58.13 -7.50
C LEU E 170 28.65 58.83 -7.55
N ARG E 171 28.88 59.54 -8.66
CA ARG E 171 30.11 60.28 -8.89
C ARG E 171 30.31 61.37 -7.83
N MET E 172 29.24 62.12 -7.56
CA MET E 172 29.28 63.16 -6.53
C MET E 172 29.38 62.57 -5.12
N GLN E 173 28.75 61.41 -4.93
CA GLN E 173 28.76 60.76 -3.62
C GLN E 173 30.12 60.18 -3.28
N GLU E 174 30.83 59.69 -4.30
CA GLU E 174 32.16 59.15 -4.10
C GLU E 174 33.09 60.27 -3.65
N THR E 175 32.86 61.46 -4.18
CA THR E 175 33.60 62.65 -3.78
C THR E 175 33.34 62.99 -2.32
N PHE E 176 32.07 63.04 -1.94
CA PHE E 176 31.66 63.38 -0.58
C PHE E 176 32.32 62.49 0.48
N GLU E 177 32.58 61.23 0.11
CA GLU E 177 33.22 60.29 1.03
C GLU E 177 34.71 60.61 1.18
N ARG E 178 35.36 60.92 0.06
CA ARG E 178 36.75 61.31 0.06
C ARG E 178 36.99 62.53 0.95
N ASP E 179 36.06 63.49 0.86
CA ASP E 179 36.19 64.77 1.57
C ASP E 179 35.77 64.69 3.03
N LEU E 180 34.55 64.23 3.29
CA LEU E 180 33.95 64.39 4.61
C LEU E 180 34.04 63.14 5.48
N THR E 181 34.54 62.05 4.90
CA THR E 181 34.69 60.76 5.60
C THR E 181 33.40 60.32 6.29
N ASP E 182 32.40 59.97 5.48
CA ASP E 182 31.13 59.47 5.99
C ASP E 182 30.41 58.71 4.88
N SER E 183 29.42 57.92 5.24
CA SER E 183 28.67 57.15 4.26
C SER E 183 27.79 58.06 3.41
N PHE E 184 27.86 57.88 2.09
CA PHE E 184 27.04 58.66 1.17
C PHE E 184 26.66 57.86 -0.07
N VAL E 185 27.63 57.08 -0.58
CA VAL E 185 27.42 56.30 -1.79
C VAL E 185 26.33 55.25 -1.60
N GLY E 186 25.27 55.36 -2.40
CA GLY E 186 24.16 54.44 -2.30
C GLY E 186 22.87 55.17 -1.95
N LEU E 187 23.00 56.21 -1.15
CA LEU E 187 21.84 57.01 -0.71
C LEU E 187 21.15 57.66 -1.89
N SER E 188 19.85 57.90 -1.75
CA SER E 188 19.08 58.55 -2.81
C SER E 188 19.38 60.04 -2.83
N VAL E 189 18.94 60.71 -3.89
CA VAL E 189 19.07 62.16 -4.00
C VAL E 189 18.50 62.83 -2.77
N ASN E 190 17.24 62.53 -2.45
CA ASN E 190 16.57 63.07 -1.28
C ASN E 190 17.29 62.70 0.02
N GLN E 191 17.80 61.47 0.09
CA GLN E 191 18.48 61.01 1.30
C GLN E 191 19.84 61.67 1.49
N THR E 192 20.44 62.11 0.38
CA THR E 192 21.75 62.75 0.43
C THR E 192 21.64 64.18 0.96
N MET E 193 20.71 64.95 0.39
CA MET E 193 20.44 66.30 0.88
C MET E 193 20.10 66.33 2.35
N PHE E 194 19.45 65.29 2.85
CA PHE E 194 19.08 65.21 4.26
C PHE E 194 20.34 65.11 5.11
N LYS E 195 21.16 64.11 4.83
CA LYS E 195 22.36 63.86 5.61
C LYS E 195 23.34 65.03 5.51
N LEU E 196 23.44 65.63 4.32
CA LEU E 196 24.33 66.77 4.11
C LEU E 196 23.92 67.99 4.93
N ILE E 197 22.62 68.18 5.10
CA ILE E 197 22.10 69.33 5.85
C ILE E 197 22.21 69.04 7.34
N LYS E 198 21.87 67.82 7.73
CA LYS E 198 21.97 67.38 9.11
C LYS E 198 23.43 67.45 9.60
N LEU E 199 24.37 67.30 8.67
CA LEU E 199 25.79 67.40 9.02
C LEU E 199 26.32 68.82 8.81
N GLY E 200 25.45 69.72 8.39
CA GLY E 200 25.80 71.13 8.28
C GLY E 200 26.47 71.57 6.99
N TYR E 201 26.77 70.64 6.09
CA TYR E 201 27.40 70.98 4.82
C TYR E 201 26.40 71.62 3.84
N HIS E 202 25.74 72.69 4.30
CA HIS E 202 24.70 73.38 3.56
C HIS E 202 25.05 73.71 2.11
N GLY E 203 26.32 74.03 1.86
CA GLY E 203 26.76 74.41 0.53
C GLY E 203 26.61 73.26 -0.44
N ARG E 204 27.10 72.10 -0.03
CA ARG E 204 26.98 70.88 -0.82
C ARG E 204 25.52 70.51 -1.06
N ALA E 205 24.72 70.57 -0.01
CA ALA E 205 23.28 70.31 -0.10
C ALA E 205 22.62 71.10 -1.22
N LYS E 206 23.05 72.34 -1.41
CA LYS E 206 22.52 73.19 -2.46
C LYS E 206 23.01 72.76 -3.84
N LYS E 207 24.21 72.19 -3.90
CA LYS E 207 24.80 71.78 -5.17
C LYS E 207 24.12 70.54 -5.71
N ILE E 208 23.68 69.66 -4.80
CA ILE E 208 22.89 68.49 -5.16
C ILE E 208 21.51 68.90 -5.67
N GLN E 209 20.80 69.68 -4.85
CA GLN E 209 19.48 70.21 -5.22
C GLN E 209 19.49 70.88 -6.59
N SER E 210 20.54 71.64 -6.86
CA SER E 210 20.67 72.37 -8.11
C SER E 210 20.93 71.43 -9.28
N GLU E 211 21.83 70.47 -9.08
CA GLU E 211 22.26 69.57 -10.15
C GLU E 211 21.14 68.64 -10.61
N PHE E 212 20.32 68.19 -9.67
CA PHE E 212 19.28 67.21 -9.96
C PHE E 212 17.88 67.81 -10.10
N LYS E 213 17.82 69.15 -10.09
CA LYS E 213 16.56 69.88 -10.22
C LYS E 213 15.50 69.41 -9.24
N VAL E 214 15.90 69.21 -7.99
CA VAL E 214 14.99 68.83 -6.90
C VAL E 214 13.87 69.84 -6.77
N PRO E 215 12.62 69.36 -6.89
CA PRO E 215 11.42 70.20 -6.77
C PRO E 215 11.46 71.05 -5.50
N GLU E 216 11.14 72.34 -5.64
CA GLU E 216 11.30 73.31 -4.57
C GLU E 216 10.55 72.90 -3.31
N ARG E 217 9.30 72.50 -3.47
CA ARG E 217 8.45 72.09 -2.36
C ARG E 217 9.04 70.91 -1.60
N VAL E 218 9.75 70.04 -2.32
CA VAL E 218 10.42 68.90 -1.72
C VAL E 218 11.68 69.33 -1.00
N ALA E 219 12.46 70.18 -1.66
CA ALA E 219 13.70 70.70 -1.10
C ALA E 219 13.49 71.33 0.27
N TRP E 220 12.42 72.11 0.40
CA TRP E 220 12.07 72.73 1.67
C TRP E 220 11.74 71.69 2.73
N TRP E 221 10.93 70.71 2.36
CA TRP E 221 10.50 69.66 3.29
C TRP E 221 11.68 68.85 3.83
N ILE E 222 12.69 68.65 2.99
CA ILE E 222 13.89 67.93 3.41
C ILE E 222 14.70 68.81 4.35
N ARG E 223 14.87 70.08 3.97
CA ARG E 223 15.62 71.04 4.75
C ARG E 223 15.03 71.23 6.15
N LEU E 224 13.72 71.46 6.22
CA LEU E 224 13.04 71.60 7.50
C LEU E 224 13.21 70.38 8.40
N GLN E 225 13.00 69.20 7.83
CA GLN E 225 13.11 67.96 8.58
C GLN E 225 14.54 67.68 9.04
N ALA E 226 15.50 68.00 8.18
CA ALA E 226 16.91 67.72 8.48
C ALA E 226 17.48 68.68 9.51
N LEU E 227 16.83 69.82 9.69
CA LEU E 227 17.29 70.79 10.69
C LEU E 227 16.66 70.53 12.05
N VAL E 228 15.41 70.07 12.06
CA VAL E 228 14.79 69.62 13.29
C VAL E 228 15.52 68.39 13.81
N ALA E 229 16.02 67.58 12.89
CA ALA E 229 16.83 66.42 13.22
C ALA E 229 18.17 66.86 13.81
N LYS E 230 18.78 67.85 13.18
CA LYS E 230 20.09 68.36 13.58
C LYS E 230 19.99 69.23 14.84
N ARG E 231 18.76 69.62 15.17
CA ARG E 231 18.47 70.52 16.30
C ARG E 231 19.04 71.92 16.04
N ASP E 232 19.42 72.19 14.79
CA ASP E 232 19.99 73.48 14.42
C ASP E 232 18.93 74.57 14.38
N TRP E 233 18.53 75.04 15.56
CA TRP E 233 17.50 76.06 15.68
C TRP E 233 17.96 77.43 15.18
N ASN E 234 19.25 77.54 14.87
CA ASN E 234 19.80 78.82 14.45
C ASN E 234 19.44 79.21 13.01
N GLU E 235 19.49 78.25 12.10
CA GLU E 235 19.15 78.54 10.71
C GLU E 235 17.67 78.27 10.42
N ILE E 236 17.02 77.50 11.28
CA ILE E 236 15.56 77.41 11.24
C ILE E 236 14.98 78.78 11.55
N GLU E 237 15.58 79.43 12.54
CA GLU E 237 15.20 80.78 12.94
C GLU E 237 15.49 81.76 11.80
N GLU E 238 16.59 81.54 11.10
CA GLU E 238 17.02 82.43 10.02
C GLU E 238 16.13 82.33 8.78
N ILE E 239 15.53 81.16 8.56
CA ILE E 239 14.63 80.95 7.42
C ILE E 239 13.34 81.73 7.62
N SER E 240 12.90 81.83 8.87
CA SER E 240 11.68 82.53 9.22
C SER E 240 11.71 84.02 8.84
N ARG E 241 12.89 84.55 8.57
CA ARG E 241 13.05 85.98 8.32
C ARG E 241 12.66 86.39 6.89
N GLN E 242 12.02 85.50 6.15
CA GLN E 242 11.49 85.85 4.84
C GLN E 242 9.99 85.60 4.81
N ARG E 243 9.32 86.18 3.81
CA ARG E 243 7.87 86.28 3.82
C ARG E 243 7.17 84.97 3.41
N LYS E 244 7.45 84.52 2.19
CA LYS E 244 6.71 83.39 1.62
C LYS E 244 7.43 82.04 1.75
N SER E 245 6.63 80.98 1.90
CA SER E 245 7.13 79.60 1.88
C SER E 245 6.27 78.74 0.96
N PRO E 246 6.92 77.99 0.04
CA PRO E 246 6.20 77.18 -0.94
C PRO E 246 5.43 76.02 -0.31
N ILE E 247 5.73 75.72 0.94
CA ILE E 247 5.02 74.67 1.67
C ILE E 247 4.26 75.26 2.84
N GLY E 248 4.30 76.58 2.97
CA GLY E 248 3.65 77.26 4.07
C GLY E 248 4.53 77.25 5.30
N TRP E 249 3.99 77.76 6.41
CA TRP E 249 4.74 77.83 7.65
C TRP E 249 4.15 76.90 8.72
N GLU E 250 2.91 76.46 8.49
CA GLU E 250 2.30 75.46 9.34
C GLU E 250 3.19 74.21 9.48
N PRO E 251 3.82 73.75 8.38
CA PRO E 251 4.81 72.69 8.59
C PRO E 251 5.93 73.09 9.54
N PHE E 252 6.44 74.30 9.40
CA PHE E 252 7.48 74.81 10.30
C PHE E 252 7.02 74.84 11.74
N PHE E 253 5.78 75.25 11.95
CA PHE E 253 5.20 75.26 13.29
C PHE E 253 5.15 73.86 13.89
N ASN E 254 4.34 73.00 13.29
CA ASN E 254 4.06 71.67 13.82
C ASN E 254 5.30 70.78 13.93
N GLN E 255 6.20 70.88 12.95
CA GLN E 255 7.38 70.02 12.93
C GLN E 255 8.37 70.42 14.03
N VAL E 256 8.46 71.73 14.30
CA VAL E 256 9.36 72.24 15.33
C VAL E 256 8.82 71.96 16.73
N LEU E 257 7.52 72.17 16.91
CA LEU E 257 6.85 71.88 18.18
C LEU E 257 7.15 70.44 18.58
N GLN E 258 7.00 69.52 17.63
CA GLN E 258 7.32 68.12 17.85
C GLN E 258 8.80 67.95 18.15
N ALA E 259 9.10 67.38 19.32
CA ALA E 259 10.47 67.18 19.78
C ALA E 259 11.36 68.39 19.60
N GLY E 260 11.03 69.49 20.26
CA GLY E 260 11.84 70.69 20.21
C GLY E 260 11.40 71.81 21.12
N ASN E 261 11.66 73.04 20.71
CA ASN E 261 11.32 74.22 21.50
C ASN E 261 9.95 74.79 21.15
N PRO E 262 9.03 74.78 22.12
CA PRO E 262 7.75 75.49 21.98
C PRO E 262 7.97 76.98 21.71
N ARG E 263 9.09 77.50 22.19
CA ARG E 263 9.47 78.89 21.99
C ARG E 263 9.61 79.23 20.51
N LEU E 264 10.56 78.56 19.84
CA LEU E 264 10.83 78.81 18.42
C LEU E 264 9.61 78.51 17.57
N ALA E 265 8.84 77.50 17.98
CA ALA E 265 7.62 77.12 17.26
C ALA E 265 6.65 78.31 17.17
N ALA E 266 6.40 78.94 18.31
CA ALA E 266 5.42 80.02 18.41
C ALA E 266 5.74 81.22 17.51
N THR E 267 6.99 81.33 17.07
CA THR E 267 7.39 82.47 16.24
C THR E 267 6.91 82.34 14.80
N PHE E 268 6.18 81.27 14.50
CA PHE E 268 5.69 81.04 13.14
C PHE E 268 4.24 81.48 12.98
N ILE E 269 3.53 81.59 14.10
CA ILE E 269 2.34 82.42 14.15
C ILE E 269 2.78 83.86 14.42
N PRO E 270 2.24 84.82 13.65
CA PRO E 270 1.20 84.67 12.64
C PRO E 270 1.71 84.78 11.20
N LYS E 271 2.73 84.00 10.86
CA LYS E 271 3.17 83.88 9.47
C LYS E 271 2.28 82.89 8.74
N CYS E 272 1.39 82.23 9.47
CA CYS E 272 0.56 81.16 8.93
C CYS E 272 -0.63 81.71 8.15
N THR E 273 -0.46 81.81 6.84
CA THR E 273 -1.48 82.34 5.95
C THR E 273 -2.72 81.45 5.92
N ASN E 274 -2.50 80.17 5.66
CA ASN E 274 -3.58 79.20 5.54
C ASN E 274 -3.99 78.58 6.87
N LEU E 275 -4.79 79.31 7.65
CA LEU E 275 -5.20 78.85 8.97
C LEU E 275 -6.71 78.96 9.20
N GLU E 276 -7.21 78.16 10.14
CA GLU E 276 -8.63 78.19 10.52
C GLU E 276 -8.86 79.09 11.72
N PRO E 277 -10.03 79.77 11.75
CA PRO E 277 -10.42 80.71 12.82
C PRO E 277 -10.21 80.16 14.23
N GLY E 278 -9.64 80.99 15.11
CA GLY E 278 -9.45 80.62 16.50
C GLY E 278 -8.58 79.40 16.71
N GLN E 279 -7.56 79.25 15.86
CA GLN E 279 -6.63 78.14 15.99
C GLN E 279 -5.26 78.68 16.38
N THR E 280 -5.03 79.95 16.07
CA THR E 280 -3.84 80.67 16.54
C THR E 280 -3.77 80.59 18.05
N ILE E 281 -4.93 80.61 18.70
CA ILE E 281 -5.04 80.52 20.14
C ILE E 281 -4.57 79.14 20.62
N THR E 282 -5.17 78.10 20.07
CA THR E 282 -4.84 76.73 20.43
C THR E 282 -3.36 76.41 20.20
N MET E 283 -2.77 77.12 19.24
CA MET E 283 -1.36 76.96 18.93
C MET E 283 -0.45 77.51 20.02
N TYR E 284 -0.75 78.72 20.50
CA TYR E 284 -0.02 79.29 21.63
C TYR E 284 -0.17 78.42 22.88
N GLU E 285 -1.32 77.78 23.01
CA GLU E 285 -1.55 76.83 24.10
C GLU E 285 -0.55 75.68 24.02
N LYS E 286 -0.48 75.06 22.85
CA LYS E 286 0.41 73.93 22.62
C LYS E 286 1.87 74.30 22.82
N CYS E 287 2.17 75.59 22.67
CA CYS E 287 3.52 76.09 22.91
C CYS E 287 3.76 76.35 24.40
N GLY E 288 2.76 76.03 25.22
CA GLY E 288 2.89 76.19 26.66
C GLY E 288 2.80 77.63 27.11
N MET E 289 2.41 78.52 26.21
CA MET E 289 2.30 79.94 26.53
C MET E 289 0.85 80.32 26.82
N ARG E 290 0.37 79.91 27.99
CA ARG E 290 -1.01 80.18 28.39
C ARG E 290 -1.29 81.68 28.47
N VAL E 291 -0.27 82.44 28.86
CA VAL E 291 -0.38 83.89 28.94
C VAL E 291 -0.62 84.51 27.57
N LYS E 292 0.25 84.20 26.62
CA LYS E 292 0.15 84.77 25.27
C LYS E 292 -1.01 84.16 24.49
N ALA E 293 -1.45 82.98 24.90
CA ALA E 293 -2.62 82.35 24.30
C ALA E 293 -3.85 83.18 24.61
N ALA E 294 -3.96 83.57 25.88
CA ALA E 294 -5.03 84.45 26.33
C ALA E 294 -4.98 85.80 25.65
N GLU E 295 -3.77 86.35 25.53
CA GLU E 295 -3.56 87.63 24.87
C GLU E 295 -4.04 87.59 23.41
N GLU E 296 -3.80 86.46 22.75
CA GLU E 296 -4.25 86.27 21.38
C GLU E 296 -5.76 86.02 21.33
N ALA E 297 -6.27 85.33 22.34
CA ALA E 297 -7.70 85.05 22.45
C ALA E 297 -8.53 86.33 22.50
N VAL E 298 -7.94 87.39 23.08
CA VAL E 298 -8.64 88.66 23.24
C VAL E 298 -8.72 89.43 21.91
N ARG E 299 -7.62 89.44 21.17
CA ARG E 299 -7.55 90.21 19.92
C ARG E 299 -8.59 89.73 18.90
N LEU E 300 -8.93 88.45 18.95
CA LEU E 300 -9.92 87.88 18.05
C LEU E 300 -11.33 88.03 18.60
N LYS E 301 -11.44 88.70 19.75
CA LYS E 301 -12.71 88.94 20.42
C LYS E 301 -13.45 87.65 20.74
N ASP E 302 -12.69 86.63 21.16
CA ASP E 302 -13.28 85.38 21.63
C ASP E 302 -13.07 85.26 23.14
N THR E 303 -13.90 85.95 23.91
CA THR E 303 -13.79 85.95 25.36
C THR E 303 -14.13 84.59 25.99
N GLU E 304 -14.84 83.75 25.25
CA GLU E 304 -15.16 82.41 25.76
C GLU E 304 -13.88 81.61 25.93
N ALA E 305 -12.97 81.76 24.98
CA ALA E 305 -11.63 81.18 25.08
C ALA E 305 -10.86 81.81 26.24
N TRP E 306 -11.10 83.11 26.45
CA TRP E 306 -10.51 83.83 27.57
C TRP E 306 -10.99 83.26 28.90
N ASN E 307 -12.23 82.79 28.92
CA ASN E 307 -12.80 82.15 30.10
C ASN E 307 -12.06 80.85 30.42
N ARG E 308 -11.86 80.03 29.39
CA ARG E 308 -11.22 78.73 29.54
C ARG E 308 -9.75 78.86 29.93
N LEU E 309 -9.07 79.85 29.39
CA LEU E 309 -7.65 80.07 29.66
C LEU E 309 -7.43 80.65 31.06
N LEU E 310 -8.39 81.45 31.52
CA LEU E 310 -8.32 82.00 32.86
C LEU E 310 -8.70 80.93 33.88
N GLU E 311 -9.65 80.08 33.52
CA GLU E 311 -10.07 78.96 34.36
C GLU E 311 -8.94 77.94 34.47
N ALA E 312 -8.19 77.79 33.38
CA ALA E 312 -7.03 76.90 33.36
C ALA E 312 -6.02 77.32 34.42
N ALA E 313 -5.69 78.60 34.44
CA ALA E 313 -4.84 79.15 35.48
C ALA E 313 -5.63 79.20 36.79
N GLY E 314 -6.45 80.23 36.94
CA GLY E 314 -7.39 80.30 38.04
C GLY E 314 -7.32 81.59 38.84
N ARG E 315 -7.36 82.72 38.15
CA ARG E 315 -7.52 84.04 38.76
C ARG E 315 -6.42 84.41 39.78
N ASN E 316 -5.63 83.42 40.19
CA ASN E 316 -4.58 83.62 41.18
C ASN E 316 -3.30 82.89 40.77
N THR E 317 -3.42 81.59 40.54
CA THR E 317 -2.32 80.77 40.04
C THR E 317 -1.82 81.29 38.69
N ALA E 318 -0.52 81.13 38.43
CA ALA E 318 0.10 81.60 37.19
C ALA E 318 -0.24 83.06 36.97
N GLU E 319 -0.13 83.85 38.03
CA GLU E 319 -0.71 85.18 38.12
C GLU E 319 -2.22 85.12 37.86
N GLY E 320 -2.60 84.77 36.63
CA GLY E 320 -4.01 84.68 36.26
C GLY E 320 -4.66 86.04 36.18
N ARG E 321 -4.34 86.91 37.12
CA ARG E 321 -4.73 88.31 37.08
C ARG E 321 -4.21 88.96 35.81
N GLU E 322 -3.01 88.57 35.38
CA GLU E 322 -2.44 89.11 34.15
C GLU E 322 -3.27 88.70 32.94
N ILE E 323 -3.80 87.49 32.98
CA ILE E 323 -4.76 87.04 31.98
C ILE E 323 -6.06 87.83 32.16
N GLU E 324 -6.44 88.04 33.41
CA GLU E 324 -7.63 88.81 33.76
C GLU E 324 -7.47 90.30 33.39
N ARG E 325 -6.30 90.86 33.67
CA ARG E 325 -6.03 92.27 33.40
C ARG E 325 -6.07 92.61 31.91
N LEU E 326 -6.05 91.58 31.07
CA LEU E 326 -6.09 91.75 29.62
C LEU E 326 -7.52 91.88 29.11
N GLY E 327 -8.45 92.15 30.02
CA GLY E 327 -9.83 92.37 29.64
C GLY E 327 -10.50 93.44 30.49
N GLU F 8 -22.70 5.49 61.69
CA GLU F 8 -23.20 6.26 60.56
C GLU F 8 -22.38 6.01 59.31
N GLU F 9 -23.02 5.42 58.30
CA GLU F 9 -22.39 5.20 57.00
C GLU F 9 -22.36 6.48 56.19
N GLU F 10 -22.84 7.56 56.79
CA GLU F 10 -22.86 8.88 56.15
C GLU F 10 -21.51 9.56 56.29
N ILE F 11 -20.53 8.85 56.84
CA ILE F 11 -19.17 9.36 56.93
C ILE F 11 -18.44 8.94 55.66
N ARG F 12 -19.20 8.37 54.74
CA ARG F 12 -18.68 7.92 53.45
C ARG F 12 -18.96 8.90 52.32
N ASN F 13 -20.25 9.15 52.09
CA ASN F 13 -20.69 10.02 51.00
C ASN F 13 -20.21 11.46 51.13
N ILE F 14 -19.87 11.87 52.35
CA ILE F 14 -19.31 13.20 52.55
C ILE F 14 -17.81 13.12 52.33
N GLU F 15 -17.22 11.95 52.55
CA GLU F 15 -15.80 11.74 52.36
C GLU F 15 -15.40 11.75 50.89
N GLN F 16 -16.29 11.24 50.04
CA GLN F 16 -16.05 11.19 48.59
C GLN F 16 -16.23 12.55 47.94
N GLY F 17 -17.19 13.32 48.45
CA GLY F 17 -17.47 14.65 47.93
C GLY F 17 -16.27 15.57 48.01
N VAL F 18 -15.44 15.37 49.04
CA VAL F 18 -14.25 16.19 49.23
C VAL F 18 -13.09 15.64 48.41
N SER F 19 -13.36 14.57 47.66
CA SER F 19 -12.41 14.05 46.69
C SER F 19 -12.86 14.39 45.28
N ASP F 20 -14.18 14.41 45.09
CA ASP F 20 -14.78 14.81 43.83
C ASP F 20 -14.46 16.27 43.53
N LEU F 21 -14.94 17.16 44.41
CA LEU F 21 -14.68 18.60 44.29
C LEU F 21 -13.20 18.93 44.46
N ASN F 22 -12.41 17.92 44.82
CA ASN F 22 -10.97 18.07 44.95
C ASN F 22 -10.23 17.88 43.64
N VAL F 23 -10.62 16.85 42.89
CA VAL F 23 -9.98 16.55 41.62
C VAL F 23 -10.50 17.51 40.56
N LEU F 24 -11.70 18.03 40.77
CA LEU F 24 -12.29 19.03 39.89
C LEU F 24 -11.33 20.20 39.69
N PHE F 25 -10.70 20.63 40.79
CA PHE F 25 -9.76 21.74 40.73
C PHE F 25 -8.40 21.30 40.21
N GLN F 26 -8.17 19.98 40.21
CA GLN F 26 -6.96 19.45 39.61
C GLN F 26 -7.11 19.50 38.09
N GLN F 27 -8.32 19.25 37.62
CA GLN F 27 -8.61 19.27 36.19
C GLN F 27 -8.62 20.71 35.67
N VAL F 28 -9.31 21.59 36.39
CA VAL F 28 -9.42 22.99 35.98
C VAL F 28 -8.06 23.70 36.01
N ALA F 29 -7.22 23.35 36.98
CA ALA F 29 -5.89 23.92 37.05
C ALA F 29 -5.02 23.39 35.93
N GLN F 30 -5.36 22.19 35.46
CA GLN F 30 -4.65 21.57 34.35
C GLN F 30 -5.03 22.21 33.02
N LEU F 31 -6.33 22.46 32.84
CA LEU F 31 -6.84 23.04 31.60
C LEU F 31 -6.28 24.44 31.36
N VAL F 32 -6.18 25.23 32.43
CA VAL F 32 -5.62 26.57 32.32
C VAL F 32 -4.10 26.52 32.15
N ALA F 33 -3.52 25.34 32.38
CA ALA F 33 -2.10 25.14 32.14
C ALA F 33 -1.84 24.54 30.76
N GLU F 34 -2.83 23.81 30.22
CA GLU F 34 -2.71 23.26 28.89
C GLU F 34 -2.84 24.36 27.85
N GLN F 35 -3.45 25.46 28.26
CA GLN F 35 -3.50 26.67 27.43
C GLN F 35 -2.37 27.61 27.83
N GLY F 36 -1.32 27.03 28.41
CA GLY F 36 -0.16 27.79 28.85
C GLY F 36 0.77 28.25 27.74
N GLU F 37 1.18 29.50 27.83
CA GLU F 37 2.10 30.17 26.90
C GLU F 37 2.21 29.65 25.48
N VAL F 38 3.44 29.32 25.09
CA VAL F 38 3.82 29.00 23.71
C VAL F 38 3.02 27.90 23.02
N LEU F 39 2.34 28.28 21.93
CA LEU F 39 1.59 27.33 21.13
C LEU F 39 2.51 26.37 20.38
N ASP F 40 2.05 25.15 20.17
CA ASP F 40 2.84 24.14 19.46
C ASP F 40 2.92 24.47 17.97
N THR F 41 4.15 24.61 17.46
CA THR F 41 4.35 24.87 16.05
C THR F 41 5.51 24.07 15.47
N ILE F 42 5.61 24.05 14.15
CA ILE F 42 6.71 23.39 13.47
C ILE F 42 7.97 24.25 13.55
N GLU F 43 7.78 25.56 13.41
CA GLU F 43 8.90 26.50 13.38
C GLU F 43 9.63 26.58 14.73
N ARG F 44 8.89 26.39 15.81
CA ARG F 44 9.48 26.42 17.15
C ARG F 44 10.43 25.24 17.36
N ASN F 45 10.21 24.17 16.61
CA ASN F 45 10.96 22.93 16.77
C ASN F 45 12.25 22.89 15.96
N VAL F 46 12.58 23.99 15.30
CA VAL F 46 13.81 24.07 14.52
C VAL F 46 14.85 24.83 15.33
N GLU F 47 14.38 25.66 16.25
CA GLU F 47 15.25 26.40 17.15
C GLU F 47 15.79 25.52 18.27
#